data_2RQH
#
_entry.id   2RQH
#
loop_
_entity.id
_entity.type
_entity.pdbx_description
1 polymer 'G1 to S phase transition 1'
2 polymer 'Polyadenylate-binding protein 1'
#
loop_
_entity_poly.entity_id
_entity_poly.type
_entity_poly.pdbx_seq_one_letter_code
_entity_poly.pdbx_strand_id
1 'polypeptide(L)' AKPFVPNVHAAEFVPSFLRGPA A
2 'polypeptide(L)'
;GQEPLTASMLASAPPQEQKQMLGERLFPLIQAMHPTLAGKITGMLLEIDNSELLHMLESPESLRSKVDEAVAVLQAHQAK
EAA
;
B
#
# COMPACT_ATOMS: atom_id res chain seq x y z
N ALA A 1 -7.81 17.24 -7.59
CA ALA A 1 -8.79 16.49 -8.36
C ALA A 1 -8.32 15.06 -8.61
N LYS A 2 -7.73 14.45 -7.59
CA LYS A 2 -7.22 13.08 -7.69
C LYS A 2 -6.15 12.98 -8.78
N PRO A 3 -4.96 13.52 -8.47
CA PRO A 3 -3.83 13.51 -9.41
C PRO A 3 -3.25 12.11 -9.60
N PHE A 4 -3.70 11.17 -8.77
CA PHE A 4 -3.22 9.79 -8.84
C PHE A 4 -4.36 8.86 -9.22
N VAL A 5 -5.59 9.22 -8.85
CA VAL A 5 -6.76 8.41 -9.15
C VAL A 5 -6.43 6.92 -9.08
N PRO A 6 -6.38 6.39 -7.85
CA PRO A 6 -6.07 4.98 -7.61
C PRO A 6 -7.21 4.06 -8.06
N ASN A 7 -6.93 2.76 -8.13
CA ASN A 7 -7.93 1.78 -8.54
C ASN A 7 -8.50 1.04 -7.34
N VAL A 8 -9.67 1.46 -6.88
CA VAL A 8 -10.33 0.84 -5.74
C VAL A 8 -10.53 -0.65 -5.98
N HIS A 9 -10.61 -1.04 -7.24
CA HIS A 9 -10.82 -2.44 -7.61
C HIS A 9 -9.53 -3.24 -7.41
N ALA A 10 -8.46 -2.55 -7.05
CA ALA A 10 -7.17 -3.20 -6.83
C ALA A 10 -7.32 -4.39 -5.89
N ALA A 11 -6.26 -5.20 -5.81
CA ALA A 11 -6.26 -6.37 -4.96
C ALA A 11 -5.22 -6.26 -3.86
N GLU A 12 -5.45 -6.95 -2.75
CA GLU A 12 -4.52 -6.92 -1.62
C GLU A 12 -3.10 -7.24 -2.07
N PHE A 13 -2.13 -7.00 -1.20
CA PHE A 13 -0.74 -7.26 -1.51
C PHE A 13 -0.29 -8.60 -0.93
N VAL A 14 -0.89 -8.97 0.21
CA VAL A 14 -0.55 -10.23 0.87
C VAL A 14 -0.77 -11.42 -0.07
N PRO A 15 -0.04 -12.52 0.20
CA PRO A 15 -0.14 -13.74 -0.60
C PRO A 15 -1.47 -14.45 -0.43
N SER A 16 -2.11 -14.79 -1.55
CA SER A 16 -3.39 -15.47 -1.52
C SER A 16 -3.24 -16.90 -1.01
N PHE A 17 -3.76 -17.16 0.19
CA PHE A 17 -3.68 -18.48 0.79
C PHE A 17 -5.07 -18.96 1.24
N LEU A 18 -5.13 -20.19 1.74
CA LEU A 18 -6.38 -20.76 2.20
C LEU A 18 -7.42 -20.76 1.08
N ARG A 19 -7.54 -21.89 0.38
CA ARG A 19 -8.49 -22.02 -0.70
C ARG A 19 -9.92 -22.13 -0.17
N GLY A 20 -10.89 -22.17 -1.08
CA GLY A 20 -12.28 -22.27 -0.68
C GLY A 20 -12.80 -20.99 -0.09
N PRO A 21 -14.11 -20.97 0.23
CA PRO A 21 -14.77 -19.80 0.81
C PRO A 21 -14.32 -19.53 2.24
N ALA A 22 -13.91 -20.59 2.93
CA ALA A 22 -13.46 -20.48 4.31
C ALA A 22 -11.94 -20.39 4.39
N GLY B 1 10.09 -6.08 18.56
CA GLY B 1 9.87 -5.26 17.38
C GLY B 1 10.90 -5.52 16.29
N GLN B 2 10.65 -4.98 15.11
CA GLN B 2 11.57 -5.15 13.98
C GLN B 2 12.08 -3.81 13.49
N GLU B 3 13.20 -3.84 12.78
CA GLU B 3 13.81 -2.62 12.25
C GLU B 3 13.09 -2.17 10.97
N PRO B 4 13.26 -0.89 10.62
CA PRO B 4 12.64 -0.30 9.43
C PRO B 4 13.25 -0.84 8.14
N LEU B 5 12.86 -0.25 7.01
CA LEU B 5 13.38 -0.67 5.72
C LEU B 5 14.28 0.39 5.11
N THR B 6 15.18 -0.04 4.21
CA THR B 6 16.11 0.89 3.57
C THR B 6 16.46 0.41 2.16
N ALA B 7 16.82 1.35 1.31
CA ALA B 7 17.18 1.03 -0.07
C ALA B 7 18.25 -0.06 -0.11
N SER B 8 19.09 -0.10 0.91
CA SER B 8 20.16 -1.09 0.99
C SER B 8 19.59 -2.48 1.20
N MET B 9 18.52 -2.56 1.98
CA MET B 9 17.87 -3.84 2.27
C MET B 9 16.98 -4.28 1.11
N LEU B 10 16.29 -3.32 0.50
CA LEU B 10 15.40 -3.61 -0.62
C LEU B 10 16.21 -4.15 -1.81
N ALA B 11 17.48 -3.79 -1.87
CA ALA B 11 18.35 -4.25 -2.95
C ALA B 11 18.77 -5.70 -2.75
N SER B 12 19.05 -6.06 -1.49
CA SER B 12 19.47 -7.41 -1.17
C SER B 12 18.49 -8.44 -1.73
N ALA B 13 17.20 -8.19 -1.50
CA ALA B 13 16.16 -9.10 -1.98
C ALA B 13 15.81 -8.80 -3.44
N PRO B 14 15.19 -9.78 -4.10
CA PRO B 14 14.80 -9.66 -5.51
C PRO B 14 13.65 -8.67 -5.70
N PRO B 15 13.39 -8.30 -6.97
CA PRO B 15 12.33 -7.36 -7.32
C PRO B 15 10.94 -7.95 -7.10
N GLN B 16 10.88 -9.27 -6.95
CA GLN B 16 9.61 -9.96 -6.73
C GLN B 16 9.27 -10.02 -5.25
N GLU B 17 10.29 -9.98 -4.42
CA GLU B 17 10.10 -10.04 -2.97
C GLU B 17 10.02 -8.63 -2.37
N GLN B 18 10.64 -7.67 -3.05
CA GLN B 18 10.64 -6.29 -2.60
C GLN B 18 9.22 -5.81 -2.30
N LYS B 19 8.31 -6.04 -3.26
CA LYS B 19 6.93 -5.63 -3.10
C LYS B 19 6.35 -6.14 -1.78
N GLN B 20 6.56 -7.42 -1.50
CA GLN B 20 6.07 -8.03 -0.27
C GLN B 20 6.66 -7.33 0.96
N MET B 21 7.94 -6.98 0.87
CA MET B 21 8.62 -6.31 1.97
C MET B 21 7.96 -4.98 2.29
N LEU B 22 7.94 -4.09 1.30
CA LEU B 22 7.33 -2.77 1.47
C LEU B 22 5.91 -2.89 2.03
N GLY B 23 5.11 -3.76 1.41
CA GLY B 23 3.74 -3.95 1.86
C GLY B 23 3.67 -4.50 3.27
N GLU B 24 4.57 -5.44 3.58
CA GLU B 24 4.60 -6.05 4.91
C GLU B 24 4.80 -4.99 5.99
N ARG B 25 5.73 -4.07 5.75
CA ARG B 25 6.02 -3.00 6.71
C ARG B 25 4.92 -1.94 6.68
N LEU B 26 4.29 -1.77 5.53
CA LEU B 26 3.23 -0.78 5.37
C LEU B 26 1.93 -1.27 6.02
N PHE B 27 1.81 -2.60 6.14
CA PHE B 27 0.62 -3.19 6.75
C PHE B 27 0.34 -2.58 8.12
N PRO B 28 1.32 -2.67 9.02
CA PRO B 28 1.21 -2.14 10.38
C PRO B 28 1.21 -0.61 10.40
N LEU B 29 1.94 -0.01 9.47
CA LEU B 29 2.02 1.44 9.38
C LEU B 29 0.64 2.05 9.19
N ILE B 30 -0.04 1.66 8.12
CA ILE B 30 -1.37 2.17 7.83
C ILE B 30 -2.42 1.54 8.74
N GLN B 31 -2.06 0.41 9.34
CA GLN B 31 -2.96 -0.29 10.24
C GLN B 31 -3.38 0.61 11.40
N ALA B 32 -2.59 1.64 11.67
CA ALA B 32 -2.87 2.57 12.74
C ALA B 32 -3.85 3.66 12.29
N MET B 33 -4.14 3.68 10.98
CA MET B 33 -5.06 4.65 10.43
C MET B 33 -6.27 3.98 9.80
N HIS B 34 -6.01 3.13 8.81
CA HIS B 34 -7.09 2.42 8.12
C HIS B 34 -6.82 0.91 8.12
N PRO B 35 -6.97 0.28 9.31
CA PRO B 35 -6.75 -1.15 9.46
C PRO B 35 -7.83 -1.99 8.78
N THR B 36 -8.99 -1.38 8.55
CA THR B 36 -10.10 -2.06 7.90
C THR B 36 -9.66 -2.70 6.59
N LEU B 37 -8.90 -1.95 5.81
CA LEU B 37 -8.40 -2.44 4.52
C LEU B 37 -6.95 -2.05 4.31
N ALA B 38 -6.17 -2.05 5.39
CA ALA B 38 -4.76 -1.69 5.32
C ALA B 38 -4.06 -2.43 4.17
N GLY B 39 -4.26 -3.75 4.13
CA GLY B 39 -3.65 -4.55 3.09
C GLY B 39 -4.09 -4.15 1.69
N LYS B 40 -5.39 -3.98 1.52
CA LYS B 40 -5.95 -3.59 0.24
C LYS B 40 -5.26 -2.34 -0.31
N ILE B 41 -5.36 -1.25 0.45
CA ILE B 41 -4.74 0.01 0.06
C ILE B 41 -3.23 -0.14 -0.09
N THR B 42 -2.64 -0.99 0.76
CA THR B 42 -1.20 -1.22 0.72
C THR B 42 -0.78 -1.91 -0.57
N GLY B 43 -1.70 -2.69 -1.14
CA GLY B 43 -1.41 -3.39 -2.38
C GLY B 43 -1.24 -2.45 -3.55
N MET B 44 -2.22 -1.59 -3.78
CA MET B 44 -2.17 -0.64 -4.88
C MET B 44 -1.09 0.41 -4.64
N LEU B 45 -1.00 0.87 -3.39
CA LEU B 45 -0.01 1.89 -3.03
C LEU B 45 1.40 1.39 -3.31
N LEU B 46 1.77 0.28 -2.68
CA LEU B 46 3.10 -0.29 -2.87
C LEU B 46 3.31 -0.71 -4.32
N GLU B 47 2.22 -0.94 -5.03
CA GLU B 47 2.29 -1.34 -6.43
C GLU B 47 2.63 -0.15 -7.32
N ILE B 48 2.41 1.06 -6.80
CA ILE B 48 2.70 2.27 -7.55
C ILE B 48 4.10 2.24 -8.14
N ASP B 49 5.10 2.18 -7.28
CA ASP B 49 6.49 2.14 -7.71
C ASP B 49 7.44 2.14 -6.52
N ASN B 50 8.39 1.22 -6.52
CA ASN B 50 9.36 1.12 -5.43
C ASN B 50 10.27 2.34 -5.40
N SER B 51 10.46 2.96 -6.56
CA SER B 51 11.32 4.13 -6.67
C SER B 51 10.77 5.29 -5.83
N GLU B 52 9.49 5.58 -6.02
CA GLU B 52 8.84 6.66 -5.28
C GLU B 52 8.63 6.27 -3.82
N LEU B 53 8.14 5.05 -3.61
CA LEU B 53 7.90 4.55 -2.26
C LEU B 53 9.14 4.68 -1.39
N LEU B 54 10.29 4.31 -1.95
CA LEU B 54 11.55 4.39 -1.23
C LEU B 54 11.71 5.76 -0.57
N HIS B 55 11.30 6.81 -1.28
CA HIS B 55 11.41 8.17 -0.77
C HIS B 55 10.20 8.50 0.11
N MET B 56 9.08 7.85 -0.16
CA MET B 56 7.86 8.08 0.61
C MET B 56 8.04 7.66 2.06
N LEU B 57 8.86 6.64 2.28
CA LEU B 57 9.12 6.14 3.62
C LEU B 57 9.48 7.28 4.57
N GLU B 58 10.42 8.12 4.15
CA GLU B 58 10.86 9.25 4.95
C GLU B 58 10.10 10.52 4.57
N SER B 59 8.95 10.34 3.92
CA SER B 59 8.14 11.47 3.49
C SER B 59 6.74 11.39 4.10
N PRO B 60 6.63 11.80 5.38
CA PRO B 60 5.36 11.79 6.10
C PRO B 60 4.38 12.84 5.58
N GLU B 61 4.87 13.71 4.70
CA GLU B 61 4.04 14.76 4.13
C GLU B 61 3.32 14.26 2.88
N SER B 62 3.88 13.24 2.25
CA SER B 62 3.30 12.67 1.04
C SER B 62 2.55 11.38 1.35
N LEU B 63 3.08 10.60 2.29
CA LEU B 63 2.46 9.34 2.68
C LEU B 63 0.99 9.53 2.99
N ARG B 64 0.69 10.32 4.02
CA ARG B 64 -0.69 10.57 4.43
C ARG B 64 -1.52 11.05 3.23
N SER B 65 -0.87 11.78 2.32
CA SER B 65 -1.55 12.29 1.14
C SER B 65 -2.10 11.16 0.29
N LYS B 66 -1.21 10.25 -0.13
CA LYS B 66 -1.62 9.12 -0.95
C LYS B 66 -2.67 8.27 -0.24
N VAL B 67 -2.44 8.00 1.04
CA VAL B 67 -3.38 7.20 1.82
C VAL B 67 -4.79 7.77 1.74
N ASP B 68 -4.93 9.04 2.11
CA ASP B 68 -6.22 9.71 2.08
C ASP B 68 -6.82 9.65 0.68
N GLU B 69 -5.99 9.91 -0.33
CA GLU B 69 -6.45 9.88 -1.72
C GLU B 69 -7.16 8.58 -2.03
N ALA B 70 -6.53 7.47 -1.68
CA ALA B 70 -7.10 6.14 -1.93
C ALA B 70 -8.40 5.96 -1.16
N VAL B 71 -8.35 6.20 0.15
CA VAL B 71 -9.53 6.05 1.00
C VAL B 71 -10.72 6.80 0.42
N ALA B 72 -10.45 7.95 -0.19
CA ALA B 72 -11.49 8.76 -0.79
C ALA B 72 -11.98 8.15 -2.10
N VAL B 73 -11.07 7.53 -2.83
CA VAL B 73 -11.40 6.91 -4.11
C VAL B 73 -12.46 5.82 -3.93
N LEU B 74 -12.55 5.29 -2.72
CA LEU B 74 -13.51 4.24 -2.40
C LEU B 74 -14.93 4.80 -2.35
N GLN B 75 -15.14 5.80 -1.50
CA GLN B 75 -16.45 6.43 -1.36
C GLN B 75 -16.98 6.89 -2.71
N ALA B 76 -16.06 7.33 -3.57
CA ALA B 76 -16.43 7.81 -4.90
C ALA B 76 -17.28 6.78 -5.64
N HIS B 77 -16.74 5.58 -5.78
CA HIS B 77 -17.45 4.51 -6.47
C HIS B 77 -18.63 4.01 -5.63
N GLN B 78 -18.33 3.45 -4.47
CA GLN B 78 -19.36 2.93 -3.58
C GLN B 78 -18.80 2.67 -2.19
N ALA B 79 -19.63 2.90 -1.17
CA ALA B 79 -19.21 2.68 0.21
C ALA B 79 -20.12 1.68 0.90
N LYS B 80 -19.52 0.64 1.49
CA LYS B 80 -20.27 -0.40 2.19
C LYS B 80 -20.14 -0.23 3.69
N GLU B 81 -21.02 -0.91 4.43
CA GLU B 81 -21.01 -0.84 5.89
C GLU B 81 -20.42 -2.11 6.49
N ALA B 82 -19.17 -2.39 6.15
CA ALA B 82 -18.48 -3.58 6.65
C ALA B 82 -17.62 -3.25 7.86
N ALA B 83 -17.89 -3.91 8.98
CA ALA B 83 -17.13 -3.67 10.20
C ALA B 83 -15.64 -3.89 9.98
N ALA A 1 -8.89 17.96 -4.65
CA ALA A 1 -7.68 17.53 -5.35
C ALA A 1 -7.58 16.00 -5.39
N LYS A 2 -7.01 15.48 -6.46
CA LYS A 2 -6.85 14.04 -6.62
C LYS A 2 -5.90 13.71 -7.77
N PRO A 3 -4.60 14.01 -7.56
CA PRO A 3 -3.57 13.75 -8.57
C PRO A 3 -3.29 12.27 -8.76
N PHE A 4 -3.85 11.45 -7.88
CA PHE A 4 -3.67 10.01 -7.96
C PHE A 4 -5.02 9.30 -8.08
N VAL A 5 -5.09 8.36 -9.03
CA VAL A 5 -6.32 7.61 -9.26
C VAL A 5 -6.14 6.14 -8.88
N PRO A 6 -6.16 5.86 -7.56
CA PRO A 6 -6.00 4.50 -7.05
C PRO A 6 -7.21 3.62 -7.33
N ASN A 7 -6.97 2.50 -7.99
CA ASN A 7 -8.04 1.57 -8.34
C ASN A 7 -8.55 0.84 -7.10
N VAL A 8 -9.69 1.28 -6.57
CA VAL A 8 -10.28 0.67 -5.39
C VAL A 8 -10.35 -0.84 -5.53
N HIS A 9 -10.49 -1.31 -6.77
CA HIS A 9 -10.58 -2.73 -7.05
C HIS A 9 -9.20 -3.39 -6.98
N ALA A 10 -8.56 -3.28 -5.82
CA ALA A 10 -7.23 -3.85 -5.62
C ALA A 10 -7.19 -4.69 -4.35
N ALA A 11 -7.22 -6.00 -4.52
CA ALA A 11 -7.18 -6.92 -3.38
C ALA A 11 -5.88 -6.75 -2.59
N GLU A 12 -5.80 -7.44 -1.45
CA GLU A 12 -4.62 -7.36 -0.60
C GLU A 12 -3.35 -7.62 -1.40
N PHE A 13 -2.26 -6.95 -1.03
CA PHE A 13 -0.99 -7.10 -1.72
C PHE A 13 -0.39 -8.49 -1.44
N VAL A 14 0.13 -9.11 -2.49
CA VAL A 14 0.74 -10.43 -2.35
C VAL A 14 1.67 -10.72 -3.52
N PRO A 15 2.60 -11.67 -3.31
CA PRO A 15 3.58 -12.07 -4.34
C PRO A 15 2.92 -12.83 -5.49
N SER A 16 3.76 -13.38 -6.37
CA SER A 16 3.26 -14.13 -7.51
C SER A 16 3.83 -15.55 -7.54
N PHE A 17 2.95 -16.54 -7.65
CA PHE A 17 3.38 -17.94 -7.69
C PHE A 17 3.17 -18.53 -9.07
N LEU A 18 2.28 -17.93 -9.85
CA LEU A 18 1.99 -18.40 -11.19
C LEU A 18 2.04 -17.25 -12.20
N ARG A 19 2.15 -17.59 -13.48
CA ARG A 19 2.21 -16.59 -14.54
C ARG A 19 1.11 -16.82 -15.56
N GLY A 20 -0.01 -17.38 -15.12
CA GLY A 20 -1.12 -17.65 -16.01
C GLY A 20 -2.46 -17.28 -15.39
N PRO A 21 -3.54 -17.52 -16.15
CA PRO A 21 -4.91 -17.22 -15.68
C PRO A 21 -5.35 -18.14 -14.56
N ALA A 22 -5.07 -19.43 -14.70
CA ALA A 22 -5.44 -20.42 -13.69
C ALA A 22 -4.30 -21.38 -13.41
N GLY B 1 13.91 -9.30 14.04
CA GLY B 1 14.13 -7.90 14.36
C GLY B 1 12.85 -7.10 14.40
N GLN B 2 12.91 -5.89 14.96
CA GLN B 2 11.74 -5.03 15.06
C GLN B 2 12.02 -3.67 14.44
N GLU B 3 13.09 -3.59 13.65
CA GLU B 3 13.47 -2.34 13.01
C GLU B 3 13.00 -2.31 11.55
N PRO B 4 12.92 -1.11 10.98
CA PRO B 4 12.49 -0.92 9.59
C PRO B 4 13.52 -1.43 8.59
N LEU B 5 13.31 -1.10 7.32
CA LEU B 5 14.22 -1.54 6.26
C LEU B 5 14.52 -0.39 5.30
N THR B 6 15.62 -0.52 4.57
CA THR B 6 16.02 0.51 3.61
C THR B 6 16.45 -0.11 2.28
N ALA B 7 16.76 0.74 1.32
CA ALA B 7 17.18 0.29 0.00
C ALA B 7 18.32 -0.73 0.11
N SER B 8 19.13 -0.58 1.15
CA SER B 8 20.25 -1.49 1.37
C SER B 8 19.77 -2.91 1.60
N MET B 9 18.80 -3.08 2.49
CA MET B 9 18.25 -4.39 2.79
C MET B 9 17.25 -4.82 1.73
N LEU B 10 16.66 -3.84 1.06
CA LEU B 10 15.68 -4.13 0.01
C LEU B 10 16.32 -4.86 -1.16
N ALA B 11 17.62 -4.63 -1.36
CA ALA B 11 18.35 -5.28 -2.44
C ALA B 11 18.57 -6.77 -2.14
N SER B 12 18.62 -7.10 -0.86
CA SER B 12 18.83 -8.48 -0.44
C SER B 12 17.80 -9.40 -1.07
N ALA B 13 16.62 -8.84 -1.39
CA ALA B 13 15.55 -9.61 -2.00
C ALA B 13 15.43 -9.31 -3.48
N PRO B 14 14.79 -10.22 -4.22
CA PRO B 14 14.58 -10.07 -5.67
C PRO B 14 13.60 -8.94 -6.00
N PRO B 15 13.56 -8.58 -7.29
CA PRO B 15 12.66 -7.51 -7.77
C PRO B 15 11.19 -7.92 -7.73
N GLN B 16 10.96 -9.22 -7.55
CA GLN B 16 9.60 -9.74 -7.50
C GLN B 16 9.14 -9.90 -6.05
N GLU B 17 10.00 -9.54 -5.11
CA GLU B 17 9.68 -9.64 -3.70
C GLU B 17 9.66 -8.26 -3.04
N GLN B 18 10.33 -7.30 -3.68
CA GLN B 18 10.38 -5.94 -3.16
C GLN B 18 9.00 -5.45 -2.78
N LYS B 19 8.02 -5.68 -3.65
CA LYS B 19 6.65 -5.26 -3.42
C LYS B 19 6.13 -5.83 -2.11
N GLN B 20 6.42 -7.10 -1.86
CA GLN B 20 5.97 -7.76 -0.64
C GLN B 20 6.59 -7.11 0.59
N MET B 21 7.88 -6.79 0.50
CA MET B 21 8.59 -6.16 1.60
C MET B 21 7.96 -4.82 1.96
N LEU B 22 7.94 -3.90 1.00
CA LEU B 22 7.36 -2.58 1.22
C LEU B 22 5.96 -2.69 1.79
N GLY B 23 5.13 -3.52 1.16
CA GLY B 23 3.77 -3.70 1.63
C GLY B 23 3.70 -4.28 3.02
N GLU B 24 4.54 -5.28 3.29
CA GLU B 24 4.56 -5.92 4.60
C GLU B 24 4.81 -4.90 5.70
N ARG B 25 5.77 -4.01 5.46
CA ARG B 25 6.10 -2.97 6.44
C ARG B 25 5.04 -1.87 6.45
N LEU B 26 4.41 -1.66 5.31
CA LEU B 26 3.38 -0.63 5.17
C LEU B 26 2.08 -1.09 5.83
N PHE B 27 1.92 -2.40 5.98
CA PHE B 27 0.72 -2.96 6.58
C PHE B 27 0.49 -2.37 7.98
N PRO B 28 1.49 -2.54 8.86
CA PRO B 28 1.42 -2.03 10.23
C PRO B 28 1.49 -0.51 10.30
N LEU B 29 2.20 0.09 9.33
CA LEU B 29 2.34 1.55 9.28
C LEU B 29 0.99 2.21 9.13
N ILE B 30 0.24 1.83 8.10
CA ILE B 30 -1.07 2.40 7.84
C ILE B 30 -2.12 1.83 8.79
N GLN B 31 -1.79 0.69 9.39
CA GLN B 31 -2.70 0.04 10.34
C GLN B 31 -3.03 0.97 11.50
N ALA B 32 -2.18 1.97 11.72
CA ALA B 32 -2.39 2.92 12.79
C ALA B 32 -3.25 4.10 12.32
N MET B 33 -3.82 3.97 11.13
CA MET B 33 -4.67 5.01 10.57
C MET B 33 -5.89 4.42 9.88
N HIS B 34 -5.65 3.58 8.88
CA HIS B 34 -6.73 2.95 8.14
C HIS B 34 -6.50 1.44 8.02
N PRO B 35 -6.58 0.74 9.17
CA PRO B 35 -6.37 -0.71 9.22
C PRO B 35 -7.51 -1.47 8.56
N THR B 36 -8.69 -0.85 8.51
CA THR B 36 -9.86 -1.47 7.90
C THR B 36 -9.54 -2.01 6.51
N LEU B 37 -8.73 -1.27 5.77
CA LEU B 37 -8.33 -1.67 4.42
C LEU B 37 -6.87 -1.35 4.15
N ALA B 38 -6.06 -1.39 5.21
CA ALA B 38 -4.63 -1.11 5.08
C ALA B 38 -4.00 -1.92 3.95
N GLY B 39 -4.16 -3.24 4.01
CA GLY B 39 -3.61 -4.10 2.99
C GLY B 39 -4.04 -3.70 1.59
N LYS B 40 -5.31 -3.34 1.46
CA LYS B 40 -5.85 -2.93 0.16
C LYS B 40 -5.12 -1.70 -0.37
N ILE B 41 -5.21 -0.59 0.36
CA ILE B 41 -4.54 0.63 -0.04
C ILE B 41 -3.03 0.45 -0.14
N THR B 42 -2.51 -0.54 0.59
CA THR B 42 -1.08 -0.82 0.59
C THR B 42 -0.65 -1.41 -0.76
N GLY B 43 -1.42 -2.38 -1.25
CA GLY B 43 -1.09 -3.00 -2.52
C GLY B 43 -0.97 -2.00 -3.65
N MET B 44 -1.90 -1.04 -3.69
CA MET B 44 -1.89 -0.02 -4.73
C MET B 44 -0.74 0.96 -4.51
N LEU B 45 -0.65 1.50 -3.30
CA LEU B 45 0.39 2.46 -2.97
C LEU B 45 1.78 1.88 -3.26
N LEU B 46 2.04 0.70 -2.71
CA LEU B 46 3.33 0.03 -2.91
C LEU B 46 3.53 -0.32 -4.38
N GLU B 47 2.42 -0.47 -5.11
CA GLU B 47 2.49 -0.81 -6.53
C GLU B 47 2.87 0.41 -7.36
N ILE B 48 2.70 1.60 -6.78
CA ILE B 48 3.03 2.84 -7.46
C ILE B 48 4.43 2.79 -8.05
N ASP B 49 5.43 2.65 -7.17
CA ASP B 49 6.82 2.58 -7.61
C ASP B 49 7.76 2.53 -6.41
N ASN B 50 8.64 1.54 -6.40
CA ASN B 50 9.59 1.37 -5.30
C ASN B 50 10.55 2.55 -5.25
N SER B 51 10.81 3.17 -6.40
CA SER B 51 11.71 4.30 -6.48
C SER B 51 11.21 5.46 -5.63
N GLU B 52 9.93 5.80 -5.81
CA GLU B 52 9.32 6.90 -5.06
C GLU B 52 8.99 6.47 -3.64
N LEU B 53 8.43 5.27 -3.50
CA LEU B 53 8.07 4.74 -2.19
C LEU B 53 9.26 4.80 -1.24
N LEU B 54 10.42 4.39 -1.73
CA LEU B 54 11.64 4.40 -0.91
C LEU B 54 11.83 5.76 -0.24
N HIS B 55 11.38 6.81 -0.90
CA HIS B 55 11.50 8.17 -0.37
C HIS B 55 10.23 8.56 0.40
N MET B 56 9.11 7.94 0.04
CA MET B 56 7.84 8.23 0.70
C MET B 56 7.84 7.72 2.13
N LEU B 57 8.67 6.71 2.40
CA LEU B 57 8.76 6.13 3.74
C LEU B 57 8.91 7.21 4.79
N GLU B 58 9.80 8.17 4.53
CA GLU B 58 10.04 9.26 5.47
C GLU B 58 9.36 10.54 4.98
N SER B 59 8.34 10.39 4.15
CA SER B 59 7.61 11.53 3.61
C SER B 59 6.17 11.54 4.10
N PRO B 60 5.96 12.06 5.32
CA PRO B 60 4.63 12.13 5.93
C PRO B 60 3.73 13.16 5.24
N GLU B 61 4.32 13.93 4.32
CA GLU B 61 3.57 14.94 3.58
C GLU B 61 3.03 14.38 2.28
N SER B 62 3.34 13.11 2.01
CA SER B 62 2.88 12.46 0.79
C SER B 62 2.12 11.17 1.11
N LEU B 63 2.70 10.35 1.99
CA LEU B 63 2.08 9.10 2.38
C LEU B 63 0.63 9.31 2.80
N ARG B 64 0.39 10.32 3.63
CA ARG B 64 -0.95 10.63 4.09
C ARG B 64 -1.90 10.83 2.91
N SER B 65 -1.56 11.77 2.05
CA SER B 65 -2.39 12.07 0.88
C SER B 65 -2.72 10.79 0.11
N LYS B 66 -1.72 9.95 -0.09
CA LYS B 66 -1.91 8.69 -0.81
C LYS B 66 -2.99 7.84 -0.14
N VAL B 67 -2.81 7.58 1.16
CA VAL B 67 -3.77 6.78 1.91
C VAL B 67 -5.18 7.34 1.77
N ASP B 68 -5.35 8.61 2.11
CA ASP B 68 -6.64 9.27 2.01
C ASP B 68 -7.21 9.16 0.60
N GLU B 69 -6.35 9.36 -0.39
CA GLU B 69 -6.76 9.30 -1.79
C GLU B 69 -7.41 7.95 -2.10
N ALA B 70 -6.77 6.88 -1.65
CA ALA B 70 -7.29 5.53 -1.87
C ALA B 70 -8.63 5.33 -1.17
N VAL B 71 -8.62 5.49 0.16
CA VAL B 71 -9.83 5.32 0.95
C VAL B 71 -10.98 6.15 0.38
N ALA B 72 -10.66 7.34 -0.11
CA ALA B 72 -11.66 8.22 -0.69
C ALA B 72 -12.07 7.75 -2.08
N VAL B 73 -11.13 7.19 -2.82
CA VAL B 73 -11.39 6.69 -4.17
C VAL B 73 -12.56 5.70 -4.16
N LEU B 74 -12.76 5.05 -3.02
CA LEU B 74 -13.85 4.08 -2.89
C LEU B 74 -15.20 4.77 -2.78
N GLN B 75 -15.31 5.69 -1.82
CA GLN B 75 -16.55 6.42 -1.61
C GLN B 75 -16.99 7.13 -2.89
N ALA B 76 -16.02 7.43 -3.75
CA ALA B 76 -16.31 8.11 -5.02
C ALA B 76 -16.89 7.13 -6.04
N HIS B 77 -16.54 5.85 -5.89
CA HIS B 77 -17.02 4.83 -6.81
C HIS B 77 -18.42 4.37 -6.41
N GLN B 78 -18.98 3.43 -7.17
CA GLN B 78 -20.30 2.90 -6.90
C GLN B 78 -20.46 1.48 -7.44
N ALA B 79 -20.35 1.35 -8.76
CA ALA B 79 -20.48 0.05 -9.41
C ALA B 79 -20.05 0.12 -10.87
N LYS B 80 -19.87 -1.04 -11.48
CA LYS B 80 -19.46 -1.11 -12.89
C LYS B 80 -20.63 -1.55 -13.76
N GLU B 81 -21.58 -2.27 -13.17
CA GLU B 81 -22.74 -2.75 -13.90
C GLU B 81 -23.50 -1.59 -14.53
N ALA B 82 -23.96 -1.80 -15.77
CA ALA B 82 -24.71 -0.78 -16.48
C ALA B 82 -26.14 -0.68 -15.97
N ALA B 83 -26.97 -1.67 -16.31
CA ALA B 83 -28.36 -1.69 -15.87
C ALA B 83 -28.57 -2.70 -14.75
N ALA A 1 2.35 18.03 -7.00
CA ALA A 1 1.63 16.81 -6.62
C ALA A 1 0.22 16.81 -7.20
N LYS A 2 -0.09 15.79 -7.99
CA LYS A 2 -1.40 15.67 -8.61
C LYS A 2 -2.24 14.61 -7.90
N PRO A 3 -3.56 14.67 -8.10
CA PRO A 3 -4.50 13.72 -7.48
C PRO A 3 -4.38 12.33 -8.08
N PHE A 4 -3.70 11.43 -7.37
CA PHE A 4 -3.52 10.06 -7.83
C PHE A 4 -4.86 9.38 -8.04
N VAL A 5 -4.95 8.56 -9.09
CA VAL A 5 -6.18 7.84 -9.40
C VAL A 5 -5.99 6.34 -9.22
N PRO A 6 -5.98 5.90 -7.95
CA PRO A 6 -5.81 4.48 -7.62
C PRO A 6 -7.03 3.65 -7.99
N ASN A 7 -6.84 2.34 -8.10
CA ASN A 7 -7.92 1.43 -8.46
C ASN A 7 -8.46 0.72 -7.22
N VAL A 8 -9.57 1.21 -6.70
CA VAL A 8 -10.19 0.63 -5.52
C VAL A 8 -10.36 -0.88 -5.68
N HIS A 9 -10.51 -1.32 -6.93
CA HIS A 9 -10.69 -2.74 -7.23
C HIS A 9 -9.36 -3.48 -7.13
N ALA A 10 -8.74 -3.42 -5.96
CA ALA A 10 -7.47 -4.10 -5.73
C ALA A 10 -7.64 -5.32 -4.84
N ALA A 11 -6.52 -5.88 -4.39
CA ALA A 11 -6.55 -7.05 -3.52
C ALA A 11 -5.35 -7.07 -2.58
N GLU A 12 -5.38 -7.97 -1.61
CA GLU A 12 -4.29 -8.08 -0.63
C GLU A 12 -2.94 -8.21 -1.35
N PHE A 13 -2.04 -7.29 -1.05
CA PHE A 13 -0.72 -7.29 -1.66
C PHE A 13 -0.05 -8.65 -1.51
N VAL A 14 -0.38 -9.35 -0.42
CA VAL A 14 0.18 -10.67 -0.16
C VAL A 14 -0.14 -11.64 -1.30
N PRO A 15 0.71 -12.68 -1.45
CA PRO A 15 0.53 -13.69 -2.49
C PRO A 15 -0.67 -14.58 -2.24
N SER A 16 -1.66 -14.48 -3.12
CA SER A 16 -2.88 -15.29 -2.99
C SER A 16 -2.76 -16.58 -3.79
N PHE A 17 -3.14 -17.69 -3.16
CA PHE A 17 -3.08 -18.99 -3.81
C PHE A 17 -4.33 -19.82 -3.50
N LEU A 18 -4.42 -20.99 -4.11
CA LEU A 18 -5.57 -21.87 -3.91
C LEU A 18 -6.84 -21.24 -4.46
N ARG A 19 -6.69 -20.38 -5.46
CA ARG A 19 -7.82 -19.71 -6.08
C ARG A 19 -7.49 -19.28 -7.51
N GLY A 20 -8.52 -18.98 -8.29
CA GLY A 20 -8.31 -18.56 -9.66
C GLY A 20 -7.57 -19.59 -10.48
N PRO A 21 -7.19 -19.21 -11.71
CA PRO A 21 -6.46 -20.10 -12.63
C PRO A 21 -5.03 -20.38 -12.16
N ALA A 22 -4.54 -19.54 -11.25
CA ALA A 22 -3.20 -19.70 -10.72
C ALA A 22 -3.22 -19.89 -9.21
N GLY B 1 10.47 -1.64 19.99
CA GLY B 1 11.39 -1.02 19.06
C GLY B 1 11.33 -1.65 17.68
N GLN B 2 11.22 -0.82 16.65
CA GLN B 2 11.16 -1.31 15.28
C GLN B 2 12.05 -0.47 14.36
N GLU B 3 12.38 -1.03 13.20
CA GLU B 3 13.23 -0.35 12.23
C GLU B 3 12.59 -0.35 10.85
N PRO B 4 12.67 0.80 10.16
CA PRO B 4 12.11 0.95 8.82
C PRO B 4 12.88 0.16 7.77
N LEU B 5 12.48 0.31 6.51
CA LEU B 5 13.14 -0.39 5.41
C LEU B 5 13.97 0.56 4.57
N THR B 6 15.08 0.07 4.04
CA THR B 6 15.95 0.88 3.21
C THR B 6 16.59 0.06 2.09
N ALA B 7 17.44 0.70 1.29
CA ALA B 7 18.11 0.02 0.19
C ALA B 7 19.03 -1.07 0.70
N SER B 8 19.88 -0.72 1.67
CA SER B 8 20.82 -1.68 2.24
C SER B 8 20.08 -2.87 2.84
N MET B 9 18.82 -2.66 3.18
CA MET B 9 18.00 -3.72 3.77
C MET B 9 17.51 -4.68 2.69
N LEU B 10 16.69 -4.18 1.78
CA LEU B 10 16.15 -5.00 0.70
C LEU B 10 17.27 -5.55 -0.17
N ALA B 11 18.44 -4.92 -0.10
CA ALA B 11 19.59 -5.36 -0.89
C ALA B 11 19.28 -5.32 -2.37
N SER B 12 18.60 -4.26 -2.80
CA SER B 12 18.24 -4.10 -4.21
C SER B 12 17.48 -5.32 -4.71
N ALA B 13 16.80 -6.01 -3.81
CA ALA B 13 16.02 -7.19 -4.16
C ALA B 13 15.06 -6.89 -5.30
N PRO B 14 14.60 -7.96 -5.99
CA PRO B 14 13.67 -7.83 -7.11
C PRO B 14 12.28 -7.39 -6.67
N PRO B 15 11.44 -7.01 -7.64
CA PRO B 15 10.08 -6.56 -7.38
C PRO B 15 9.17 -7.69 -6.91
N GLN B 16 9.66 -8.92 -7.03
CA GLN B 16 8.90 -10.09 -6.61
C GLN B 16 8.99 -10.29 -5.11
N GLU B 17 10.08 -9.81 -4.51
CA GLU B 17 10.28 -9.94 -3.07
C GLU B 17 10.04 -8.61 -2.37
N GLN B 18 10.67 -7.55 -2.89
CA GLN B 18 10.52 -6.22 -2.30
C GLN B 18 9.05 -5.86 -2.12
N LYS B 19 8.20 -6.38 -3.00
CA LYS B 19 6.77 -6.11 -2.95
C LYS B 19 6.19 -6.56 -1.61
N GLN B 20 6.24 -7.85 -1.35
CA GLN B 20 5.72 -8.41 -0.11
C GLN B 20 6.34 -7.71 1.10
N MET B 21 7.61 -7.35 0.97
CA MET B 21 8.32 -6.67 2.06
C MET B 21 7.68 -5.31 2.35
N LEU B 22 7.67 -4.43 1.35
CA LEU B 22 7.09 -3.10 1.51
C LEU B 22 5.67 -3.19 2.08
N GLY B 23 4.84 -4.03 1.48
CA GLY B 23 3.48 -4.18 1.95
C GLY B 23 3.41 -4.77 3.34
N GLU B 24 4.31 -5.70 3.64
CA GLU B 24 4.34 -6.34 4.95
C GLU B 24 4.54 -5.30 6.05
N ARG B 25 5.50 -4.41 5.86
CA ARG B 25 5.80 -3.37 6.83
C ARG B 25 4.75 -2.26 6.78
N LEU B 26 4.16 -2.07 5.62
CA LEU B 26 3.14 -1.05 5.43
C LEU B 26 1.81 -1.48 6.05
N PHE B 27 1.62 -2.80 6.17
CA PHE B 27 0.40 -3.33 6.74
C PHE B 27 0.12 -2.72 8.12
N PRO B 28 1.08 -2.89 9.03
CA PRO B 28 0.98 -2.36 10.40
C PRO B 28 1.04 -0.84 10.44
N LEU B 29 1.80 -0.26 9.51
CA LEU B 29 1.95 1.18 9.44
C LEU B 29 0.60 1.87 9.26
N ILE B 30 -0.09 1.52 8.18
CA ILE B 30 -1.40 2.09 7.89
C ILE B 30 -2.48 1.50 8.79
N GLN B 31 -2.17 0.34 9.38
CA GLN B 31 -3.12 -0.32 10.27
C GLN B 31 -3.49 0.58 11.44
N ALA B 32 -2.66 1.57 11.70
CA ALA B 32 -2.91 2.51 12.80
C ALA B 32 -3.78 3.68 12.34
N MET B 33 -3.99 3.77 11.02
CA MET B 33 -4.80 4.83 10.45
C MET B 33 -6.08 4.27 9.83
N HIS B 34 -5.91 3.40 8.84
CA HIS B 34 -7.06 2.80 8.16
C HIS B 34 -6.90 1.28 8.08
N PRO B 35 -7.06 0.61 9.23
CA PRO B 35 -6.94 -0.84 9.32
C PRO B 35 -8.09 -1.57 8.62
N THR B 36 -9.18 -0.84 8.37
CA THR B 36 -10.35 -1.41 7.71
C THR B 36 -9.96 -2.03 6.37
N LEU B 37 -9.09 -1.36 5.63
CA LEU B 37 -8.64 -1.84 4.33
C LEU B 37 -7.15 -1.55 4.12
N ALA B 38 -6.38 -1.63 5.21
CA ALA B 38 -4.96 -1.38 5.14
C ALA B 38 -4.31 -2.19 4.02
N GLY B 39 -4.48 -3.50 4.08
CA GLY B 39 -3.90 -4.37 3.07
C GLY B 39 -4.31 -3.97 1.66
N LYS B 40 -5.57 -3.60 1.48
CA LYS B 40 -6.09 -3.20 0.19
C LYS B 40 -5.31 -2.00 -0.35
N ILE B 41 -5.35 -0.89 0.39
CA ILE B 41 -4.65 0.32 -0.02
C ILE B 41 -3.15 0.10 -0.05
N THR B 42 -2.68 -0.90 0.69
CA THR B 42 -1.27 -1.23 0.75
C THR B 42 -0.77 -1.78 -0.59
N GLY B 43 -1.51 -2.76 -1.12
CA GLY B 43 -1.13 -3.36 -2.38
C GLY B 43 -1.05 -2.35 -3.51
N MET B 44 -2.00 -1.43 -3.54
CA MET B 44 -2.04 -0.40 -4.57
C MET B 44 -0.90 0.61 -4.37
N LEU B 45 -0.76 1.10 -3.15
CA LEU B 45 0.28 2.07 -2.83
C LEU B 45 1.66 1.53 -3.19
N LEU B 46 1.98 0.36 -2.65
CA LEU B 46 3.27 -0.27 -2.90
C LEU B 46 3.42 -0.60 -4.40
N GLU B 47 2.29 -0.78 -5.07
CA GLU B 47 2.30 -1.11 -6.49
C GLU B 47 2.62 0.13 -7.33
N ILE B 48 2.45 1.30 -6.73
CA ILE B 48 2.73 2.56 -7.42
C ILE B 48 4.11 2.53 -8.06
N ASP B 49 5.14 2.41 -7.23
CA ASP B 49 6.51 2.37 -7.72
C ASP B 49 7.50 2.32 -6.55
N ASN B 50 8.41 1.35 -6.60
CA ASN B 50 9.41 1.20 -5.54
C ASN B 50 10.36 2.40 -5.51
N SER B 51 10.58 3.00 -6.66
CA SER B 51 11.46 4.15 -6.78
C SER B 51 10.95 5.31 -5.91
N GLU B 52 9.67 5.63 -6.05
CA GLU B 52 9.06 6.71 -5.29
C GLU B 52 8.85 6.30 -3.83
N LEU B 53 8.34 5.09 -3.63
CA LEU B 53 8.08 4.57 -2.29
C LEU B 53 9.33 4.69 -1.42
N LEU B 54 10.47 4.31 -1.98
CA LEU B 54 11.74 4.38 -1.26
C LEU B 54 11.93 5.75 -0.62
N HIS B 55 11.50 6.78 -1.32
CA HIS B 55 11.61 8.16 -0.82
C HIS B 55 10.42 8.52 0.05
N MET B 56 9.29 7.86 -0.20
CA MET B 56 8.07 8.12 0.56
C MET B 56 8.19 7.60 1.99
N LEU B 57 9.07 6.63 2.17
CA LEU B 57 9.29 6.04 3.50
C LEU B 57 9.49 7.13 4.55
N GLU B 58 10.42 8.04 4.27
CA GLU B 58 10.72 9.13 5.19
C GLU B 58 10.00 10.41 4.76
N SER B 59 8.93 10.26 3.99
CA SER B 59 8.16 11.40 3.51
C SER B 59 6.75 11.40 4.11
N PRO B 60 6.64 11.83 5.37
CA PRO B 60 5.36 11.89 6.08
C PRO B 60 4.44 12.97 5.52
N GLU B 61 4.97 13.80 4.62
CA GLU B 61 4.19 14.86 4.01
C GLU B 61 3.53 14.39 2.71
N SER B 62 3.98 13.25 2.21
CA SER B 62 3.44 12.69 0.98
C SER B 62 2.66 11.41 1.26
N LEU B 63 3.20 10.58 2.15
CA LEU B 63 2.55 9.32 2.51
C LEU B 63 1.08 9.54 2.86
N ARG B 64 0.84 10.45 3.82
CA ARG B 64 -0.52 10.75 4.24
C ARG B 64 -1.40 11.11 3.05
N SER B 65 -0.89 12.01 2.20
CA SER B 65 -1.63 12.45 1.03
C SER B 65 -2.10 11.25 0.20
N LYS B 66 -1.17 10.38 -0.15
CA LYS B 66 -1.49 9.19 -0.94
C LYS B 66 -2.58 8.36 -0.26
N VAL B 67 -2.38 8.10 1.03
CA VAL B 67 -3.35 7.31 1.80
C VAL B 67 -4.76 7.86 1.63
N ASP B 68 -4.92 9.16 1.87
CA ASP B 68 -6.22 9.80 1.73
C ASP B 68 -6.76 9.66 0.32
N GLU B 69 -5.87 9.83 -0.67
CA GLU B 69 -6.26 9.73 -2.07
C GLU B 69 -6.95 8.40 -2.34
N ALA B 70 -6.31 7.31 -1.91
CA ALA B 70 -6.86 5.97 -2.10
C ALA B 70 -8.19 5.81 -1.37
N VAL B 71 -8.18 6.12 -0.08
CA VAL B 71 -9.38 6.01 0.74
C VAL B 71 -10.56 6.72 0.09
N ALA B 72 -10.28 7.84 -0.56
CA ALA B 72 -11.32 8.61 -1.23
C ALA B 72 -11.77 7.93 -2.52
N VAL B 73 -10.82 7.29 -3.21
CA VAL B 73 -11.13 6.59 -4.46
C VAL B 73 -12.16 5.50 -4.24
N LEU B 74 -12.27 5.03 -3.00
CA LEU B 74 -13.23 3.98 -2.66
C LEU B 74 -14.65 4.53 -2.62
N GLN B 75 -14.80 5.72 -2.04
CA GLN B 75 -16.10 6.36 -1.94
C GLN B 75 -16.74 6.53 -3.32
N ALA B 76 -15.91 6.52 -4.36
CA ALA B 76 -16.39 6.66 -5.72
C ALA B 76 -16.61 5.31 -6.37
N HIS B 77 -17.00 4.32 -5.56
CA HIS B 77 -17.25 2.97 -6.06
C HIS B 77 -18.27 2.26 -5.19
N GLN B 78 -19.12 1.46 -5.83
CA GLN B 78 -20.16 0.72 -5.12
C GLN B 78 -19.75 -0.74 -4.92
N ALA B 79 -19.79 -1.20 -3.68
CA ALA B 79 -19.41 -2.58 -3.37
C ALA B 79 -19.63 -2.87 -1.89
N LYS B 80 -19.26 -4.08 -1.47
CA LYS B 80 -19.41 -4.49 -0.07
C LYS B 80 -18.11 -5.08 0.45
N GLU B 81 -18.12 -5.50 1.72
CA GLU B 81 -16.94 -6.09 2.34
C GLU B 81 -17.17 -7.57 2.63
N ALA B 82 -17.66 -8.30 1.63
CA ALA B 82 -17.92 -9.72 1.78
C ALA B 82 -18.80 -10.00 2.99
N ALA B 83 -19.81 -9.16 3.18
CA ALA B 83 -20.74 -9.31 4.29
C ALA B 83 -21.49 -10.64 4.20
N ALA A 1 -4.34 18.88 -7.45
CA ALA A 1 -3.09 18.90 -8.22
C ALA A 1 -2.74 17.51 -8.72
N LYS A 2 -3.44 17.06 -9.75
CA LYS A 2 -3.21 15.74 -10.34
C LYS A 2 -3.27 14.65 -9.26
N PRO A 3 -4.47 14.42 -8.72
CA PRO A 3 -4.70 13.41 -7.69
C PRO A 3 -4.56 11.99 -8.22
N PHE A 4 -3.81 11.16 -7.50
CA PHE A 4 -3.60 9.77 -7.89
C PHE A 4 -4.93 9.07 -8.14
N VAL A 5 -4.96 8.18 -9.13
CA VAL A 5 -6.16 7.43 -9.46
C VAL A 5 -5.98 5.95 -9.17
N PRO A 6 -6.00 5.59 -7.88
CA PRO A 6 -5.84 4.21 -7.43
C PRO A 6 -7.05 3.34 -7.79
N ASN A 7 -6.81 2.07 -8.09
CA ASN A 7 -7.87 1.15 -8.44
C ASN A 7 -8.44 0.49 -7.19
N VAL A 8 -9.58 0.99 -6.72
CA VAL A 8 -10.23 0.44 -5.54
C VAL A 8 -10.53 -1.04 -5.71
N HIS A 9 -10.68 -1.47 -6.96
CA HIS A 9 -10.98 -2.87 -7.27
C HIS A 9 -9.74 -3.74 -7.07
N ALA A 10 -8.62 -3.09 -6.78
CA ALA A 10 -7.36 -3.81 -6.56
C ALA A 10 -7.55 -4.94 -5.56
N ALA A 11 -6.54 -5.81 -5.46
CA ALA A 11 -6.60 -6.94 -4.54
C ALA A 11 -5.48 -6.85 -3.50
N GLU A 12 -5.63 -7.60 -2.42
CA GLU A 12 -4.63 -7.61 -1.36
C GLU A 12 -3.24 -7.87 -1.91
N PHE A 13 -2.23 -7.28 -1.28
CA PHE A 13 -0.85 -7.44 -1.71
C PHE A 13 -0.33 -8.82 -1.34
N VAL A 14 -0.85 -9.37 -0.25
CA VAL A 14 -0.43 -10.68 0.23
C VAL A 14 -0.84 -11.78 -0.76
N PRO A 15 -0.11 -12.90 -0.74
CA PRO A 15 -0.37 -14.04 -1.62
C PRO A 15 -1.66 -14.76 -1.25
N SER A 16 -1.88 -15.92 -1.87
CA SER A 16 -3.09 -16.70 -1.61
C SER A 16 -2.72 -18.07 -1.04
N PHE A 17 -3.02 -18.27 0.25
CA PHE A 17 -2.72 -19.52 0.92
C PHE A 17 -4.00 -20.17 1.44
N LEU A 18 -5.01 -19.36 1.68
CA LEU A 18 -6.29 -19.85 2.19
C LEU A 18 -7.43 -18.94 1.76
N ARG A 19 -8.66 -19.47 1.80
CA ARG A 19 -9.83 -18.70 1.41
C ARG A 19 -10.86 -18.68 2.55
N GLY A 20 -10.38 -18.55 3.78
CA GLY A 20 -11.26 -18.53 4.92
C GLY A 20 -11.42 -19.88 5.56
N PRO A 21 -12.17 -19.93 6.67
CA PRO A 21 -12.41 -21.18 7.42
C PRO A 21 -13.32 -22.15 6.65
N ALA A 22 -13.72 -23.22 7.31
CA ALA A 22 -14.58 -24.22 6.69
C ALA A 22 -15.99 -23.67 6.47
N GLY B 1 6.97 -4.11 13.14
CA GLY B 1 7.49 -2.89 13.74
C GLY B 1 8.93 -3.05 14.18
N GLN B 2 9.73 -3.75 13.38
CA GLN B 2 11.14 -3.97 13.70
C GLN B 2 12.02 -2.97 12.97
N GLU B 3 11.93 -1.70 13.36
CA GLU B 3 12.72 -0.65 12.75
C GLU B 3 12.35 -0.49 11.27
N PRO B 4 12.69 0.68 10.70
CA PRO B 4 12.41 0.98 9.29
C PRO B 4 13.26 0.16 8.34
N LEU B 5 13.10 0.40 7.04
CA LEU B 5 13.86 -0.32 6.02
C LEU B 5 14.88 0.59 5.36
N THR B 6 15.71 0.01 4.50
CA THR B 6 16.74 0.77 3.79
C THR B 6 17.05 0.14 2.45
N ALA B 7 17.54 0.96 1.51
CA ALA B 7 17.89 0.48 0.18
C ALA B 7 18.82 -0.72 0.26
N SER B 8 19.68 -0.74 1.27
CA SER B 8 20.63 -1.83 1.46
C SER B 8 19.90 -3.17 1.53
N MET B 9 18.66 -3.14 2.02
CA MET B 9 17.86 -4.34 2.15
C MET B 9 17.06 -4.61 0.87
N LEU B 10 16.62 -3.54 0.23
CA LEU B 10 15.84 -3.65 -1.00
C LEU B 10 16.73 -4.08 -2.16
N ALA B 11 18.03 -3.86 -2.03
CA ALA B 11 18.99 -4.23 -3.07
C ALA B 11 19.57 -5.61 -2.81
N SER B 12 18.87 -6.41 -2.01
CA SER B 12 19.32 -7.76 -1.68
C SER B 12 18.34 -8.80 -2.18
N ALA B 13 17.06 -8.42 -2.23
CA ALA B 13 16.02 -9.33 -2.69
C ALA B 13 15.53 -8.94 -4.08
N PRO B 14 14.88 -9.89 -4.77
CA PRO B 14 14.35 -9.67 -6.12
C PRO B 14 13.16 -8.72 -6.13
N PRO B 15 12.76 -8.27 -7.33
CA PRO B 15 11.64 -7.35 -7.50
C PRO B 15 10.30 -8.02 -7.21
N GLN B 16 10.31 -9.35 -7.12
CA GLN B 16 9.10 -10.11 -6.85
C GLN B 16 8.82 -10.17 -5.35
N GLU B 17 9.87 -10.05 -4.55
CA GLU B 17 9.75 -10.09 -3.10
C GLU B 17 9.71 -8.68 -2.51
N GLN B 18 10.34 -7.75 -3.21
CA GLN B 18 10.38 -6.36 -2.76
C GLN B 18 8.98 -5.84 -2.44
N LYS B 19 8.06 -6.02 -3.39
CA LYS B 19 6.68 -5.57 -3.20
C LYS B 19 6.11 -6.11 -1.89
N GLN B 20 6.31 -7.40 -1.65
CA GLN B 20 5.81 -8.02 -0.44
C GLN B 20 6.42 -7.37 0.81
N MET B 21 7.69 -7.02 0.72
CA MET B 21 8.38 -6.39 1.84
C MET B 21 7.77 -5.05 2.16
N LEU B 22 7.79 -4.13 1.19
CA LEU B 22 7.22 -2.81 1.37
C LEU B 22 5.80 -2.87 1.93
N GLY B 23 4.98 -3.70 1.29
CA GLY B 23 3.60 -3.86 1.73
C GLY B 23 3.49 -4.46 3.11
N GLU B 24 4.39 -5.41 3.40
CA GLU B 24 4.39 -6.08 4.71
C GLU B 24 4.60 -5.07 5.83
N ARG B 25 5.56 -4.17 5.65
CA ARG B 25 5.86 -3.15 6.64
C ARG B 25 4.81 -2.05 6.63
N LEU B 26 4.24 -1.80 5.46
CA LEU B 26 3.22 -0.76 5.31
C LEU B 26 1.89 -1.23 5.88
N PHE B 27 1.72 -2.54 5.96
CA PHE B 27 0.48 -3.12 6.49
C PHE B 27 0.17 -2.56 7.88
N PRO B 28 1.11 -2.74 8.81
CA PRO B 28 0.96 -2.26 10.19
C PRO B 28 1.01 -0.74 10.29
N LEU B 29 1.80 -0.12 9.41
CA LEU B 29 1.94 1.32 9.39
C LEU B 29 0.60 2.00 9.17
N ILE B 30 -0.07 1.64 8.07
CA ILE B 30 -1.37 2.21 7.74
C ILE B 30 -2.47 1.63 8.63
N GLN B 31 -2.18 0.47 9.22
CA GLN B 31 -3.15 -0.19 10.10
C GLN B 31 -3.56 0.73 11.24
N ALA B 32 -2.71 1.69 11.56
CA ALA B 32 -2.98 2.63 12.63
C ALA B 32 -3.99 3.70 12.19
N MET B 33 -4.18 3.79 10.88
CA MET B 33 -5.11 4.77 10.33
C MET B 33 -6.37 4.09 9.79
N HIS B 34 -6.19 3.16 8.85
CA HIS B 34 -7.31 2.44 8.27
C HIS B 34 -7.02 0.94 8.24
N PRO B 35 -7.13 0.30 9.42
CA PRO B 35 -6.89 -1.14 9.55
C PRO B 35 -7.98 -1.98 8.89
N THR B 36 -9.09 -1.33 8.54
CA THR B 36 -10.20 -2.01 7.90
C THR B 36 -9.79 -2.60 6.55
N LEU B 37 -9.03 -1.83 5.78
CA LEU B 37 -8.57 -2.28 4.47
C LEU B 37 -7.10 -1.93 4.27
N ALA B 38 -6.32 -2.00 5.35
CA ALA B 38 -4.90 -1.70 5.29
C ALA B 38 -4.22 -2.47 4.16
N GLY B 39 -4.36 -3.79 4.17
CA GLY B 39 -3.76 -4.61 3.14
C GLY B 39 -4.17 -4.18 1.75
N LYS B 40 -5.46 -3.87 1.58
CA LYS B 40 -5.98 -3.44 0.29
C LYS B 40 -5.24 -2.20 -0.21
N ILE B 41 -5.34 -1.11 0.54
CA ILE B 41 -4.68 0.14 0.18
C ILE B 41 -3.17 -0.03 0.13
N THR B 42 -2.66 -1.03 0.86
CA THR B 42 -1.23 -1.30 0.90
C THR B 42 -0.74 -1.81 -0.44
N GLY B 43 -1.44 -2.78 -1.01
CA GLY B 43 -1.04 -3.34 -2.28
C GLY B 43 -0.99 -2.30 -3.38
N MET B 44 -1.98 -1.41 -3.40
CA MET B 44 -2.05 -0.36 -4.41
C MET B 44 -0.96 0.67 -4.18
N LEU B 45 -0.83 1.14 -2.94
CA LEU B 45 0.18 2.13 -2.59
C LEU B 45 1.58 1.65 -2.97
N LEU B 46 1.96 0.49 -2.43
CA LEU B 46 3.27 -0.09 -2.71
C LEU B 46 3.43 -0.38 -4.20
N GLU B 47 2.30 -0.57 -4.89
CA GLU B 47 2.32 -0.85 -6.31
C GLU B 47 2.60 0.42 -7.12
N ILE B 48 2.38 1.56 -6.49
CA ILE B 48 2.61 2.85 -7.14
C ILE B 48 3.98 2.90 -7.80
N ASP B 49 5.02 2.78 -6.98
CA ASP B 49 6.39 2.81 -7.48
C ASP B 49 7.39 2.73 -6.32
N ASN B 50 8.30 1.77 -6.41
CA ASN B 50 9.32 1.60 -5.37
C ASN B 50 10.27 2.78 -5.33
N SER B 51 10.47 3.42 -6.47
CA SER B 51 11.35 4.58 -6.56
C SER B 51 10.85 5.71 -5.68
N GLU B 52 9.55 6.00 -5.77
CA GLU B 52 8.95 7.07 -4.98
C GLU B 52 8.73 6.62 -3.53
N LEU B 53 8.27 5.39 -3.37
CA LEU B 53 8.02 4.84 -2.04
C LEU B 53 9.26 4.94 -1.16
N LEU B 54 10.41 4.58 -1.73
CA LEU B 54 11.67 4.63 -1.00
C LEU B 54 11.86 6.00 -0.33
N HIS B 55 11.33 7.04 -0.98
CA HIS B 55 11.45 8.39 -0.45
C HIS B 55 10.23 8.74 0.40
N MET B 56 9.12 8.08 0.13
CA MET B 56 7.88 8.32 0.87
C MET B 56 8.04 7.90 2.33
N LEU B 57 8.83 6.86 2.56
CA LEU B 57 9.06 6.36 3.91
C LEU B 57 9.46 7.50 4.85
N GLU B 58 10.29 8.41 4.37
CA GLU B 58 10.74 9.54 5.17
C GLU B 58 10.07 10.83 4.69
N SER B 59 8.87 10.70 4.16
CA SER B 59 8.12 11.85 3.66
C SER B 59 6.69 11.83 4.18
N PRO B 60 6.49 12.26 5.43
CA PRO B 60 5.17 12.29 6.06
C PRO B 60 4.27 13.36 5.46
N GLU B 61 4.84 14.19 4.59
CA GLU B 61 4.08 15.26 3.94
C GLU B 61 3.41 14.74 2.67
N SER B 62 3.85 13.58 2.20
CA SER B 62 3.30 12.99 0.99
C SER B 62 2.53 11.71 1.32
N LEU B 63 3.05 10.93 2.26
CA LEU B 63 2.41 9.69 2.67
C LEU B 63 0.93 9.91 2.99
N ARG B 64 0.66 10.91 3.82
CA ARG B 64 -0.71 11.23 4.20
C ARG B 64 -1.58 11.47 2.98
N SER B 65 -1.04 12.22 2.02
CA SER B 65 -1.77 12.54 0.79
C SER B 65 -2.17 11.26 0.05
N LYS B 66 -1.17 10.43 -0.25
CA LYS B 66 -1.42 9.18 -0.95
C LYS B 66 -2.51 8.37 -0.26
N VAL B 67 -2.30 8.09 1.02
CA VAL B 67 -3.28 7.32 1.80
C VAL B 67 -4.68 7.90 1.66
N ASP B 68 -4.80 9.21 1.82
CA ASP B 68 -6.09 9.89 1.70
C ASP B 68 -6.65 9.73 0.29
N GLU B 69 -5.79 9.84 -0.71
CA GLU B 69 -6.21 9.71 -2.10
C GLU B 69 -6.91 8.38 -2.32
N ALA B 70 -6.29 7.30 -1.86
CA ALA B 70 -6.85 5.96 -2.02
C ALA B 70 -8.17 5.83 -1.26
N VAL B 71 -8.14 6.16 0.03
CA VAL B 71 -9.33 6.08 0.86
C VAL B 71 -10.51 6.81 0.21
N ALA B 72 -10.21 7.92 -0.45
CA ALA B 72 -11.24 8.71 -1.12
C ALA B 72 -11.72 8.03 -2.40
N VAL B 73 -10.81 7.29 -3.03
CA VAL B 73 -11.13 6.59 -4.27
C VAL B 73 -12.19 5.51 -4.03
N LEU B 74 -12.29 5.06 -2.79
CA LEU B 74 -13.26 4.03 -2.42
C LEU B 74 -14.68 4.59 -2.46
N GLN B 75 -14.92 5.66 -1.70
CA GLN B 75 -16.23 6.29 -1.65
C GLN B 75 -16.73 6.65 -3.05
N ALA B 76 -15.82 7.14 -3.89
CA ALA B 76 -16.15 7.52 -5.25
C ALA B 76 -16.76 6.35 -6.01
N HIS B 77 -16.23 5.15 -5.78
CA HIS B 77 -16.72 3.96 -6.43
C HIS B 77 -18.17 3.67 -6.04
N GLN B 78 -18.54 4.11 -4.84
CA GLN B 78 -19.90 3.90 -4.35
C GLN B 78 -20.93 4.43 -5.35
N ALA B 79 -20.82 5.71 -5.68
CA ALA B 79 -21.74 6.33 -6.63
C ALA B 79 -21.45 5.86 -8.06
N LYS B 80 -22.45 6.00 -8.93
CA LYS B 80 -22.31 5.61 -10.33
C LYS B 80 -22.69 6.75 -11.27
N GLU B 81 -21.74 7.65 -11.50
CA GLU B 81 -21.97 8.79 -12.38
C GLU B 81 -22.00 8.36 -13.84
N ALA B 82 -21.25 7.30 -14.15
CA ALA B 82 -21.19 6.78 -15.51
C ALA B 82 -22.13 5.59 -15.69
N ALA B 83 -23.38 5.76 -15.25
CA ALA B 83 -24.38 4.70 -15.37
C ALA B 83 -25.47 5.09 -16.36
N ALA A 1 -3.19 16.97 -15.20
CA ALA A 1 -2.42 17.00 -13.96
C ALA A 1 -3.28 16.58 -12.77
N LYS A 2 -4.21 15.67 -13.01
CA LYS A 2 -5.10 15.18 -11.96
C LYS A 2 -4.31 14.39 -10.91
N PRO A 3 -4.92 14.25 -9.72
CA PRO A 3 -4.29 13.51 -8.62
C PRO A 3 -4.22 12.01 -8.88
N PHE A 4 -3.63 11.28 -7.95
CA PHE A 4 -3.50 9.84 -8.07
C PHE A 4 -4.86 9.17 -8.25
N VAL A 5 -4.93 8.20 -9.15
CA VAL A 5 -6.18 7.49 -9.41
C VAL A 5 -6.08 6.04 -8.97
N PRO A 6 -6.11 5.80 -7.66
CA PRO A 6 -6.02 4.46 -7.08
C PRO A 6 -7.28 3.64 -7.35
N ASN A 7 -7.09 2.42 -7.83
CA ASN A 7 -8.21 1.53 -8.13
C ASN A 7 -8.69 0.82 -6.87
N VAL A 8 -9.81 1.26 -6.33
CA VAL A 8 -10.38 0.67 -5.12
C VAL A 8 -10.52 -0.84 -5.27
N HIS A 9 -10.62 -1.30 -6.52
CA HIS A 9 -10.76 -2.73 -6.81
C HIS A 9 -9.40 -3.40 -6.84
N ALA A 10 -8.61 -3.21 -5.80
CA ALA A 10 -7.28 -3.81 -5.71
C ALA A 10 -7.19 -4.77 -4.53
N ALA A 11 -7.25 -6.07 -4.83
CA ALA A 11 -7.17 -7.09 -3.79
C ALA A 11 -5.94 -6.89 -2.91
N GLU A 12 -5.94 -7.54 -1.75
CA GLU A 12 -4.82 -7.42 -0.82
C GLU A 12 -3.51 -7.71 -1.51
N PHE A 13 -2.49 -6.90 -1.22
CA PHE A 13 -1.18 -7.07 -1.82
C PHE A 13 -0.63 -8.46 -1.54
N VAL A 14 -1.07 -9.06 -0.44
CA VAL A 14 -0.63 -10.39 -0.05
C VAL A 14 -1.71 -11.43 -0.34
N PRO A 15 -1.31 -12.55 -0.96
CA PRO A 15 -2.24 -13.64 -1.29
C PRO A 15 -2.72 -14.38 -0.05
N SER A 16 -3.65 -15.32 -0.25
CA SER A 16 -4.19 -16.11 0.86
C SER A 16 -4.94 -15.21 1.83
N PHE A 17 -5.84 -14.39 1.30
CA PHE A 17 -6.63 -13.48 2.12
C PHE A 17 -8.08 -13.93 2.20
N LEU A 18 -8.50 -14.69 1.19
CA LEU A 18 -9.88 -15.19 1.13
C LEU A 18 -9.91 -16.71 1.20
N ARG A 19 -9.33 -17.35 0.19
CA ARG A 19 -9.29 -18.81 0.13
C ARG A 19 -8.15 -19.36 1.00
N GLY A 20 -8.21 -20.65 1.28
CA GLY A 20 -7.17 -21.28 2.10
C GLY A 20 -7.13 -20.70 3.50
N PRO A 21 -6.17 -21.18 4.31
CA PRO A 21 -5.99 -20.72 5.69
C PRO A 21 -5.48 -19.28 5.76
N ALA A 22 -5.35 -18.77 6.98
CA ALA A 22 -4.88 -17.41 7.19
C ALA A 22 -3.47 -17.41 7.79
N GLY B 1 20.00 -3.54 13.09
CA GLY B 1 19.86 -3.46 14.53
C GLY B 1 18.43 -3.22 14.96
N GLN B 2 18.16 -2.05 15.52
CA GLN B 2 16.82 -1.70 15.98
C GLN B 2 16.18 -0.68 15.05
N GLU B 3 16.46 -0.80 13.76
CA GLU B 3 15.91 0.12 12.77
C GLU B 3 15.09 -0.64 11.72
N PRO B 4 14.22 0.09 11.01
CA PRO B 4 13.37 -0.49 9.96
C PRO B 4 14.17 -0.92 8.73
N LEU B 5 13.46 -1.43 7.72
CA LEU B 5 14.11 -1.88 6.49
C LEU B 5 14.51 -0.69 5.63
N THR B 6 15.58 -0.87 4.85
CA THR B 6 16.06 0.19 3.98
C THR B 6 16.46 -0.37 2.61
N ALA B 7 16.62 0.52 1.63
CA ALA B 7 17.01 0.13 0.29
C ALA B 7 18.34 -0.62 0.29
N SER B 8 19.12 -0.42 1.35
CA SER B 8 20.42 -1.07 1.48
C SER B 8 20.26 -2.58 1.64
N MET B 9 19.23 -2.99 2.38
CA MET B 9 18.97 -4.40 2.60
C MET B 9 18.03 -4.96 1.53
N LEU B 10 17.15 -4.11 1.04
CA LEU B 10 16.18 -4.51 0.01
C LEU B 10 16.87 -4.72 -1.33
N ALA B 11 17.97 -4.00 -1.54
CA ALA B 11 18.73 -4.11 -2.77
C ALA B 11 19.31 -5.52 -2.95
N SER B 12 19.38 -6.26 -1.85
CA SER B 12 19.91 -7.61 -1.88
C SER B 12 18.79 -8.64 -2.04
N ALA B 13 17.63 -8.17 -2.47
CA ALA B 13 16.47 -9.03 -2.67
C ALA B 13 15.99 -8.98 -4.12
N PRO B 14 15.24 -10.01 -4.53
CA PRO B 14 14.70 -10.10 -5.89
C PRO B 14 13.61 -9.07 -6.16
N PRO B 15 13.24 -8.91 -7.44
CA PRO B 15 12.21 -7.96 -7.85
C PRO B 15 10.81 -8.38 -7.40
N GLN B 16 10.70 -9.61 -6.90
CA GLN B 16 9.42 -10.13 -6.43
C GLN B 16 9.30 -9.98 -4.92
N GLU B 17 10.43 -9.90 -4.25
CA GLU B 17 10.45 -9.76 -2.79
C GLU B 17 10.16 -8.32 -2.38
N GLN B 18 10.70 -7.37 -3.13
CA GLN B 18 10.50 -5.95 -2.85
C GLN B 18 9.01 -5.63 -2.74
N LYS B 19 8.19 -6.37 -3.47
CA LYS B 19 6.75 -6.17 -3.46
C LYS B 19 6.16 -6.58 -2.11
N GLN B 20 6.11 -7.88 -1.86
CA GLN B 20 5.57 -8.41 -0.61
C GLN B 20 6.25 -7.75 0.59
N MET B 21 7.53 -7.44 0.44
CA MET B 21 8.29 -6.80 1.51
C MET B 21 7.74 -5.42 1.83
N LEU B 22 7.75 -4.54 0.84
CA LEU B 22 7.24 -3.18 1.02
C LEU B 22 5.83 -3.19 1.60
N GLY B 23 4.96 -4.01 1.01
CA GLY B 23 3.60 -4.10 1.48
C GLY B 23 3.51 -4.69 2.87
N GLU B 24 4.39 -5.64 3.17
CA GLU B 24 4.39 -6.29 4.48
C GLU B 24 4.68 -5.28 5.58
N ARG B 25 5.68 -4.44 5.36
CA ARG B 25 6.06 -3.42 6.34
C ARG B 25 5.06 -2.27 6.33
N LEU B 26 4.48 -2.00 5.18
CA LEU B 26 3.51 -0.92 5.03
C LEU B 26 2.17 -1.32 5.64
N PHE B 27 1.91 -2.62 5.71
CA PHE B 27 0.66 -3.12 6.27
C PHE B 27 0.41 -2.52 7.64
N PRO B 28 1.35 -2.73 8.57
CA PRO B 28 1.24 -2.23 9.94
C PRO B 28 1.38 -0.71 10.01
N LEU B 29 2.21 -0.16 9.13
CA LEU B 29 2.42 1.29 9.08
C LEU B 29 1.10 2.03 8.93
N ILE B 30 0.37 1.72 7.87
CA ILE B 30 -0.91 2.35 7.61
C ILE B 30 -2.00 1.80 8.54
N GLN B 31 -1.76 0.62 9.08
CA GLN B 31 -2.72 -0.01 9.98
C GLN B 31 -2.99 0.88 11.18
N ALA B 32 -2.05 1.77 11.48
CA ALA B 32 -2.18 2.68 12.61
C ALA B 32 -3.12 3.83 12.27
N MET B 33 -3.56 3.88 11.02
CA MET B 33 -4.46 4.94 10.56
C MET B 33 -5.73 4.35 9.96
N HIS B 34 -5.56 3.52 8.93
CA HIS B 34 -6.70 2.89 8.27
C HIS B 34 -6.52 1.38 8.23
N PRO B 35 -6.64 0.75 9.40
CA PRO B 35 -6.51 -0.71 9.52
C PRO B 35 -7.68 -1.46 8.88
N THR B 36 -8.69 -0.71 8.48
CA THR B 36 -9.87 -1.31 7.86
C THR B 36 -9.53 -1.89 6.49
N LEU B 37 -8.75 -1.17 5.71
CA LEU B 37 -8.35 -1.62 4.39
C LEU B 37 -6.88 -1.29 4.12
N ALA B 38 -6.07 -1.33 5.18
CA ALA B 38 -4.65 -1.05 5.06
C ALA B 38 -4.02 -1.87 3.93
N GLY B 39 -4.20 -3.18 3.98
CA GLY B 39 -3.65 -4.04 2.95
C GLY B 39 -4.08 -3.64 1.56
N LYS B 40 -5.35 -3.27 1.41
CA LYS B 40 -5.89 -2.87 0.12
C LYS B 40 -5.15 -1.64 -0.41
N ILE B 41 -5.23 -0.53 0.33
CA ILE B 41 -4.56 0.70 -0.06
C ILE B 41 -3.06 0.50 -0.18
N THR B 42 -2.53 -0.48 0.56
CA THR B 42 -1.11 -0.77 0.53
C THR B 42 -0.68 -1.36 -0.80
N GLY B 43 -1.47 -2.31 -1.30
CA GLY B 43 -1.17 -2.93 -2.57
C GLY B 43 -1.03 -1.93 -3.70
N MET B 44 -1.98 -1.00 -3.77
CA MET B 44 -1.96 0.03 -4.81
C MET B 44 -0.81 1.00 -4.59
N LEU B 45 -0.69 1.50 -3.37
CA LEU B 45 0.37 2.45 -3.03
C LEU B 45 1.74 1.85 -3.34
N LEU B 46 2.03 0.71 -2.73
CA LEU B 46 3.32 0.04 -2.93
C LEU B 46 3.53 -0.30 -4.40
N GLU B 47 2.43 -0.46 -5.13
CA GLU B 47 2.48 -0.79 -6.54
C GLU B 47 2.85 0.45 -7.37
N ILE B 48 2.66 1.62 -6.79
CA ILE B 48 2.97 2.87 -7.47
C ILE B 48 4.38 2.84 -8.05
N ASP B 49 5.37 2.73 -7.17
CA ASP B 49 6.76 2.70 -7.59
C ASP B 49 7.70 2.67 -6.38
N ASN B 50 8.64 1.74 -6.39
CA ASN B 50 9.60 1.61 -5.29
C ASN B 50 10.51 2.83 -5.23
N SER B 51 10.77 3.45 -6.37
CA SER B 51 11.62 4.63 -6.45
C SER B 51 11.07 5.75 -5.58
N GLU B 52 9.78 6.04 -5.75
CA GLU B 52 9.13 7.10 -4.98
C GLU B 52 8.86 6.65 -3.55
N LEU B 53 8.36 5.43 -3.40
CA LEU B 53 8.06 4.88 -2.08
C LEU B 53 9.27 5.00 -1.15
N LEU B 54 10.45 4.69 -1.68
CA LEU B 54 11.68 4.78 -0.88
C LEU B 54 11.78 6.13 -0.18
N HIS B 55 11.25 7.17 -0.81
CA HIS B 55 11.28 8.51 -0.24
C HIS B 55 10.00 8.79 0.55
N MET B 56 8.92 8.11 0.17
CA MET B 56 7.64 8.29 0.84
C MET B 56 7.72 7.86 2.30
N LEU B 57 8.54 6.85 2.58
CA LEU B 57 8.72 6.34 3.94
C LEU B 57 9.00 7.48 4.91
N GLU B 58 9.86 8.41 4.49
CA GLU B 58 10.23 9.55 5.32
C GLU B 58 9.52 10.81 4.84
N SER B 59 8.36 10.64 4.22
CA SER B 59 7.60 11.77 3.70
C SER B 59 6.15 11.71 4.19
N PRO B 60 5.92 12.18 5.41
CA PRO B 60 4.59 12.20 6.02
C PRO B 60 3.66 13.20 5.35
N GLU B 61 4.21 14.02 4.47
CA GLU B 61 3.42 15.02 3.76
C GLU B 61 2.82 14.44 2.48
N SER B 62 3.29 13.26 2.09
CA SER B 62 2.81 12.59 0.89
C SER B 62 2.07 11.31 1.25
N LEU B 63 2.60 10.57 2.21
CA LEU B 63 1.98 9.32 2.65
C LEU B 63 0.49 9.51 2.94
N ARG B 64 0.19 10.46 3.81
CA ARG B 64 -1.20 10.74 4.17
C ARG B 64 -2.04 11.01 2.93
N SER B 65 -1.45 11.70 1.96
CA SER B 65 -2.15 12.03 0.72
C SER B 65 -2.54 10.76 -0.03
N LYS B 66 -1.58 9.86 -0.19
CA LYS B 66 -1.83 8.59 -0.89
C LYS B 66 -2.94 7.81 -0.21
N VAL B 67 -2.77 7.56 1.09
CA VAL B 67 -3.76 6.82 1.86
C VAL B 67 -5.16 7.40 1.68
N ASP B 68 -5.29 8.70 1.98
CA ASP B 68 -6.56 9.38 1.86
C ASP B 68 -7.10 9.27 0.45
N GLU B 69 -6.22 9.43 -0.54
CA GLU B 69 -6.62 9.35 -1.94
C GLU B 69 -7.31 8.02 -2.23
N ALA B 70 -6.71 6.93 -1.77
CA ALA B 70 -7.27 5.59 -1.98
C ALA B 70 -8.61 5.45 -1.27
N VAL B 71 -8.61 5.63 0.04
CA VAL B 71 -9.83 5.52 0.83
C VAL B 71 -10.95 6.38 0.25
N ALA B 72 -10.58 7.55 -0.26
CA ALA B 72 -11.54 8.47 -0.86
C ALA B 72 -11.98 7.99 -2.23
N VAL B 73 -11.05 7.39 -2.97
CA VAL B 73 -11.33 6.89 -4.30
C VAL B 73 -12.53 5.94 -4.30
N LEU B 74 -12.76 5.30 -3.15
CA LEU B 74 -13.87 4.37 -3.01
C LEU B 74 -15.20 5.11 -2.91
N GLN B 75 -15.26 6.09 -2.01
CA GLN B 75 -16.48 6.87 -1.82
C GLN B 75 -16.97 7.44 -3.14
N ALA B 76 -16.03 7.71 -4.05
CA ALA B 76 -16.36 8.25 -5.35
C ALA B 76 -16.99 7.19 -6.25
N HIS B 77 -16.41 5.99 -6.23
CA HIS B 77 -16.90 4.89 -7.04
C HIS B 77 -18.23 4.36 -6.49
N GLN B 78 -18.17 3.75 -5.31
CA GLN B 78 -19.36 3.20 -4.68
C GLN B 78 -19.75 4.01 -3.45
N ALA B 79 -21.05 4.20 -3.25
CA ALA B 79 -21.54 4.95 -2.11
C ALA B 79 -22.97 4.54 -1.76
N LYS B 80 -23.58 5.26 -0.82
CA LYS B 80 -24.94 4.98 -0.39
C LYS B 80 -25.75 6.26 -0.23
N GLU B 81 -27.02 6.12 0.13
CA GLU B 81 -27.88 7.27 0.32
C GLU B 81 -27.41 8.13 1.48
N ALA B 82 -26.93 7.48 2.54
CA ALA B 82 -26.45 8.19 3.72
C ALA B 82 -24.93 8.23 3.74
N ALA B 83 -24.35 9.16 2.98
CA ALA B 83 -22.90 9.31 2.91
C ALA B 83 -22.25 8.05 2.35
N ALA A 1 2.40 15.78 -8.49
CA ALA A 1 1.95 16.81 -9.41
C ALA A 1 0.45 16.67 -9.70
N LYS A 2 0.06 15.50 -10.21
CA LYS A 2 -1.33 15.24 -10.54
C LYS A 2 -1.98 14.39 -9.45
N PRO A 3 -3.33 14.41 -9.40
CA PRO A 3 -4.10 13.65 -8.42
C PRO A 3 -4.04 12.14 -8.67
N PHE A 4 -3.41 11.43 -7.74
CA PHE A 4 -3.27 9.98 -7.86
C PHE A 4 -4.64 9.32 -8.07
N VAL A 5 -4.70 8.42 -9.06
CA VAL A 5 -5.95 7.72 -9.36
C VAL A 5 -5.84 6.24 -9.02
N PRO A 6 -5.91 5.93 -7.71
CA PRO A 6 -5.83 4.54 -7.23
C PRO A 6 -7.05 3.72 -7.60
N ASN A 7 -6.83 2.55 -8.19
CA ASN A 7 -7.92 1.67 -8.59
C ASN A 7 -8.51 0.95 -7.38
N VAL A 8 -9.68 1.41 -6.93
CA VAL A 8 -10.35 0.80 -5.79
C VAL A 8 -10.46 -0.70 -5.95
N HIS A 9 -10.50 -1.17 -7.19
CA HIS A 9 -10.59 -2.59 -7.48
C HIS A 9 -9.23 -3.28 -7.28
N ALA A 10 -8.71 -3.18 -6.07
CA ALA A 10 -7.42 -3.79 -5.75
C ALA A 10 -7.45 -4.45 -4.37
N ALA A 11 -7.59 -5.77 -4.35
CA ALA A 11 -7.63 -6.51 -3.10
C ALA A 11 -6.31 -6.38 -2.33
N GLU A 12 -6.26 -6.97 -1.14
CA GLU A 12 -5.06 -6.92 -0.32
C GLU A 12 -3.84 -7.36 -1.12
N PHE A 13 -2.66 -6.89 -0.71
CA PHE A 13 -1.42 -7.24 -1.37
C PHE A 13 -0.98 -8.65 -1.01
N VAL A 14 0.15 -9.08 -1.57
CA VAL A 14 0.68 -10.41 -1.29
C VAL A 14 -0.26 -11.49 -1.82
N PRO A 15 0.33 -12.64 -2.22
CA PRO A 15 -0.42 -13.77 -2.75
C PRO A 15 -1.26 -14.47 -1.67
N SER A 16 -2.43 -13.90 -1.39
CA SER A 16 -3.32 -14.47 -0.38
C SER A 16 -4.39 -15.33 -1.03
N PHE A 17 -4.77 -16.41 -0.33
CA PHE A 17 -5.80 -17.32 -0.83
C PHE A 17 -6.86 -17.57 0.23
N LEU A 18 -7.04 -16.61 1.13
CA LEU A 18 -8.03 -16.73 2.19
C LEU A 18 -8.72 -15.40 2.45
N ARG A 19 -9.69 -15.40 3.36
CA ARG A 19 -10.43 -14.19 3.70
C ARG A 19 -10.33 -13.89 5.18
N GLY A 20 -9.25 -14.35 5.81
CA GLY A 20 -9.05 -14.12 7.23
C GLY A 20 -10.01 -14.93 8.08
N PRO A 21 -9.80 -14.90 9.41
CA PRO A 21 -10.64 -15.62 10.36
C PRO A 21 -12.04 -15.04 10.47
N ALA A 22 -12.96 -15.81 11.04
CA ALA A 22 -14.34 -15.37 11.20
C ALA A 22 -14.53 -14.63 12.52
N GLY B 1 13.19 -4.60 18.63
CA GLY B 1 12.77 -5.92 18.18
C GLY B 1 12.88 -6.07 16.67
N GLN B 2 12.57 -5.01 15.94
CA GLN B 2 12.64 -5.04 14.49
C GLN B 2 12.96 -3.65 13.93
N GLU B 3 13.85 -3.60 12.95
CA GLU B 3 14.24 -2.34 12.33
C GLU B 3 13.52 -2.13 11.01
N PRO B 4 13.47 -0.87 10.55
CA PRO B 4 12.81 -0.51 9.30
C PRO B 4 13.56 -1.03 8.07
N LEU B 5 13.09 -0.63 6.89
CA LEU B 5 13.71 -1.06 5.64
C LEU B 5 14.39 0.11 4.94
N THR B 6 15.48 -0.17 4.24
CA THR B 6 16.21 0.86 3.52
C THR B 6 16.41 0.49 2.06
N ALA B 7 16.91 1.43 1.27
CA ALA B 7 17.15 1.19 -0.15
C ALA B 7 18.24 0.14 -0.36
N SER B 8 19.32 0.26 0.40
CA SER B 8 20.44 -0.68 0.30
C SER B 8 20.04 -2.05 0.80
N MET B 9 19.11 -2.08 1.76
CA MET B 9 18.65 -3.33 2.33
C MET B 9 17.65 -4.02 1.40
N LEU B 10 16.64 -3.26 0.96
CA LEU B 10 15.62 -3.79 0.07
C LEU B 10 16.25 -4.32 -1.22
N ALA B 11 17.31 -3.65 -1.66
CA ALA B 11 18.00 -4.05 -2.88
C ALA B 11 18.49 -5.50 -2.80
N SER B 12 18.79 -5.94 -1.57
CA SER B 12 19.26 -7.30 -1.36
C SER B 12 18.26 -8.32 -1.88
N ALA B 13 16.99 -7.92 -1.92
CA ALA B 13 15.93 -8.80 -2.41
C ALA B 13 15.58 -8.49 -3.86
N PRO B 14 14.93 -9.46 -4.53
CA PRO B 14 14.52 -9.31 -5.93
C PRO B 14 13.40 -8.30 -6.10
N PRO B 15 13.14 -7.92 -7.36
CA PRO B 15 12.08 -6.96 -7.69
C PRO B 15 10.68 -7.53 -7.47
N GLN B 16 10.61 -8.85 -7.31
CA GLN B 16 9.33 -9.51 -7.08
C GLN B 16 9.02 -9.62 -5.60
N GLU B 17 10.08 -9.62 -4.78
CA GLU B 17 9.91 -9.72 -3.33
C GLU B 17 9.87 -8.34 -2.69
N GLN B 18 10.55 -7.38 -3.32
CA GLN B 18 10.59 -6.02 -2.81
C GLN B 18 9.18 -5.49 -2.54
N LYS B 19 8.28 -5.68 -3.50
CA LYS B 19 6.91 -5.23 -3.37
C LYS B 19 6.28 -5.77 -2.09
N GLN B 20 6.33 -7.08 -1.92
CA GLN B 20 5.77 -7.72 -0.73
C GLN B 20 6.37 -7.12 0.54
N MET B 21 7.67 -6.85 0.51
CA MET B 21 8.37 -6.28 1.65
C MET B 21 7.77 -4.93 2.04
N LEU B 22 7.80 -3.99 1.12
CA LEU B 22 7.25 -2.66 1.37
C LEU B 22 5.83 -2.75 1.90
N GLY B 23 5.00 -3.55 1.25
CA GLY B 23 3.63 -3.71 1.68
C GLY B 23 3.52 -4.31 3.06
N GLU B 24 4.33 -5.34 3.32
CA GLU B 24 4.32 -6.01 4.62
C GLU B 24 4.57 -5.02 5.75
N ARG B 25 5.56 -4.14 5.55
CA ARG B 25 5.90 -3.15 6.56
C ARG B 25 4.88 -2.02 6.58
N LEU B 26 4.26 -1.77 5.42
CA LEU B 26 3.26 -0.71 5.31
C LEU B 26 1.94 -1.15 5.93
N PHE B 27 1.73 -2.45 6.03
CA PHE B 27 0.51 -3.00 6.62
C PHE B 27 0.28 -2.43 8.01
N PRO B 28 1.25 -2.63 8.90
CA PRO B 28 1.17 -2.14 10.29
C PRO B 28 1.27 -0.63 10.38
N LEU B 29 2.03 -0.04 9.46
CA LEU B 29 2.22 1.41 9.44
C LEU B 29 0.88 2.13 9.27
N ILE B 30 0.16 1.79 8.18
CA ILE B 30 -1.13 2.39 7.91
C ILE B 30 -2.21 1.82 8.82
N GLN B 31 -1.93 0.66 9.39
CA GLN B 31 -2.88 0.00 10.29
C GLN B 31 -3.22 0.90 11.48
N ALA B 32 -2.35 1.87 11.74
CA ALA B 32 -2.56 2.80 12.84
C ALA B 32 -3.40 3.99 12.41
N MET B 33 -3.63 4.10 11.10
CA MET B 33 -4.43 5.20 10.56
C MET B 33 -5.72 4.67 9.95
N HIS B 34 -5.59 3.82 8.94
CA HIS B 34 -6.75 3.25 8.26
C HIS B 34 -6.63 1.73 8.18
N PRO B 35 -6.83 1.06 9.33
CA PRO B 35 -6.75 -0.40 9.41
C PRO B 35 -7.91 -1.08 8.71
N THR B 36 -8.98 -0.32 8.46
CA THR B 36 -10.16 -0.85 7.79
C THR B 36 -9.80 -1.48 6.45
N LEU B 37 -8.92 -0.82 5.71
CA LEU B 37 -8.49 -1.32 4.41
C LEU B 37 -6.99 -1.08 4.20
N ALA B 38 -6.23 -1.17 5.29
CA ALA B 38 -4.79 -0.97 5.22
C ALA B 38 -4.16 -1.80 4.11
N GLY B 39 -4.37 -3.12 4.18
CA GLY B 39 -3.81 -4.01 3.17
C GLY B 39 -4.23 -3.62 1.77
N LYS B 40 -5.49 -3.23 1.61
CA LYS B 40 -6.01 -2.84 0.31
C LYS B 40 -5.20 -1.69 -0.27
N ILE B 41 -5.20 -0.55 0.43
CA ILE B 41 -4.47 0.62 -0.02
C ILE B 41 -2.97 0.35 -0.05
N THR B 42 -2.52 -0.62 0.73
CA THR B 42 -1.12 -0.98 0.79
C THR B 42 -0.66 -1.62 -0.51
N GLY B 43 -1.50 -2.50 -1.06
CA GLY B 43 -1.16 -3.17 -2.31
C GLY B 43 -1.02 -2.21 -3.46
N MET B 44 -1.95 -1.27 -3.57
CA MET B 44 -1.93 -0.28 -4.64
C MET B 44 -0.75 0.67 -4.47
N LEU B 45 -0.59 1.20 -3.26
CA LEU B 45 0.50 2.13 -2.98
C LEU B 45 1.86 1.49 -3.27
N LEU B 46 2.12 0.35 -2.63
CA LEU B 46 3.37 -0.36 -2.82
C LEU B 46 3.56 -0.74 -4.28
N GLU B 47 2.45 -0.90 -5.00
CA GLU B 47 2.49 -1.26 -6.41
C GLU B 47 2.89 -0.06 -7.27
N ILE B 48 2.72 1.13 -6.72
CA ILE B 48 3.05 2.36 -7.42
C ILE B 48 4.46 2.28 -8.01
N ASP B 49 5.46 2.17 -7.15
CA ASP B 49 6.84 2.08 -7.58
C ASP B 49 7.79 2.06 -6.38
N ASN B 50 8.72 1.12 -6.39
CA ASN B 50 9.69 1.00 -5.30
C ASN B 50 10.60 2.22 -5.25
N SER B 51 10.81 2.85 -6.40
CA SER B 51 11.68 4.02 -6.48
C SER B 51 11.13 5.15 -5.60
N GLU B 52 9.86 5.49 -5.80
CA GLU B 52 9.23 6.55 -5.03
C GLU B 52 8.98 6.11 -3.58
N LEU B 53 8.46 4.89 -3.42
CA LEU B 53 8.18 4.35 -2.10
C LEU B 53 9.40 4.45 -1.20
N LEU B 54 10.56 4.11 -1.75
CA LEU B 54 11.81 4.16 -0.99
C LEU B 54 11.97 5.49 -0.28
N HIS B 55 11.46 6.55 -0.91
CA HIS B 55 11.53 7.89 -0.33
C HIS B 55 10.29 8.20 0.50
N MET B 56 9.17 7.56 0.15
CA MET B 56 7.92 7.77 0.86
C MET B 56 8.00 7.20 2.27
N LEU B 57 8.89 6.25 2.47
CA LEU B 57 9.07 5.63 3.78
C LEU B 57 9.18 6.68 4.88
N GLU B 58 10.11 7.61 4.70
CA GLU B 58 10.32 8.68 5.67
C GLU B 58 9.60 9.95 5.24
N SER B 59 8.59 9.80 4.40
CA SER B 59 7.83 10.94 3.90
C SER B 59 6.39 10.87 4.40
N PRO B 60 6.17 11.32 5.64
CA PRO B 60 4.84 11.33 6.26
C PRO B 60 3.91 12.35 5.62
N GLU B 61 4.46 13.19 4.75
CA GLU B 61 3.68 14.22 4.07
C GLU B 61 3.05 13.67 2.79
N SER B 62 3.66 12.62 2.25
CA SER B 62 3.15 12.00 1.03
C SER B 62 2.37 10.73 1.34
N LEU B 63 2.87 9.96 2.31
CA LEU B 63 2.23 8.71 2.71
C LEU B 63 0.74 8.93 2.98
N ARG B 64 0.44 9.77 3.98
CA ARG B 64 -0.94 10.07 4.34
C ARG B 64 -1.74 10.49 3.11
N SER B 65 -1.07 11.17 2.19
CA SER B 65 -1.73 11.65 0.97
C SER B 65 -2.25 10.48 0.14
N LYS B 66 -1.36 9.54 -0.16
CA LYS B 66 -1.73 8.36 -0.95
C LYS B 66 -2.84 7.57 -0.27
N VAL B 67 -2.70 7.38 1.05
CA VAL B 67 -3.69 6.64 1.82
C VAL B 67 -5.08 7.26 1.66
N ASP B 68 -5.20 8.52 2.05
CA ASP B 68 -6.47 9.23 1.96
C ASP B 68 -7.00 9.18 0.52
N GLU B 69 -6.11 9.31 -0.44
CA GLU B 69 -6.48 9.28 -1.85
C GLU B 69 -7.19 7.98 -2.20
N ALA B 70 -6.62 6.86 -1.77
CA ALA B 70 -7.20 5.55 -2.03
C ALA B 70 -8.56 5.40 -1.36
N VAL B 71 -8.60 5.69 -0.06
CA VAL B 71 -9.85 5.59 0.70
C VAL B 71 -10.97 6.36 0.02
N ALA B 72 -10.66 7.57 -0.45
CA ALA B 72 -11.65 8.40 -1.12
C ALA B 72 -12.03 7.82 -2.47
N VAL B 73 -11.05 7.21 -3.15
CA VAL B 73 -11.29 6.62 -4.45
C VAL B 73 -12.35 5.52 -4.38
N LEU B 74 -12.52 4.97 -3.19
CA LEU B 74 -13.51 3.90 -2.97
C LEU B 74 -14.93 4.45 -3.03
N GLN B 75 -15.15 5.59 -2.39
CA GLN B 75 -16.45 6.22 -2.37
C GLN B 75 -16.79 6.83 -3.73
N ALA B 76 -15.76 7.31 -4.42
CA ALA B 76 -15.94 7.92 -5.74
C ALA B 76 -16.67 6.97 -6.69
N HIS B 77 -16.21 5.72 -6.74
CA HIS B 77 -16.83 4.72 -7.61
C HIS B 77 -18.23 4.38 -7.13
N GLN B 78 -18.32 3.74 -5.97
CA GLN B 78 -19.61 3.35 -5.41
C GLN B 78 -19.59 3.45 -3.88
N ALA B 79 -20.73 3.19 -3.27
CA ALA B 79 -20.85 3.24 -1.81
C ALA B 79 -22.03 2.42 -1.32
N LYS B 80 -21.76 1.47 -0.43
CA LYS B 80 -22.81 0.61 0.12
C LYS B 80 -22.77 0.61 1.64
N GLU B 81 -23.75 -0.05 2.26
CA GLU B 81 -23.81 -0.13 3.71
C GLU B 81 -23.38 -1.51 4.19
N ALA B 82 -22.53 -1.53 5.22
CA ALA B 82 -22.04 -2.78 5.79
C ALA B 82 -22.88 -3.21 6.98
N ALA B 83 -23.32 -2.24 7.76
CA ALA B 83 -24.14 -2.52 8.94
C ALA B 83 -25.34 -3.38 8.58
N ALA A 1 -5.06 20.73 -9.11
CA ALA A 1 -4.22 19.84 -8.31
C ALA A 1 -3.95 18.54 -9.06
N LYS A 2 -5.00 17.94 -9.60
CA LYS A 2 -4.88 16.68 -10.33
C LYS A 2 -4.24 15.60 -9.47
N PRO A 3 -5.00 15.11 -8.47
CA PRO A 3 -4.53 14.07 -7.56
C PRO A 3 -4.39 12.72 -8.25
N PHE A 4 -3.91 11.72 -7.50
CA PHE A 4 -3.72 10.39 -8.04
C PHE A 4 -5.07 9.69 -8.26
N VAL A 5 -5.14 8.86 -9.29
CA VAL A 5 -6.37 8.14 -9.62
C VAL A 5 -6.19 6.64 -9.43
N PRO A 6 -6.12 6.22 -8.16
CA PRO A 6 -5.94 4.80 -7.81
C PRO A 6 -7.19 3.97 -8.13
N ASN A 7 -7.08 2.66 -7.96
CA ASN A 7 -8.19 1.75 -8.23
C ASN A 7 -8.67 1.08 -6.95
N VAL A 8 -9.79 1.55 -6.42
CA VAL A 8 -10.35 1.00 -5.20
C VAL A 8 -10.47 -0.52 -5.29
N HIS A 9 -10.61 -1.03 -6.50
CA HIS A 9 -10.73 -2.47 -6.73
C HIS A 9 -9.37 -3.14 -6.60
N ALA A 10 -8.74 -3.01 -5.45
CA ALA A 10 -7.44 -3.62 -5.20
C ALA A 10 -7.42 -4.41 -3.90
N ALA A 11 -7.49 -5.73 -4.02
CA ALA A 11 -7.49 -6.60 -2.86
C ALA A 11 -6.16 -6.53 -2.11
N GLU A 12 -6.09 -7.19 -0.96
CA GLU A 12 -4.87 -7.20 -0.15
C GLU A 12 -3.67 -7.59 -0.99
N PHE A 13 -2.48 -7.21 -0.53
CA PHE A 13 -1.24 -7.52 -1.24
C PHE A 13 -0.72 -8.89 -0.84
N VAL A 14 -0.24 -9.65 -1.82
CA VAL A 14 0.29 -10.99 -1.56
C VAL A 14 0.74 -11.66 -2.85
N PRO A 15 1.76 -12.52 -2.75
CA PRO A 15 2.31 -13.23 -3.91
C PRO A 15 1.35 -14.30 -4.44
N SER A 16 0.83 -15.12 -3.53
CA SER A 16 -0.10 -16.18 -3.91
C SER A 16 -1.36 -15.60 -4.55
N PHE A 17 -1.81 -16.22 -5.63
CA PHE A 17 -3.00 -15.77 -6.34
C PHE A 17 -4.11 -16.80 -6.24
N LEU A 18 -3.73 -18.06 -6.08
CA LEU A 18 -4.70 -19.15 -5.97
C LEU A 18 -4.85 -19.60 -4.52
N ARG A 19 -3.77 -20.15 -3.97
CA ARG A 19 -3.79 -20.63 -2.59
C ARG A 19 -3.60 -19.47 -1.61
N GLY A 20 -4.05 -19.67 -0.38
CA GLY A 20 -3.93 -18.63 0.64
C GLY A 20 -4.75 -17.41 0.30
N PRO A 21 -6.08 -17.54 0.34
CA PRO A 21 -7.00 -16.44 0.05
C PRO A 21 -6.98 -15.37 1.13
N ALA A 22 -7.92 -14.42 1.04
CA ALA A 22 -8.01 -13.35 2.01
C ALA A 22 -9.16 -13.57 2.98
N GLY B 1 11.32 -10.47 12.48
CA GLY B 1 11.87 -9.47 11.58
C GLY B 1 11.07 -8.19 11.59
N GLN B 2 11.46 -7.25 12.44
CA GLN B 2 10.77 -5.97 12.54
C GLN B 2 11.73 -4.81 12.29
N GLU B 3 12.89 -5.12 11.71
CA GLU B 3 13.89 -4.11 11.41
C GLU B 3 13.34 -3.05 10.46
N PRO B 4 13.99 -1.88 10.43
CA PRO B 4 13.58 -0.77 9.55
C PRO B 4 13.83 -1.06 8.08
N LEU B 5 13.52 -0.09 7.23
CA LEU B 5 13.71 -0.24 5.79
C LEU B 5 14.75 0.73 5.27
N THR B 6 15.44 0.35 4.20
CA THR B 6 16.47 1.19 3.61
C THR B 6 16.75 0.78 2.16
N ALA B 7 17.62 1.53 1.50
CA ALA B 7 17.99 1.24 0.12
C ALA B 7 18.92 0.04 0.04
N SER B 8 19.81 -0.08 1.01
CA SER B 8 20.76 -1.18 1.05
C SER B 8 20.05 -2.50 1.34
N MET B 9 18.91 -2.42 2.02
CA MET B 9 18.14 -3.61 2.35
C MET B 9 17.07 -3.89 1.30
N LEU B 10 16.42 -2.82 0.84
CA LEU B 10 15.37 -2.95 -0.17
C LEU B 10 15.94 -3.49 -1.47
N ALA B 11 17.21 -3.22 -1.72
CA ALA B 11 17.88 -3.68 -2.93
C ALA B 11 18.38 -5.10 -2.77
N SER B 12 18.71 -5.47 -1.53
CA SER B 12 19.21 -6.80 -1.23
C SER B 12 18.28 -7.88 -1.79
N ALA B 13 16.99 -7.74 -1.48
CA ALA B 13 15.99 -8.68 -1.95
C ALA B 13 15.70 -8.50 -3.43
N PRO B 14 15.12 -9.54 -4.05
CA PRO B 14 14.78 -9.51 -5.47
C PRO B 14 13.62 -8.57 -5.78
N PRO B 15 13.41 -8.29 -7.07
CA PRO B 15 12.34 -7.39 -7.52
C PRO B 15 10.95 -8.00 -7.33
N GLN B 16 10.92 -9.29 -7.04
CA GLN B 16 9.66 -9.99 -6.82
C GLN B 16 9.30 -10.03 -5.34
N GLU B 17 10.31 -9.92 -4.48
CA GLU B 17 10.09 -9.93 -3.04
C GLU B 17 10.02 -8.51 -2.49
N GLN B 18 10.64 -7.58 -3.19
CA GLN B 18 10.66 -6.18 -2.77
C GLN B 18 9.24 -5.68 -2.50
N LYS B 19 8.34 -5.91 -3.45
CA LYS B 19 6.96 -5.49 -3.31
C LYS B 19 6.37 -5.98 -2.00
N GLN B 20 6.57 -7.26 -1.70
CA GLN B 20 6.07 -7.87 -0.47
C GLN B 20 6.66 -7.17 0.75
N MET B 21 7.93 -6.80 0.66
CA MET B 21 8.61 -6.13 1.76
C MET B 21 7.96 -4.79 2.07
N LEU B 22 7.94 -3.91 1.08
CA LEU B 22 7.33 -2.58 1.25
C LEU B 22 5.92 -2.70 1.80
N GLY B 23 5.11 -3.56 1.18
CA GLY B 23 3.75 -3.75 1.61
C GLY B 23 3.66 -4.32 3.01
N GLU B 24 4.56 -5.26 3.32
CA GLU B 24 4.58 -5.90 4.63
C GLU B 24 4.77 -4.86 5.74
N ARG B 25 5.72 -3.95 5.54
CA ARG B 25 6.00 -2.91 6.51
C ARG B 25 4.94 -1.82 6.48
N LEU B 26 4.35 -1.62 5.30
CA LEU B 26 3.32 -0.60 5.14
C LEU B 26 1.98 -1.07 5.72
N PHE B 27 1.83 -2.39 5.83
CA PHE B 27 0.61 -2.98 6.38
C PHE B 27 0.29 -2.38 7.75
N PRO B 28 1.24 -2.52 8.69
CA PRO B 28 1.08 -2.00 10.05
C PRO B 28 1.12 -0.48 10.11
N LEU B 29 1.91 0.12 9.22
CA LEU B 29 2.03 1.57 9.16
C LEU B 29 0.66 2.22 8.94
N ILE B 30 -0.01 1.82 7.86
CA ILE B 30 -1.32 2.37 7.54
C ILE B 30 -2.40 1.78 8.45
N GLN B 31 -2.10 0.64 9.05
CA GLN B 31 -3.04 -0.02 9.95
C GLN B 31 -3.43 0.91 11.10
N ALA B 32 -2.57 1.87 11.40
CA ALA B 32 -2.83 2.82 12.47
C ALA B 32 -3.86 3.87 12.04
N MET B 33 -4.27 3.81 10.78
CA MET B 33 -5.24 4.76 10.25
C MET B 33 -6.43 4.02 9.62
N HIS B 34 -6.13 3.17 8.64
CA HIS B 34 -7.17 2.41 7.97
C HIS B 34 -6.87 0.90 8.03
N PRO B 35 -6.98 0.33 9.24
CA PRO B 35 -6.74 -1.09 9.47
C PRO B 35 -7.81 -1.97 8.85
N THR B 36 -8.99 -1.40 8.62
CA THR B 36 -10.10 -2.14 8.03
C THR B 36 -9.69 -2.78 6.72
N LEU B 37 -8.90 -2.05 5.93
CA LEU B 37 -8.44 -2.56 4.64
C LEU B 37 -7.00 -2.16 4.38
N ALA B 38 -6.19 -2.16 5.45
CA ALA B 38 -4.78 -1.80 5.34
C ALA B 38 -4.11 -2.55 4.20
N GLY B 39 -4.26 -3.88 4.20
CA GLY B 39 -3.67 -4.70 3.16
C GLY B 39 -4.13 -4.30 1.77
N LYS B 40 -5.44 -4.11 1.62
CA LYS B 40 -6.01 -3.72 0.34
C LYS B 40 -5.34 -2.48 -0.21
N ILE B 41 -5.43 -1.38 0.54
CA ILE B 41 -4.82 -0.12 0.12
C ILE B 41 -3.31 -0.26 -0.02
N THR B 42 -2.72 -1.09 0.83
CA THR B 42 -1.28 -1.31 0.81
C THR B 42 -0.85 -2.00 -0.50
N GLY B 43 -1.74 -2.82 -1.05
CA GLY B 43 -1.43 -3.51 -2.28
C GLY B 43 -1.28 -2.57 -3.46
N MET B 44 -2.30 -1.75 -3.69
CA MET B 44 -2.29 -0.79 -4.79
C MET B 44 -1.22 0.27 -4.57
N LEU B 45 -1.10 0.73 -3.34
CA LEU B 45 -0.11 1.75 -3.00
C LEU B 45 1.30 1.27 -3.30
N LEU B 46 1.67 0.13 -2.72
CA LEU B 46 3.00 -0.44 -2.93
C LEU B 46 3.22 -0.76 -4.40
N GLU B 47 2.13 -1.00 -5.13
CA GLU B 47 2.21 -1.32 -6.55
C GLU B 47 2.49 -0.06 -7.37
N ILE B 48 2.21 1.10 -6.78
CA ILE B 48 2.43 2.37 -7.45
C ILE B 48 3.82 2.44 -8.07
N ASP B 49 4.84 2.34 -7.23
CA ASP B 49 6.23 2.39 -7.70
C ASP B 49 7.20 2.30 -6.53
N ASN B 50 8.09 1.32 -6.57
CA ASN B 50 9.07 1.13 -5.52
C ASN B 50 10.06 2.30 -5.47
N SER B 51 10.29 2.92 -6.63
CA SER B 51 11.21 4.04 -6.72
C SER B 51 10.76 5.19 -5.84
N GLU B 52 9.46 5.49 -5.90
CA GLU B 52 8.89 6.57 -5.10
C GLU B 52 8.67 6.14 -3.66
N LEU B 53 8.11 4.94 -3.50
CA LEU B 53 7.85 4.40 -2.17
C LEU B 53 9.10 4.45 -1.30
N LEU B 54 10.23 4.05 -1.87
CA LEU B 54 11.49 4.06 -1.14
C LEU B 54 11.72 5.40 -0.46
N HIS B 55 11.33 6.47 -1.13
CA HIS B 55 11.49 7.82 -0.57
C HIS B 55 10.30 8.19 0.31
N MET B 56 9.15 7.58 0.03
CA MET B 56 7.94 7.85 0.79
C MET B 56 8.05 7.28 2.21
N LEU B 57 8.90 6.27 2.37
CA LEU B 57 9.10 5.64 3.67
C LEU B 57 9.35 6.69 4.75
N GLU B 58 10.34 7.54 4.52
CA GLU B 58 10.67 8.60 5.48
C GLU B 58 9.98 9.90 5.11
N SER B 59 8.90 9.80 4.34
CA SER B 59 8.15 10.98 3.92
C SER B 59 6.73 10.94 4.45
N PRO B 60 6.57 11.35 5.72
CA PRO B 60 5.26 11.37 6.39
C PRO B 60 4.34 12.44 5.82
N GLU B 61 4.89 13.30 4.95
CA GLU B 61 4.12 14.37 4.35
C GLU B 61 3.45 13.89 3.05
N SER B 62 4.03 12.86 2.45
CA SER B 62 3.49 12.31 1.20
C SER B 62 2.68 11.05 1.47
N LEU B 63 3.15 10.25 2.43
CA LEU B 63 2.46 9.01 2.79
C LEU B 63 0.98 9.25 3.02
N ARG B 64 0.67 10.06 4.03
CA ARG B 64 -0.72 10.37 4.35
C ARG B 64 -1.48 10.86 3.12
N SER B 65 -0.77 11.55 2.23
CA SER B 65 -1.37 12.06 1.01
C SER B 65 -1.91 10.93 0.14
N LYS B 66 -1.03 10.00 -0.22
CA LYS B 66 -1.41 8.86 -1.05
C LYS B 66 -2.53 8.07 -0.39
N VAL B 67 -2.40 7.82 0.91
CA VAL B 67 -3.40 7.07 1.65
C VAL B 67 -4.79 7.69 1.48
N ASP B 68 -4.91 8.97 1.83
CA ASP B 68 -6.18 9.68 1.71
C ASP B 68 -6.70 9.62 0.28
N GLU B 69 -5.80 9.79 -0.68
CA GLU B 69 -6.17 9.76 -2.09
C GLU B 69 -6.89 8.46 -2.43
N ALA B 70 -6.31 7.34 -2.02
CA ALA B 70 -6.89 6.03 -2.28
C ALA B 70 -8.25 5.89 -1.59
N VAL B 71 -8.25 6.03 -0.28
CA VAL B 71 -9.48 5.91 0.51
C VAL B 71 -10.58 6.79 -0.07
N ALA B 72 -10.18 7.93 -0.66
CA ALA B 72 -11.14 8.84 -1.25
C ALA B 72 -11.65 8.32 -2.59
N VAL B 73 -10.76 7.68 -3.34
CA VAL B 73 -11.12 7.13 -4.64
C VAL B 73 -12.32 6.20 -4.55
N LEU B 74 -12.51 5.62 -3.37
CA LEU B 74 -13.63 4.71 -3.13
C LEU B 74 -14.95 5.47 -3.11
N GLN B 75 -15.01 6.53 -2.30
CA GLN B 75 -16.21 7.34 -2.19
C GLN B 75 -16.61 7.92 -3.54
N ALA B 76 -15.65 8.01 -4.44
CA ALA B 76 -15.90 8.54 -5.78
C ALA B 76 -16.51 7.49 -6.68
N HIS B 77 -16.70 6.29 -6.15
CA HIS B 77 -17.27 5.18 -6.90
C HIS B 77 -18.76 5.03 -6.61
N GLN B 78 -19.41 4.11 -7.30
CA GLN B 78 -20.84 3.86 -7.10
C GLN B 78 -21.13 2.37 -7.04
N ALA B 79 -20.76 1.65 -8.11
CA ALA B 79 -20.99 0.21 -8.18
C ALA B 79 -20.07 -0.53 -7.20
N LYS B 80 -20.20 -1.85 -7.17
CA LYS B 80 -19.40 -2.68 -6.28
C LYS B 80 -19.23 -4.09 -6.85
N GLU B 81 -17.99 -4.50 -7.05
CA GLU B 81 -17.69 -5.82 -7.59
C GLU B 81 -16.25 -6.22 -7.29
N ALA B 82 -16.08 -7.44 -6.77
CA ALA B 82 -14.75 -7.94 -6.44
C ALA B 82 -14.02 -6.99 -5.50
N ALA B 83 -14.66 -6.65 -4.38
CA ALA B 83 -14.07 -5.75 -3.40
C ALA B 83 -13.30 -6.53 -2.34
N ALA A 1 -1.04 20.76 -6.43
CA ALA A 1 -2.18 20.30 -7.21
C ALA A 1 -1.83 19.05 -8.02
N LYS A 2 -2.11 17.89 -7.44
CA LYS A 2 -1.83 16.62 -8.10
C LYS A 2 -2.62 15.48 -7.44
N PRO A 3 -3.95 15.49 -7.62
CA PRO A 3 -4.82 14.47 -7.05
C PRO A 3 -4.64 13.11 -7.71
N PHE A 4 -3.96 12.20 -7.03
CA PHE A 4 -3.73 10.86 -7.55
C PHE A 4 -5.04 10.13 -7.83
N VAL A 5 -5.04 9.31 -8.87
CA VAL A 5 -6.24 8.56 -9.23
C VAL A 5 -6.03 7.06 -9.03
N PRO A 6 -5.99 6.63 -7.76
CA PRO A 6 -5.80 5.22 -7.41
C PRO A 6 -7.01 4.35 -7.77
N ASN A 7 -6.75 3.08 -8.03
CA ASN A 7 -7.81 2.14 -8.39
C ASN A 7 -8.31 1.38 -7.16
N VAL A 8 -9.45 1.81 -6.63
CA VAL A 8 -10.04 1.17 -5.46
C VAL A 8 -10.18 -0.33 -5.67
N HIS A 9 -10.33 -0.74 -6.93
CA HIS A 9 -10.47 -2.15 -7.26
C HIS A 9 -9.13 -2.86 -7.20
N ALA A 10 -8.52 -2.86 -6.03
CA ALA A 10 -7.23 -3.51 -5.83
C ALA A 10 -7.39 -4.84 -5.09
N ALA A 11 -6.26 -5.41 -4.67
CA ALA A 11 -6.28 -6.68 -3.95
C ALA A 11 -5.12 -6.77 -2.97
N GLU A 12 -5.19 -7.74 -2.06
CA GLU A 12 -4.13 -7.93 -1.07
C GLU A 12 -2.77 -8.01 -1.72
N PHE A 13 -1.81 -7.27 -1.18
CA PHE A 13 -0.46 -7.24 -1.72
C PHE A 13 0.23 -8.59 -1.51
N VAL A 14 -0.21 -9.32 -0.50
CA VAL A 14 0.36 -10.63 -0.20
C VAL A 14 -0.68 -11.73 -0.32
N PRO A 15 -0.32 -12.83 -1.00
CA PRO A 15 -1.21 -13.97 -1.20
C PRO A 15 -1.47 -14.74 0.08
N SER A 16 -2.73 -15.12 0.30
CA SER A 16 -3.10 -15.86 1.50
C SER A 16 -2.83 -17.35 1.33
N PHE A 17 -3.08 -18.12 2.38
CA PHE A 17 -2.86 -19.56 2.35
C PHE A 17 -4.17 -20.32 2.50
N LEU A 18 -5.19 -19.64 3.02
CA LEU A 18 -6.50 -20.24 3.22
C LEU A 18 -7.59 -19.39 2.60
N ARG A 19 -8.44 -20.03 1.78
CA ARG A 19 -9.53 -19.32 1.11
C ARG A 19 -10.37 -18.53 2.12
N GLY A 20 -10.41 -19.03 3.36
CA GLY A 20 -11.18 -18.36 4.40
C GLY A 20 -10.72 -16.93 4.61
N PRO A 21 -11.55 -16.15 5.33
CA PRO A 21 -11.25 -14.74 5.63
C PRO A 21 -10.09 -14.58 6.60
N ALA A 22 -9.17 -13.68 6.28
CA ALA A 22 -8.01 -13.44 7.13
C ALA A 22 -8.44 -13.04 8.54
N GLY B 1 8.96 -1.63 18.30
CA GLY B 1 9.72 -0.49 17.78
C GLY B 1 9.42 -0.22 16.32
N GLN B 2 9.54 1.04 15.92
CA GLN B 2 9.28 1.43 14.54
C GLN B 2 10.57 1.81 13.83
N GLU B 3 10.60 1.60 12.52
CA GLU B 3 11.78 1.92 11.72
C GLU B 3 11.46 1.85 10.22
N PRO B 4 11.88 2.90 9.49
CA PRO B 4 11.65 2.99 8.04
C PRO B 4 12.47 1.97 7.26
N LEU B 5 12.33 2.00 5.94
CA LEU B 5 13.07 1.08 5.08
C LEU B 5 14.09 1.84 4.22
N THR B 6 15.09 1.11 3.74
CA THR B 6 16.13 1.71 2.90
C THR B 6 16.40 0.85 1.68
N ALA B 7 17.06 1.45 0.69
CA ALA B 7 17.39 0.74 -0.55
C ALA B 7 18.39 -0.38 -0.29
N SER B 8 19.01 -0.36 0.89
CA SER B 8 19.99 -1.37 1.26
C SER B 8 19.29 -2.66 1.69
N MET B 9 18.22 -2.53 2.45
CA MET B 9 17.47 -3.68 2.93
C MET B 9 16.56 -4.22 1.84
N LEU B 10 16.09 -3.34 0.97
CA LEU B 10 15.20 -3.73 -0.12
C LEU B 10 15.99 -4.37 -1.25
N ALA B 11 17.27 -4.02 -1.35
CA ALA B 11 18.14 -4.57 -2.39
C ALA B 11 18.57 -5.99 -2.06
N SER B 12 18.75 -6.26 -0.78
CA SER B 12 19.17 -7.58 -0.32
C SER B 12 18.27 -8.66 -0.89
N ALA B 13 17.00 -8.32 -1.10
CA ALA B 13 16.02 -9.26 -1.64
C ALA B 13 15.73 -8.96 -3.10
N PRO B 14 15.19 -9.96 -3.81
CA PRO B 14 14.85 -9.83 -5.23
C PRO B 14 13.67 -8.89 -5.46
N PRO B 15 13.44 -8.53 -6.73
CA PRO B 15 12.34 -7.64 -7.11
C PRO B 15 10.98 -8.30 -6.95
N GLN B 16 10.96 -9.62 -7.00
CA GLN B 16 9.71 -10.37 -6.87
C GLN B 16 9.27 -10.43 -5.40
N GLU B 17 10.22 -10.24 -4.49
CA GLU B 17 9.94 -10.28 -3.07
C GLU B 17 9.82 -8.86 -2.50
N GLN B 18 10.47 -7.92 -3.16
CA GLN B 18 10.45 -6.53 -2.72
C GLN B 18 9.01 -6.07 -2.44
N LYS B 19 8.09 -6.46 -3.32
CA LYS B 19 6.69 -6.10 -3.17
C LYS B 19 6.16 -6.55 -1.81
N GLN B 20 6.44 -7.79 -1.44
CA GLN B 20 5.99 -8.35 -0.18
C GLN B 20 6.62 -7.60 1.00
N MET B 21 7.89 -7.21 0.83
CA MET B 21 8.60 -6.49 1.87
C MET B 21 7.95 -5.14 2.15
N LEU B 22 7.91 -4.29 1.13
CA LEU B 22 7.31 -2.97 1.26
C LEU B 22 5.90 -3.06 1.83
N GLY B 23 5.10 -3.96 1.26
CA GLY B 23 3.74 -4.14 1.73
C GLY B 23 3.67 -4.66 3.15
N GLU B 24 4.59 -5.56 3.49
CA GLU B 24 4.63 -6.15 4.82
C GLU B 24 4.84 -5.08 5.87
N ARG B 25 5.78 -4.17 5.61
CA ARG B 25 6.08 -3.10 6.55
C ARG B 25 5.01 -2.02 6.50
N LEU B 26 4.42 -1.83 5.32
CA LEU B 26 3.38 -0.83 5.14
C LEU B 26 2.06 -1.29 5.74
N PHE B 27 1.92 -2.60 5.91
CA PHE B 27 0.70 -3.18 6.48
C PHE B 27 0.39 -2.56 7.83
N PRO B 28 1.34 -2.67 8.77
CA PRO B 28 1.19 -2.12 10.12
C PRO B 28 1.22 -0.59 10.14
N LEU B 29 1.99 -0.01 9.23
CA LEU B 29 2.11 1.43 9.14
C LEU B 29 0.75 2.08 8.90
N ILE B 30 0.07 1.64 7.84
CA ILE B 30 -1.24 2.17 7.49
C ILE B 30 -2.32 1.60 8.41
N GLN B 31 -2.01 0.48 9.05
CA GLN B 31 -2.95 -0.17 9.97
C GLN B 31 -3.37 0.79 11.07
N ALA B 32 -2.53 1.79 11.34
CA ALA B 32 -2.81 2.77 12.38
C ALA B 32 -3.85 3.78 11.91
N MET B 33 -4.13 3.77 10.61
CA MET B 33 -5.10 4.69 10.04
C MET B 33 -6.32 3.94 9.51
N HIS B 34 -6.08 3.01 8.58
CA HIS B 34 -7.16 2.22 8.01
C HIS B 34 -6.84 0.73 8.07
N PRO B 35 -6.93 0.16 9.29
CA PRO B 35 -6.65 -1.26 9.51
C PRO B 35 -7.72 -2.16 8.89
N THR B 36 -8.87 -1.58 8.57
CA THR B 36 -9.96 -2.34 7.97
C THR B 36 -9.52 -3.01 6.67
N LEU B 37 -8.80 -2.26 5.85
CA LEU B 37 -8.32 -2.78 4.57
C LEU B 37 -6.88 -2.35 4.31
N ALA B 38 -6.07 -2.35 5.37
CA ALA B 38 -4.67 -1.97 5.25
C ALA B 38 -4.00 -2.69 4.10
N GLY B 39 -4.15 -4.01 4.07
CA GLY B 39 -3.55 -4.80 3.01
C GLY B 39 -4.02 -4.38 1.63
N LYS B 40 -5.32 -4.21 1.48
CA LYS B 40 -5.90 -3.80 0.21
C LYS B 40 -5.25 -2.52 -0.30
N ILE B 41 -5.37 -1.45 0.47
CA ILE B 41 -4.79 -0.17 0.11
C ILE B 41 -3.27 -0.26 -0.03
N THR B 42 -2.67 -1.12 0.77
CA THR B 42 -1.22 -1.32 0.74
C THR B 42 -0.78 -1.94 -0.58
N GLY B 43 -1.63 -2.77 -1.16
CA GLY B 43 -1.31 -3.42 -2.41
C GLY B 43 -1.20 -2.43 -3.55
N MET B 44 -2.22 -1.61 -3.74
CA MET B 44 -2.22 -0.61 -4.81
C MET B 44 -1.18 0.47 -4.54
N LEU B 45 -1.09 0.91 -3.29
CA LEU B 45 -0.13 1.94 -2.91
C LEU B 45 1.29 1.51 -3.25
N LEU B 46 1.73 0.39 -2.67
CA LEU B 46 3.07 -0.12 -2.92
C LEU B 46 3.25 -0.50 -4.38
N GLU B 47 2.13 -0.74 -5.07
CA GLU B 47 2.16 -1.12 -6.47
C GLU B 47 2.44 0.09 -7.36
N ILE B 48 2.22 1.28 -6.80
CA ILE B 48 2.45 2.52 -7.53
C ILE B 48 3.83 2.52 -8.18
N ASP B 49 4.87 2.46 -7.35
CA ASP B 49 6.24 2.44 -7.84
C ASP B 49 7.23 2.42 -6.68
N ASN B 50 8.15 1.46 -6.74
CA ASN B 50 9.16 1.32 -5.69
C ASN B 50 10.11 2.51 -5.68
N SER B 51 10.27 3.14 -6.84
CA SER B 51 11.16 4.29 -6.97
C SER B 51 10.67 5.46 -6.11
N GLU B 52 9.38 5.76 -6.22
CA GLU B 52 8.80 6.84 -5.45
C GLU B 52 8.62 6.45 -3.98
N LEU B 53 8.13 5.22 -3.77
CA LEU B 53 7.91 4.72 -2.41
C LEU B 53 9.19 4.82 -1.58
N LEU B 54 10.31 4.41 -2.17
CA LEU B 54 11.60 4.46 -1.48
C LEU B 54 11.83 5.84 -0.88
N HIS B 55 11.33 6.87 -1.55
CA HIS B 55 11.48 8.24 -1.07
C HIS B 55 10.34 8.64 -0.15
N MET B 56 9.18 8.00 -0.35
CA MET B 56 8.01 8.29 0.46
C MET B 56 8.17 7.74 1.87
N LEU B 57 9.06 6.76 2.01
CA LEU B 57 9.31 6.15 3.32
C LEU B 57 9.54 7.22 4.39
N GLU B 58 10.43 8.16 4.10
CA GLU B 58 10.74 9.22 5.04
C GLU B 58 9.96 10.49 4.70
N SER B 59 8.88 10.33 3.93
CA SER B 59 8.05 11.45 3.53
C SER B 59 6.67 11.36 4.16
N PRO B 60 6.57 11.76 5.44
CA PRO B 60 5.30 11.73 6.18
C PRO B 60 4.31 12.77 5.68
N GLU B 61 4.78 13.64 4.78
CA GLU B 61 3.93 14.68 4.22
C GLU B 61 3.26 14.22 2.93
N SER B 62 3.80 13.14 2.35
CA SER B 62 3.26 12.59 1.11
C SER B 62 2.48 11.31 1.38
N LEU B 63 3.06 10.44 2.21
CA LEU B 63 2.42 9.17 2.54
C LEU B 63 0.97 9.38 2.98
N ARG B 64 0.78 10.29 3.94
CA ARG B 64 -0.55 10.58 4.45
C ARG B 64 -1.51 10.91 3.31
N SER B 65 -1.12 11.88 2.49
CA SER B 65 -1.95 12.30 1.35
C SER B 65 -2.35 11.11 0.51
N LYS B 66 -1.38 10.23 0.23
CA LYS B 66 -1.62 9.04 -0.58
C LYS B 66 -2.72 8.20 0.03
N VAL B 67 -2.55 7.81 1.30
CA VAL B 67 -3.54 7.00 2.01
C VAL B 67 -4.93 7.61 1.88
N ASP B 68 -5.05 8.87 2.27
CA ASP B 68 -6.33 9.56 2.21
C ASP B 68 -6.88 9.58 0.78
N GLU B 69 -6.00 9.86 -0.18
CA GLU B 69 -6.40 9.90 -1.58
C GLU B 69 -7.07 8.59 -2.00
N ALA B 70 -6.46 7.47 -1.62
CA ALA B 70 -7.01 6.16 -1.95
C ALA B 70 -8.36 5.93 -1.28
N VAL B 71 -8.37 6.03 0.05
CA VAL B 71 -9.60 5.84 0.81
C VAL B 71 -10.74 6.68 0.25
N ALA B 72 -10.40 7.87 -0.25
CA ALA B 72 -11.39 8.77 -0.83
C ALA B 72 -11.82 8.30 -2.21
N VAL B 73 -10.88 7.75 -2.97
CA VAL B 73 -11.16 7.25 -4.32
C VAL B 73 -12.30 6.25 -4.30
N LEU B 74 -12.51 5.60 -3.16
CA LEU B 74 -13.58 4.62 -3.02
C LEU B 74 -14.94 5.30 -2.96
N GLN B 75 -15.09 6.23 -2.03
CA GLN B 75 -16.35 6.96 -1.87
C GLN B 75 -16.80 7.55 -3.20
N ALA B 76 -15.84 7.89 -4.06
CA ALA B 76 -16.14 8.46 -5.36
C ALA B 76 -16.81 7.45 -6.27
N HIS B 77 -16.39 6.19 -6.16
CA HIS B 77 -16.95 5.12 -6.97
C HIS B 77 -18.46 5.01 -6.75
N GLN B 78 -18.85 4.52 -5.59
CA GLN B 78 -20.26 4.36 -5.25
C GLN B 78 -20.72 5.46 -4.32
N ALA B 79 -21.96 5.92 -4.52
CA ALA B 79 -22.53 6.97 -3.69
C ALA B 79 -24.01 7.20 -4.02
N LYS B 80 -24.74 7.71 -3.04
CA LYS B 80 -26.17 7.96 -3.23
C LYS B 80 -26.46 9.46 -3.22
N GLU B 81 -25.58 10.23 -2.58
CA GLU B 81 -25.74 11.67 -2.50
C GLU B 81 -24.76 12.38 -3.43
N ALA B 82 -25.16 12.57 -4.68
CA ALA B 82 -24.31 13.24 -5.67
C ALA B 82 -24.91 14.57 -6.09
N ALA B 83 -24.05 15.57 -6.27
CA ALA B 83 -24.49 16.90 -6.67
C ALA B 83 -25.11 16.87 -8.06
N ALA A 1 -5.23 18.91 -5.64
CA ALA A 1 -3.89 19.36 -6.01
C ALA A 1 -3.01 18.19 -6.42
N LYS A 2 -2.85 18.00 -7.73
CA LYS A 2 -2.03 16.92 -8.24
C LYS A 2 -2.56 15.56 -7.79
N PRO A 3 -3.69 15.14 -8.39
CA PRO A 3 -4.31 13.86 -8.05
C PRO A 3 -3.50 12.67 -8.54
N PHE A 4 -3.91 11.47 -8.14
CA PHE A 4 -3.22 10.25 -8.53
C PHE A 4 -4.15 9.30 -9.28
N VAL A 5 -5.39 9.19 -8.80
CA VAL A 5 -6.36 8.32 -9.43
C VAL A 5 -5.99 6.85 -9.27
N PRO A 6 -6.01 6.37 -8.02
CA PRO A 6 -5.67 4.99 -7.69
C PRO A 6 -6.74 4.00 -8.18
N ASN A 7 -6.44 2.71 -8.07
CA ASN A 7 -7.37 1.68 -8.50
C ASN A 7 -8.02 1.00 -7.30
N VAL A 8 -9.24 1.40 -7.00
CA VAL A 8 -9.98 0.82 -5.87
C VAL A 8 -10.06 -0.69 -5.99
N HIS A 9 -9.97 -1.19 -7.21
CA HIS A 9 -10.03 -2.63 -7.45
C HIS A 9 -8.71 -3.30 -7.08
N ALA A 10 -8.34 -3.19 -5.80
CA ALA A 10 -7.10 -3.79 -5.32
C ALA A 10 -7.39 -5.00 -4.43
N ALA A 11 -6.36 -5.49 -3.75
CA ALA A 11 -6.50 -6.64 -2.87
C ALA A 11 -5.31 -6.78 -1.95
N GLU A 12 -5.44 -7.61 -0.92
CA GLU A 12 -4.37 -7.83 0.03
C GLU A 12 -3.07 -8.17 -0.67
N PHE A 13 -2.11 -7.25 -0.60
CA PHE A 13 -0.80 -7.45 -1.24
C PHE A 13 -0.20 -8.79 -0.82
N VAL A 14 -0.53 -9.23 0.38
CA VAL A 14 -0.02 -10.49 0.90
C VAL A 14 -0.94 -11.66 0.55
N PRO A 15 -0.36 -12.75 0.06
CA PRO A 15 -1.12 -13.95 -0.33
C PRO A 15 -1.69 -14.68 0.88
N SER A 16 -3.03 -14.70 0.98
CA SER A 16 -3.69 -15.36 2.09
C SER A 16 -4.60 -16.48 1.58
N PHE A 17 -3.99 -17.59 1.19
CA PHE A 17 -4.75 -18.73 0.68
C PHE A 17 -5.46 -19.46 1.82
N LEU A 18 -4.87 -19.42 3.00
CA LEU A 18 -5.45 -20.07 4.17
C LEU A 18 -6.14 -19.06 5.08
N ARG A 19 -7.35 -19.39 5.51
CA ARG A 19 -8.13 -18.51 6.38
C ARG A 19 -7.38 -18.25 7.68
N GLY A 20 -7.97 -17.42 8.54
CA GLY A 20 -7.35 -17.11 9.81
C GLY A 20 -8.32 -17.16 10.97
N PRO A 21 -7.89 -16.66 12.14
CA PRO A 21 -8.72 -16.64 13.34
C PRO A 21 -9.88 -15.65 13.24
N ALA A 22 -10.99 -15.97 13.90
CA ALA A 22 -12.16 -15.09 13.88
C ALA A 22 -13.20 -15.57 14.88
N GLY B 1 12.98 -11.15 16.60
CA GLY B 1 12.54 -9.78 16.76
C GLY B 1 11.96 -9.21 15.47
N GLN B 2 11.30 -8.07 15.58
CA GLN B 2 10.70 -7.42 14.41
C GLN B 2 11.37 -6.08 14.13
N GLU B 3 12.46 -6.11 13.36
CA GLU B 3 13.18 -4.89 13.02
C GLU B 3 12.64 -4.27 11.74
N PRO B 4 12.93 -2.98 11.53
CA PRO B 4 12.48 -2.24 10.35
C PRO B 4 13.19 -2.71 9.08
N LEU B 5 12.86 -2.06 7.96
CA LEU B 5 13.46 -2.41 6.68
C LEU B 5 14.40 -1.31 6.20
N THR B 6 15.13 -1.57 5.12
CA THR B 6 16.06 -0.61 4.56
C THR B 6 16.24 -0.81 3.06
N ALA B 7 16.55 0.27 2.36
CA ALA B 7 16.74 0.21 0.91
C ALA B 7 17.81 -0.83 0.55
N SER B 8 18.93 -0.78 1.25
CA SER B 8 20.03 -1.70 1.00
C SER B 8 19.54 -3.15 1.03
N MET B 9 18.49 -3.40 1.82
CA MET B 9 17.93 -4.73 1.95
C MET B 9 17.00 -5.04 0.78
N LEU B 10 16.31 -4.02 0.29
CA LEU B 10 15.38 -4.18 -0.82
C LEU B 10 16.12 -4.59 -2.09
N ALA B 11 17.42 -4.28 -2.14
CA ALA B 11 18.24 -4.62 -3.29
C ALA B 11 18.68 -6.08 -3.24
N SER B 12 19.08 -6.54 -2.05
CA SER B 12 19.53 -7.91 -1.87
C SER B 12 18.47 -8.90 -2.34
N ALA B 13 17.21 -8.48 -2.29
CA ALA B 13 16.10 -9.32 -2.71
C ALA B 13 15.70 -9.02 -4.15
N PRO B 14 15.00 -9.97 -4.79
CA PRO B 14 14.54 -9.83 -6.17
C PRO B 14 13.44 -8.78 -6.32
N PRO B 15 13.15 -8.41 -7.58
CA PRO B 15 12.13 -7.41 -7.88
C PRO B 15 10.72 -7.93 -7.60
N GLN B 16 10.59 -9.22 -7.40
CA GLN B 16 9.30 -9.84 -7.11
C GLN B 16 9.02 -9.84 -5.61
N GLU B 17 10.08 -9.80 -4.81
CA GLU B 17 9.94 -9.80 -3.36
C GLU B 17 9.89 -8.37 -2.83
N GLN B 18 10.44 -7.43 -3.59
CA GLN B 18 10.46 -6.03 -3.19
C GLN B 18 9.05 -5.56 -2.81
N LYS B 19 8.09 -5.84 -3.68
CA LYS B 19 6.70 -5.44 -3.45
C LYS B 19 6.24 -5.90 -2.08
N GLN B 20 6.49 -7.17 -1.76
CA GLN B 20 6.09 -7.73 -0.47
C GLN B 20 6.76 -6.99 0.68
N MET B 21 8.02 -6.62 0.48
CA MET B 21 8.77 -5.89 1.51
C MET B 21 8.12 -4.54 1.81
N LEU B 22 8.04 -3.69 0.80
CA LEU B 22 7.44 -2.37 0.95
C LEU B 22 6.05 -2.48 1.59
N GLY B 23 5.20 -3.33 1.03
CA GLY B 23 3.87 -3.51 1.56
C GLY B 23 3.87 -4.06 2.98
N GLU B 24 4.84 -4.91 3.27
CA GLU B 24 4.95 -5.51 4.59
C GLU B 24 5.17 -4.44 5.66
N ARG B 25 6.02 -3.47 5.35
CA ARG B 25 6.32 -2.39 6.27
C ARG B 25 5.18 -1.38 6.31
N LEU B 26 4.54 -1.17 5.16
CA LEU B 26 3.43 -0.23 5.06
C LEU B 26 2.16 -0.81 5.70
N PHE B 27 2.13 -2.13 5.83
CA PHE B 27 0.98 -2.81 6.42
C PHE B 27 0.67 -2.26 7.80
N PRO B 28 1.65 -2.33 8.71
CA PRO B 28 1.51 -1.85 10.09
C PRO B 28 1.44 -0.33 10.15
N LEU B 29 2.14 0.34 9.24
CA LEU B 29 2.16 1.79 9.20
C LEU B 29 0.76 2.35 9.02
N ILE B 30 0.08 1.92 7.97
CA ILE B 30 -1.27 2.38 7.69
C ILE B 30 -2.28 1.72 8.62
N GLN B 31 -1.88 0.60 9.22
CA GLN B 31 -2.75 -0.13 10.14
C GLN B 31 -3.18 0.77 11.30
N ALA B 32 -2.37 1.79 11.58
CA ALA B 32 -2.67 2.72 12.66
C ALA B 32 -3.72 3.74 12.23
N MET B 33 -3.99 3.79 10.94
CA MET B 33 -4.98 4.73 10.40
C MET B 33 -6.21 3.99 9.90
N HIS B 34 -6.01 3.08 8.95
CA HIS B 34 -7.10 2.30 8.38
C HIS B 34 -6.75 0.82 8.32
N PRO B 35 -6.75 0.16 9.48
CA PRO B 35 -6.42 -1.26 9.59
C PRO B 35 -7.50 -2.15 8.97
N THR B 36 -8.68 -1.57 8.75
CA THR B 36 -9.79 -2.31 8.17
C THR B 36 -9.42 -2.91 6.82
N LEU B 37 -8.67 -2.15 6.03
CA LEU B 37 -8.23 -2.60 4.72
C LEU B 37 -6.80 -2.17 4.43
N ALA B 38 -5.99 -2.11 5.48
CA ALA B 38 -4.59 -1.70 5.34
C ALA B 38 -3.91 -2.46 4.20
N GLY B 39 -4.03 -3.79 4.22
CA GLY B 39 -3.42 -4.61 3.20
C GLY B 39 -3.90 -4.24 1.81
N LYS B 40 -5.20 -4.08 1.65
CA LYS B 40 -5.79 -3.72 0.37
C LYS B 40 -5.15 -2.45 -0.19
N ILE B 41 -5.29 -1.36 0.55
CA ILE B 41 -4.71 -0.08 0.14
C ILE B 41 -3.20 -0.17 0.00
N THR B 42 -2.59 -1.00 0.84
CA THR B 42 -1.14 -1.18 0.81
C THR B 42 -0.69 -1.84 -0.48
N GLY B 43 -1.55 -2.70 -1.03
CA GLY B 43 -1.22 -3.38 -2.27
C GLY B 43 -1.09 -2.44 -3.44
N MET B 44 -2.13 -1.64 -3.68
CA MET B 44 -2.13 -0.68 -4.77
C MET B 44 -1.08 0.41 -4.55
N LEU B 45 -0.98 0.87 -3.31
CA LEU B 45 -0.03 1.91 -2.96
C LEU B 45 1.40 1.46 -3.24
N LEU B 46 1.79 0.34 -2.65
CA LEU B 46 3.13 -0.21 -2.85
C LEU B 46 3.40 -0.50 -4.33
N GLU B 47 2.33 -0.77 -5.07
CA GLU B 47 2.45 -1.06 -6.49
C GLU B 47 2.69 0.22 -7.28
N ILE B 48 2.36 1.36 -6.68
CA ILE B 48 2.54 2.65 -7.34
C ILE B 48 3.95 2.77 -7.93
N ASP B 49 4.95 2.71 -7.06
CA ASP B 49 6.34 2.81 -7.49
C ASP B 49 7.29 2.75 -6.29
N ASN B 50 8.22 1.81 -6.33
CA ASN B 50 9.19 1.64 -5.25
C ASN B 50 10.14 2.82 -5.19
N SER B 51 10.38 3.45 -6.34
CA SER B 51 11.28 4.59 -6.43
C SER B 51 10.77 5.74 -5.56
N GLU B 52 9.46 5.97 -5.59
CA GLU B 52 8.85 7.04 -4.81
C GLU B 52 8.58 6.58 -3.38
N LEU B 53 8.08 5.35 -3.24
CA LEU B 53 7.77 4.80 -1.93
C LEU B 53 8.98 4.89 -1.01
N LEU B 54 10.15 4.49 -1.52
CA LEU B 54 11.37 4.52 -0.73
C LEU B 54 11.57 5.89 -0.09
N HIS B 55 11.18 6.94 -0.81
CA HIS B 55 11.33 8.30 -0.32
C HIS B 55 10.11 8.70 0.52
N MET B 56 8.98 8.04 0.27
CA MET B 56 7.75 8.33 0.99
C MET B 56 7.84 7.83 2.44
N LEU B 57 8.65 6.80 2.66
CA LEU B 57 8.83 6.24 3.99
C LEU B 57 9.13 7.34 5.00
N GLU B 58 9.97 8.29 4.61
CA GLU B 58 10.34 9.40 5.49
C GLU B 58 9.68 10.70 5.02
N SER B 59 8.52 10.57 4.41
CA SER B 59 7.78 11.73 3.91
C SER B 59 6.31 11.66 4.29
N PRO B 60 6.00 12.05 5.54
CA PRO B 60 4.64 12.04 6.06
C PRO B 60 3.75 13.09 5.39
N GLU B 61 4.37 13.98 4.62
CA GLU B 61 3.64 15.03 3.94
C GLU B 61 2.99 14.51 2.66
N SER B 62 3.55 13.43 2.12
CA SER B 62 3.03 12.83 0.90
C SER B 62 2.29 11.53 1.21
N LEU B 63 2.80 10.78 2.18
CA LEU B 63 2.20 9.51 2.57
C LEU B 63 0.71 9.68 2.83
N ARG B 64 0.37 10.48 3.84
CA ARG B 64 -1.03 10.73 4.18
C ARG B 64 -1.82 11.16 2.95
N SER B 65 -1.17 11.86 2.04
CA SER B 65 -1.82 12.34 0.82
C SER B 65 -2.31 11.17 -0.02
N LYS B 66 -1.39 10.27 -0.39
CA LYS B 66 -1.74 9.11 -1.19
C LYS B 66 -2.80 8.27 -0.51
N VAL B 67 -2.62 8.03 0.79
CA VAL B 67 -3.58 7.24 1.56
C VAL B 67 -4.99 7.80 1.42
N ASP B 68 -5.14 9.08 1.72
CA ASP B 68 -6.45 9.74 1.63
C ASP B 68 -7.01 9.64 0.22
N GLU B 69 -6.13 9.79 -0.78
CA GLU B 69 -6.54 9.71 -2.17
C GLU B 69 -7.21 8.38 -2.47
N ALA B 70 -6.58 7.29 -2.03
CA ALA B 70 -7.12 5.96 -2.25
C ALA B 70 -8.45 5.78 -1.53
N VAL B 71 -8.45 6.00 -0.22
CA VAL B 71 -9.65 5.86 0.58
C VAL B 71 -10.82 6.63 -0.03
N ALA B 72 -10.51 7.79 -0.60
CA ALA B 72 -11.52 8.63 -1.23
C ALA B 72 -11.95 8.07 -2.57
N VAL B 73 -10.99 7.49 -3.30
CA VAL B 73 -11.26 6.92 -4.60
C VAL B 73 -12.40 5.90 -4.54
N LEU B 74 -12.58 5.31 -3.36
CA LEU B 74 -13.63 4.32 -3.16
C LEU B 74 -15.00 4.99 -3.12
N GLN B 75 -15.15 5.96 -2.24
CA GLN B 75 -16.41 6.68 -2.10
C GLN B 75 -16.90 7.20 -3.45
N ALA B 76 -15.95 7.52 -4.33
CA ALA B 76 -16.30 8.01 -5.66
C ALA B 76 -16.99 6.94 -6.49
N HIS B 77 -16.38 5.77 -6.56
CA HIS B 77 -16.94 4.66 -7.32
C HIS B 77 -18.25 4.17 -6.68
N GLN B 78 -18.20 3.92 -5.38
CA GLN B 78 -19.38 3.45 -4.66
C GLN B 78 -19.58 4.24 -3.38
N ALA B 79 -20.78 4.80 -3.22
CA ALA B 79 -21.10 5.58 -2.03
C ALA B 79 -22.35 5.04 -1.34
N LYS B 80 -22.15 4.18 -0.35
CA LYS B 80 -23.25 3.58 0.39
C LYS B 80 -22.74 2.82 1.61
N GLU B 81 -23.32 3.12 2.77
CA GLU B 81 -22.92 2.45 4.01
C GLU B 81 -24.10 1.68 4.62
N ALA B 82 -23.78 0.62 5.34
CA ALA B 82 -24.81 -0.20 5.98
C ALA B 82 -24.99 0.18 7.44
N ALA B 83 -26.23 0.51 7.82
CA ALA B 83 -26.53 0.89 9.19
C ALA B 83 -27.37 -0.17 9.88
N ALA A 1 0.01 19.31 -7.56
CA ALA A 1 0.23 18.16 -8.43
C ALA A 1 -1.06 17.36 -8.62
N LYS A 2 -1.33 16.95 -9.86
CA LYS A 2 -2.53 16.19 -10.17
C LYS A 2 -2.66 14.98 -9.25
N PRO A 3 -3.90 14.50 -9.06
CA PRO A 3 -4.18 13.35 -8.21
C PRO A 3 -3.66 12.04 -8.79
N PHE A 4 -3.46 11.05 -7.94
CA PHE A 4 -2.95 9.75 -8.37
C PHE A 4 -4.04 8.94 -9.07
N VAL A 5 -5.25 8.97 -8.50
CA VAL A 5 -6.38 8.25 -9.06
C VAL A 5 -6.17 6.74 -8.96
N PRO A 6 -6.14 6.24 -7.72
CA PRO A 6 -5.95 4.81 -7.45
C PRO A 6 -7.17 3.97 -7.87
N ASN A 7 -6.96 2.67 -8.00
CA ASN A 7 -8.04 1.76 -8.39
C ASN A 7 -8.60 1.02 -7.19
N VAL A 8 -9.71 1.53 -6.64
CA VAL A 8 -10.35 0.93 -5.48
C VAL A 8 -10.57 -0.56 -5.70
N HIS A 9 -10.72 -0.96 -6.96
CA HIS A 9 -10.94 -2.36 -7.31
C HIS A 9 -9.64 -3.16 -7.22
N ALA A 10 -9.05 -3.17 -6.02
CA ALA A 10 -7.80 -3.89 -5.81
C ALA A 10 -8.01 -5.10 -4.91
N ALA A 11 -6.92 -5.70 -4.46
CA ALA A 11 -6.99 -6.88 -3.60
C ALA A 11 -5.81 -6.93 -2.63
N GLU A 12 -5.91 -7.76 -1.61
CA GLU A 12 -4.85 -7.91 -0.62
C GLU A 12 -3.51 -8.14 -1.30
N PHE A 13 -2.56 -7.24 -1.07
CA PHE A 13 -1.23 -7.35 -1.66
C PHE A 13 -0.64 -8.73 -1.40
N VAL A 14 -0.09 -9.34 -2.44
CA VAL A 14 0.51 -10.66 -2.33
C VAL A 14 1.51 -10.91 -3.45
N PRO A 15 2.70 -11.43 -3.08
CA PRO A 15 3.76 -11.73 -4.04
C PRO A 15 3.42 -12.91 -4.95
N SER A 16 2.99 -12.59 -6.17
CA SER A 16 2.62 -13.62 -7.14
C SER A 16 2.64 -13.07 -8.55
N PHE A 17 2.79 -13.96 -9.53
CA PHE A 17 2.83 -13.57 -10.93
C PHE A 17 1.58 -14.03 -11.66
N LEU A 18 1.53 -13.80 -12.97
CA LEU A 18 0.40 -14.20 -13.79
C LEU A 18 -0.86 -13.46 -13.36
N ARG A 19 -0.71 -12.19 -12.99
CA ARG A 19 -1.84 -11.38 -12.57
C ARG A 19 -2.97 -11.44 -13.58
N GLY A 20 -4.13 -10.90 -13.20
CA GLY A 20 -5.28 -10.91 -14.09
C GLY A 20 -6.52 -10.35 -13.43
N PRO A 21 -7.65 -10.39 -14.17
CA PRO A 21 -8.93 -9.88 -13.67
C PRO A 21 -9.50 -10.75 -12.56
N ALA A 22 -10.26 -10.12 -11.65
CA ALA A 22 -10.86 -10.84 -10.54
C ALA A 22 -12.38 -10.64 -10.53
N GLY B 1 8.94 -9.16 15.71
CA GLY B 1 9.94 -8.15 15.43
C GLY B 1 9.50 -7.18 14.34
N GLN B 2 9.74 -5.90 14.55
CA GLN B 2 9.36 -4.88 13.58
C GLN B 2 10.47 -3.83 13.44
N GLU B 3 10.71 -3.42 12.20
CA GLU B 3 11.74 -2.42 11.93
C GLU B 3 11.45 -1.69 10.61
N PRO B 4 12.06 -0.51 10.46
CA PRO B 4 11.89 0.32 9.26
C PRO B 4 12.55 -0.30 8.02
N LEU B 5 12.53 0.43 6.92
CA LEU B 5 13.12 -0.04 5.67
C LEU B 5 14.02 1.02 5.05
N THR B 6 14.93 0.59 4.17
CA THR B 6 15.85 1.50 3.51
C THR B 6 16.20 1.00 2.12
N ALA B 7 16.35 1.93 1.18
CA ALA B 7 16.70 1.59 -0.19
C ALA B 7 17.96 0.73 -0.24
N SER B 8 18.82 0.91 0.76
CA SER B 8 20.07 0.16 0.83
C SER B 8 19.82 -1.29 1.25
N MET B 9 18.84 -1.48 2.13
CA MET B 9 18.49 -2.81 2.60
C MET B 9 17.60 -3.53 1.60
N LEU B 10 16.55 -2.86 1.16
CA LEU B 10 15.61 -3.44 0.21
C LEU B 10 16.32 -3.81 -1.08
N ALA B 11 17.34 -3.04 -1.44
CA ALA B 11 18.11 -3.29 -2.66
C ALA B 11 18.77 -4.66 -2.61
N SER B 12 19.13 -5.11 -1.42
CA SER B 12 19.77 -6.40 -1.24
C SER B 12 18.83 -7.53 -1.64
N ALA B 13 17.53 -7.28 -1.54
CA ALA B 13 16.53 -8.28 -1.89
C ALA B 13 16.12 -8.16 -3.35
N PRO B 14 15.54 -9.24 -3.89
CA PRO B 14 15.10 -9.28 -5.29
C PRO B 14 13.90 -8.38 -5.55
N PRO B 15 13.59 -8.17 -6.83
CA PRO B 15 12.47 -7.32 -7.25
C PRO B 15 11.12 -7.96 -6.93
N GLN B 16 11.13 -9.25 -6.62
CA GLN B 16 9.91 -9.97 -6.29
C GLN B 16 9.62 -9.90 -4.79
N GLU B 17 10.68 -9.93 -3.99
CA GLU B 17 10.53 -9.87 -2.54
C GLU B 17 10.31 -8.45 -2.07
N GLN B 18 10.77 -7.49 -2.87
CA GLN B 18 10.62 -6.07 -2.54
C GLN B 18 9.15 -5.71 -2.36
N LYS B 19 8.29 -6.30 -3.18
CA LYS B 19 6.86 -6.04 -3.11
C LYS B 19 6.29 -6.53 -1.79
N GLN B 20 6.37 -7.84 -1.56
CA GLN B 20 5.86 -8.44 -0.34
C GLN B 20 6.41 -7.72 0.90
N MET B 21 7.69 -7.38 0.85
CA MET B 21 8.33 -6.68 1.95
C MET B 21 7.67 -5.33 2.22
N LEU B 22 7.57 -4.51 1.18
CA LEU B 22 6.96 -3.19 1.29
C LEU B 22 5.55 -3.30 1.87
N GLY B 23 4.72 -4.12 1.25
CA GLY B 23 3.35 -4.30 1.73
C GLY B 23 3.30 -4.84 3.15
N GLU B 24 4.11 -5.86 3.42
CA GLU B 24 4.15 -6.48 4.74
C GLU B 24 4.40 -5.42 5.81
N ARG B 25 5.37 -4.54 5.56
CA ARG B 25 5.70 -3.48 6.51
C ARG B 25 4.66 -2.37 6.47
N LEU B 26 4.03 -2.19 5.32
CA LEU B 26 3.01 -1.17 5.16
C LEU B 26 1.71 -1.57 5.84
N PHE B 27 1.54 -2.87 6.05
CA PHE B 27 0.34 -3.38 6.70
C PHE B 27 0.14 -2.76 8.07
N PRO B 28 1.14 -2.91 8.95
CA PRO B 28 1.10 -2.36 10.30
C PRO B 28 1.21 -0.84 10.32
N LEU B 29 1.90 -0.28 9.33
CA LEU B 29 2.07 1.15 9.23
C LEU B 29 0.72 1.86 9.07
N ILE B 30 0.00 1.49 8.02
CA ILE B 30 -1.31 2.08 7.76
C ILE B 30 -2.37 1.52 8.70
N GLN B 31 -2.07 0.38 9.30
CA GLN B 31 -2.99 -0.26 10.24
C GLN B 31 -3.33 0.68 11.40
N ALA B 32 -2.47 1.67 11.62
CA ALA B 32 -2.68 2.64 12.69
C ALA B 32 -3.53 3.81 12.21
N MET B 33 -4.07 3.69 11.01
CA MET B 33 -4.90 4.74 10.43
C MET B 33 -6.13 4.15 9.75
N HIS B 34 -5.90 3.30 8.75
CA HIS B 34 -6.98 2.66 8.02
C HIS B 34 -6.80 1.15 7.99
N PRO B 35 -6.95 0.51 9.16
CA PRO B 35 -6.80 -0.94 9.30
C PRO B 35 -7.95 -1.70 8.64
N THR B 36 -9.09 -1.03 8.50
CA THR B 36 -10.26 -1.64 7.87
C THR B 36 -9.91 -2.26 6.53
N LEU B 37 -9.10 -1.56 5.75
CA LEU B 37 -8.69 -2.04 4.44
C LEU B 37 -7.22 -1.75 4.18
N ALA B 38 -6.41 -1.80 5.23
CA ALA B 38 -4.98 -1.54 5.12
C ALA B 38 -4.37 -2.34 3.98
N GLY B 39 -4.59 -3.65 3.99
CA GLY B 39 -4.05 -4.50 2.96
C GLY B 39 -4.48 -4.06 1.56
N LYS B 40 -5.73 -3.68 1.43
CA LYS B 40 -6.27 -3.24 0.14
C LYS B 40 -5.53 -2.01 -0.36
N ILE B 41 -5.59 -0.93 0.40
CA ILE B 41 -4.91 0.31 0.04
C ILE B 41 -3.41 0.10 -0.10
N THR B 42 -2.88 -0.87 0.64
CA THR B 42 -1.46 -1.17 0.61
C THR B 42 -1.07 -1.77 -0.75
N GLY B 43 -1.86 -2.71 -1.24
CA GLY B 43 -1.59 -3.34 -2.51
C GLY B 43 -1.45 -2.32 -3.64
N MET B 44 -2.36 -1.35 -3.68
CA MET B 44 -2.32 -0.33 -4.72
C MET B 44 -1.15 0.63 -4.50
N LEU B 45 -0.99 1.08 -3.27
CA LEU B 45 0.09 2.00 -2.92
C LEU B 45 1.45 1.40 -3.28
N LEU B 46 1.72 0.22 -2.77
CA LEU B 46 2.99 -0.46 -3.04
C LEU B 46 3.12 -0.79 -4.51
N GLU B 47 1.98 -0.91 -5.19
CA GLU B 47 1.97 -1.23 -6.62
C GLU B 47 2.35 -0.01 -7.45
N ILE B 48 2.23 1.17 -6.85
CA ILE B 48 2.55 2.42 -7.54
C ILE B 48 3.94 2.34 -8.18
N ASP B 49 4.96 2.17 -7.35
CA ASP B 49 6.34 2.07 -7.84
C ASP B 49 7.32 1.99 -6.68
N ASN B 50 8.21 1.00 -6.73
CA ASN B 50 9.21 0.82 -5.69
C ASN B 50 10.16 2.00 -5.62
N SER B 51 10.35 2.67 -6.76
CA SER B 51 11.25 3.81 -6.83
C SER B 51 10.75 4.94 -5.93
N GLU B 52 9.49 5.32 -6.11
CA GLU B 52 8.89 6.39 -5.31
C GLU B 52 8.68 5.94 -3.86
N LEU B 53 8.14 4.74 -3.70
CA LEU B 53 7.88 4.19 -2.37
C LEU B 53 9.14 4.23 -1.51
N LEU B 54 10.27 3.82 -2.10
CA LEU B 54 11.54 3.82 -1.38
C LEU B 54 11.79 5.17 -0.72
N HIS B 55 11.36 6.24 -1.37
CA HIS B 55 11.53 7.58 -0.83
C HIS B 55 10.37 7.96 0.08
N MET B 56 9.21 7.37 -0.17
CA MET B 56 8.02 7.65 0.63
C MET B 56 8.18 7.09 2.05
N LEU B 57 9.02 6.07 2.18
CA LEU B 57 9.26 5.45 3.47
C LEU B 57 9.56 6.50 4.54
N GLU B 58 10.42 7.45 4.20
CA GLU B 58 10.79 8.51 5.12
C GLU B 58 10.15 9.84 4.72
N SER B 59 9.05 9.75 3.97
CA SER B 59 8.35 10.94 3.50
C SER B 59 6.94 11.01 4.10
N PRO B 60 6.87 11.48 5.37
CA PRO B 60 5.58 11.60 6.08
C PRO B 60 4.71 12.71 5.51
N GLU B 61 5.27 13.49 4.58
CA GLU B 61 4.53 14.58 3.96
C GLU B 61 3.80 14.10 2.71
N SER B 62 4.22 12.95 2.19
CA SER B 62 3.62 12.38 0.99
C SER B 62 2.76 11.17 1.34
N LEU B 63 3.25 10.36 2.26
CA LEU B 63 2.53 9.16 2.69
C LEU B 63 1.08 9.49 3.04
N ARG B 64 0.90 10.54 3.85
CA ARG B 64 -0.44 10.96 4.26
C ARG B 64 -1.33 11.19 3.04
N SER B 65 -0.88 12.03 2.13
CA SER B 65 -1.64 12.34 0.92
C SER B 65 -2.06 11.07 0.21
N LYS B 66 -1.11 10.16 0.02
CA LYS B 66 -1.37 8.90 -0.66
C LYS B 66 -2.53 8.15 0.02
N VAL B 67 -2.38 7.88 1.31
CA VAL B 67 -3.40 7.18 2.07
C VAL B 67 -4.77 7.84 1.89
N ASP B 68 -4.80 9.16 1.96
CA ASP B 68 -6.04 9.91 1.80
C ASP B 68 -6.58 9.77 0.38
N GLU B 69 -5.68 9.76 -0.60
CA GLU B 69 -6.07 9.63 -2.00
C GLU B 69 -6.84 8.33 -2.22
N ALA B 70 -6.28 7.22 -1.73
CA ALA B 70 -6.91 5.91 -1.88
C ALA B 70 -8.22 5.85 -1.12
N VAL B 71 -8.15 6.10 0.19
CA VAL B 71 -9.34 6.07 1.04
C VAL B 71 -10.45 6.94 0.46
N ALA B 72 -10.07 8.04 -0.16
CA ALA B 72 -11.03 8.96 -0.76
C ALA B 72 -11.58 8.40 -2.07
N VAL B 73 -10.73 7.69 -2.81
CA VAL B 73 -11.14 7.09 -4.08
C VAL B 73 -12.29 6.13 -3.89
N LEU B 74 -12.43 5.60 -2.68
CA LEU B 74 -13.51 4.66 -2.37
C LEU B 74 -14.86 5.38 -2.31
N GLN B 75 -14.92 6.44 -1.52
CA GLN B 75 -16.15 7.22 -1.37
C GLN B 75 -16.65 7.71 -2.73
N ALA B 76 -15.72 7.92 -3.66
CA ALA B 76 -16.06 8.38 -5.00
C ALA B 76 -16.79 7.30 -5.78
N HIS B 77 -16.58 6.05 -5.39
CA HIS B 77 -17.22 4.93 -6.07
C HIS B 77 -18.28 4.29 -5.17
N GLN B 78 -19.39 3.86 -5.77
CA GLN B 78 -20.47 3.24 -5.02
C GLN B 78 -21.16 2.17 -5.86
N ALA B 79 -21.19 0.94 -5.35
CA ALA B 79 -21.82 -0.17 -6.04
C ALA B 79 -23.10 -0.61 -5.33
N LYS B 80 -23.11 -0.46 -4.01
CA LYS B 80 -24.27 -0.84 -3.21
C LYS B 80 -24.24 -0.15 -1.84
N GLU B 81 -25.20 0.75 -1.63
CA GLU B 81 -25.28 1.47 -0.37
C GLU B 81 -25.35 0.51 0.82
N ALA B 82 -24.93 0.99 1.99
CA ALA B 82 -24.95 0.17 3.19
C ALA B 82 -26.03 0.63 4.16
N ALA B 83 -26.92 -0.30 4.51
CA ALA B 83 -28.02 0.02 5.44
C ALA B 83 -27.52 0.07 6.88
N ALA A 1 1.40 13.32 -5.19
CA ALA A 1 0.97 13.63 -3.84
C ALA A 1 -0.45 14.17 -3.82
N LYS A 2 -1.23 13.79 -4.83
CA LYS A 2 -2.62 14.23 -4.93
C LYS A 2 -3.28 13.67 -6.18
N PRO A 3 -2.73 14.03 -7.36
CA PRO A 3 -3.25 13.57 -8.64
C PRO A 3 -3.01 12.08 -8.86
N PHE A 4 -3.84 11.25 -8.25
CA PHE A 4 -3.71 9.80 -8.38
C PHE A 4 -5.09 9.14 -8.41
N VAL A 5 -5.33 8.34 -9.45
CA VAL A 5 -6.61 7.65 -9.60
C VAL A 5 -6.44 6.14 -9.40
N PRO A 6 -6.34 5.72 -8.14
CA PRO A 6 -6.17 4.31 -7.78
C PRO A 6 -7.43 3.49 -8.06
N ASN A 7 -7.43 2.23 -7.64
CA ASN A 7 -8.57 1.35 -7.84
C ASN A 7 -8.93 0.63 -6.55
N VAL A 8 -9.99 1.09 -5.89
CA VAL A 8 -10.45 0.49 -4.65
C VAL A 8 -10.55 -1.03 -4.78
N HIS A 9 -10.83 -1.51 -5.99
CA HIS A 9 -10.95 -2.93 -6.25
C HIS A 9 -9.57 -3.57 -6.41
N ALA A 10 -8.73 -3.42 -5.38
CA ALA A 10 -7.39 -3.99 -5.42
C ALA A 10 -7.18 -4.97 -4.27
N ALA A 11 -7.20 -6.26 -4.59
CA ALA A 11 -7.02 -7.31 -3.60
C ALA A 11 -5.75 -7.06 -2.78
N GLU A 12 -5.63 -7.76 -1.65
CA GLU A 12 -4.47 -7.62 -0.78
C GLU A 12 -3.18 -7.78 -1.58
N PHE A 13 -2.12 -7.12 -1.11
CA PHE A 13 -0.82 -7.19 -1.78
C PHE A 13 -0.20 -8.56 -1.60
N VAL A 14 -0.78 -9.36 -0.70
CA VAL A 14 -0.27 -10.71 -0.44
C VAL A 14 -0.07 -11.48 -1.73
N PRO A 15 0.83 -12.47 -1.69
CA PRO A 15 1.13 -13.32 -2.85
C PRO A 15 -0.02 -14.25 -3.21
N SER A 16 -0.12 -14.58 -4.49
CA SER A 16 -1.18 -15.47 -4.96
C SER A 16 -0.75 -16.19 -6.23
N PHE A 17 0.30 -17.00 -6.12
CA PHE A 17 0.80 -17.76 -7.26
C PHE A 17 -0.17 -18.86 -7.67
N LEU A 18 -0.94 -19.33 -6.70
CA LEU A 18 -1.91 -20.40 -6.95
C LEU A 18 -3.34 -19.85 -6.89
N ARG A 19 -4.31 -20.72 -7.16
CA ARG A 19 -5.71 -20.32 -7.14
C ARG A 19 -6.54 -21.34 -6.36
N GLY A 20 -7.80 -20.99 -6.10
CA GLY A 20 -8.68 -21.88 -5.37
C GLY A 20 -9.72 -21.12 -4.56
N PRO A 21 -9.28 -20.52 -3.44
CA PRO A 21 -10.17 -19.75 -2.57
C PRO A 21 -10.65 -18.45 -3.20
N ALA A 22 -11.36 -17.64 -2.43
CA ALA A 22 -11.87 -16.37 -2.92
C ALA A 22 -10.82 -15.27 -2.82
N GLY B 1 13.65 -7.81 15.94
CA GLY B 1 13.58 -7.39 14.55
C GLY B 1 12.83 -6.08 14.38
N GLN B 2 11.91 -6.06 13.42
CA GLN B 2 11.11 -4.86 13.16
C GLN B 2 12.01 -3.71 12.70
N GLU B 3 13.23 -4.05 12.28
CA GLU B 3 14.17 -3.04 11.82
C GLU B 3 13.56 -2.18 10.71
N PRO B 4 14.14 -1.00 10.49
CA PRO B 4 13.68 -0.06 9.46
C PRO B 4 13.94 -0.57 8.05
N LEU B 5 13.58 0.24 7.05
CA LEU B 5 13.79 -0.14 5.66
C LEU B 5 14.82 0.77 5.01
N THR B 6 15.46 0.26 3.95
CA THR B 6 16.47 1.02 3.24
C THR B 6 16.69 0.47 1.83
N ALA B 7 17.04 1.35 0.90
CA ALA B 7 17.28 0.94 -0.48
C ALA B 7 18.37 -0.12 -0.56
N SER B 8 19.24 -0.14 0.44
CA SER B 8 20.34 -1.11 0.48
C SER B 8 19.89 -2.41 1.13
N MET B 9 18.93 -2.32 2.04
CA MET B 9 18.41 -3.49 2.74
C MET B 9 17.40 -4.23 1.86
N LEU B 10 16.55 -3.47 1.18
CA LEU B 10 15.54 -4.05 0.30
C LEU B 10 16.18 -4.71 -0.91
N ALA B 11 17.36 -4.24 -1.28
CA ALA B 11 18.07 -4.79 -2.42
C ALA B 11 18.40 -6.27 -2.21
N SER B 12 18.56 -6.66 -0.95
CA SER B 12 18.88 -8.04 -0.62
C SER B 12 17.88 -9.00 -1.26
N ALA B 13 16.66 -8.52 -1.47
CA ALA B 13 15.61 -9.33 -2.07
C ALA B 13 15.43 -8.96 -3.54
N PRO B 14 14.81 -9.87 -4.31
CA PRO B 14 14.55 -9.67 -5.73
C PRO B 14 13.48 -8.60 -5.98
N PRO B 15 13.35 -8.18 -7.24
CA PRO B 15 12.37 -7.16 -7.65
C PRO B 15 10.94 -7.67 -7.56
N GLN B 16 10.79 -8.98 -7.43
CA GLN B 16 9.48 -9.60 -7.35
C GLN B 16 9.01 -9.70 -5.90
N GLU B 17 9.97 -9.70 -4.98
CA GLU B 17 9.66 -9.79 -3.55
C GLU B 17 9.63 -8.41 -2.92
N GLN B 18 10.30 -7.46 -3.55
CA GLN B 18 10.35 -6.10 -3.03
C GLN B 18 8.95 -5.60 -2.68
N LYS B 19 7.98 -5.88 -3.55
CA LYS B 19 6.61 -5.46 -3.32
C LYS B 19 6.08 -6.01 -2.01
N GLN B 20 6.37 -7.28 -1.74
CA GLN B 20 5.92 -7.93 -0.51
C GLN B 20 6.55 -7.25 0.71
N MET B 21 7.83 -6.91 0.61
CA MET B 21 8.53 -6.27 1.70
C MET B 21 7.90 -4.92 2.04
N LEU B 22 7.87 -4.02 1.07
CA LEU B 22 7.29 -2.70 1.26
C LEU B 22 5.89 -2.79 1.84
N GLY B 23 5.04 -3.57 1.18
CA GLY B 23 3.67 -3.75 1.64
C GLY B 23 3.60 -4.35 3.03
N GLU B 24 4.45 -5.34 3.29
CA GLU B 24 4.48 -5.99 4.59
C GLU B 24 4.71 -4.99 5.71
N ARG B 25 5.64 -4.07 5.50
CA ARG B 25 5.96 -3.05 6.49
C ARG B 25 4.89 -1.96 6.51
N LEU B 26 4.26 -1.74 5.35
CA LEU B 26 3.21 -0.73 5.23
C LEU B 26 1.92 -1.21 5.87
N PHE B 27 1.77 -2.53 5.99
CA PHE B 27 0.58 -3.12 6.58
C PHE B 27 0.33 -2.56 7.98
N PRO B 28 1.32 -2.72 8.87
CA PRO B 28 1.23 -2.24 10.25
C PRO B 28 1.27 -0.71 10.33
N LEU B 29 1.97 -0.09 9.39
CA LEU B 29 2.10 1.36 9.36
C LEU B 29 0.72 2.01 9.21
N ILE B 30 0.01 1.65 8.14
CA ILE B 30 -1.30 2.20 7.88
C ILE B 30 -2.35 1.59 8.81
N GLN B 31 -2.01 0.44 9.38
CA GLN B 31 -2.92 -0.25 10.29
C GLN B 31 -3.30 0.66 11.47
N ALA B 32 -2.48 1.66 11.72
CA ALA B 32 -2.72 2.60 12.82
C ALA B 32 -3.58 3.77 12.35
N MET B 33 -4.12 3.66 11.15
CA MET B 33 -4.96 4.71 10.58
C MET B 33 -6.18 4.12 9.88
N HIS B 34 -5.94 3.28 8.88
CA HIS B 34 -7.01 2.64 8.13
C HIS B 34 -6.77 1.14 7.99
N PRO B 35 -6.85 0.42 9.12
CA PRO B 35 -6.64 -1.03 9.15
C PRO B 35 -7.76 -1.79 8.45
N THR B 36 -8.94 -1.17 8.39
CA THR B 36 -10.09 -1.79 7.76
C THR B 36 -9.75 -2.30 6.36
N LEU B 37 -8.90 -1.56 5.66
CA LEU B 37 -8.49 -1.92 4.31
C LEU B 37 -7.02 -1.60 4.08
N ALA B 38 -6.23 -1.64 5.15
CA ALA B 38 -4.81 -1.35 5.07
C ALA B 38 -4.15 -2.15 3.95
N GLY B 39 -4.33 -3.47 3.99
CA GLY B 39 -3.74 -4.32 2.97
C GLY B 39 -4.13 -3.90 1.56
N LYS B 40 -5.41 -3.55 1.39
CA LYS B 40 -5.91 -3.13 0.08
C LYS B 40 -5.17 -1.90 -0.41
N ILE B 41 -5.28 -0.81 0.35
CA ILE B 41 -4.61 0.44 -0.01
C ILE B 41 -3.10 0.27 -0.07
N THR B 42 -2.60 -0.75 0.63
CA THR B 42 -1.17 -1.03 0.65
C THR B 42 -0.69 -1.56 -0.70
N GLY B 43 -1.42 -2.56 -1.22
CA GLY B 43 -1.05 -3.14 -2.50
C GLY B 43 -0.93 -2.11 -3.59
N MET B 44 -1.88 -1.17 -3.63
CA MET B 44 -1.88 -0.12 -4.64
C MET B 44 -0.75 0.88 -4.38
N LEU B 45 -0.70 1.40 -3.17
CA LEU B 45 0.33 2.37 -2.80
C LEU B 45 1.72 1.85 -3.14
N LEU B 46 2.03 0.65 -2.66
CA LEU B 46 3.32 0.04 -2.91
C LEU B 46 3.50 -0.26 -4.40
N GLU B 47 2.38 -0.42 -5.11
CA GLU B 47 2.42 -0.71 -6.54
C GLU B 47 2.75 0.55 -7.33
N ILE B 48 2.55 1.70 -6.71
CA ILE B 48 2.83 2.98 -7.36
C ILE B 48 4.22 2.99 -7.99
N ASP B 49 5.24 2.84 -7.16
CA ASP B 49 6.62 2.83 -7.63
C ASP B 49 7.59 2.74 -6.46
N ASN B 50 8.50 1.76 -6.53
CA ASN B 50 9.49 1.56 -5.47
C ASN B 50 10.44 2.75 -5.39
N SER B 51 10.63 3.43 -6.51
CA SER B 51 11.53 4.58 -6.57
C SER B 51 11.05 5.69 -5.64
N GLU B 52 9.76 6.02 -5.73
CA GLU B 52 9.18 7.07 -4.89
C GLU B 52 8.94 6.54 -3.48
N LEU B 53 8.37 5.34 -3.38
CA LEU B 53 8.08 4.75 -2.08
C LEU B 53 9.32 4.75 -1.19
N LEU B 54 10.45 4.37 -1.76
CA LEU B 54 11.71 4.34 -1.02
C LEU B 54 11.94 5.66 -0.28
N HIS B 55 11.47 6.75 -0.88
CA HIS B 55 11.63 8.07 -0.27
C HIS B 55 10.41 8.41 0.60
N MET B 56 9.28 7.81 0.28
CA MET B 56 8.04 8.06 1.03
C MET B 56 8.13 7.44 2.42
N LEU B 57 8.98 6.44 2.57
CA LEU B 57 9.16 5.76 3.85
C LEU B 57 9.35 6.77 4.98
N GLU B 58 10.13 7.80 4.71
CA GLU B 58 10.39 8.84 5.71
C GLU B 58 9.73 10.15 5.30
N SER B 59 8.73 10.06 4.45
CA SER B 59 8.01 11.25 3.99
C SER B 59 6.55 11.22 4.43
N PRO B 60 6.31 11.70 5.66
CA PRO B 60 4.97 11.74 6.24
C PRO B 60 4.07 12.76 5.56
N GLU B 61 4.66 13.57 4.69
CA GLU B 61 3.92 14.60 3.96
C GLU B 61 3.29 14.03 2.69
N SER B 62 3.88 12.96 2.19
CA SER B 62 3.38 12.31 0.97
C SER B 62 2.59 11.05 1.31
N LEU B 63 3.04 10.33 2.33
CA LEU B 63 2.37 9.10 2.75
C LEU B 63 0.88 9.34 2.96
N ARG B 64 0.55 10.21 3.91
CA ARG B 64 -0.83 10.53 4.21
C ARG B 64 -1.58 10.94 2.95
N SER B 65 -0.87 11.58 2.01
CA SER B 65 -1.46 12.02 0.76
C SER B 65 -2.00 10.83 -0.04
N LYS B 66 -1.12 9.88 -0.32
CA LYS B 66 -1.48 8.69 -1.08
C LYS B 66 -2.61 7.93 -0.38
N VAL B 67 -2.48 7.77 0.94
CA VAL B 67 -3.47 7.06 1.73
C VAL B 67 -4.86 7.66 1.53
N ASP B 68 -4.99 8.95 1.82
CA ASP B 68 -6.26 9.64 1.67
C ASP B 68 -6.79 9.51 0.24
N GLU B 69 -5.90 9.69 -0.74
CA GLU B 69 -6.27 9.59 -2.14
C GLU B 69 -6.99 8.28 -2.42
N ALA B 70 -6.39 7.17 -1.99
CA ALA B 70 -6.97 5.85 -2.19
C ALA B 70 -8.32 5.73 -1.50
N VAL B 71 -8.32 5.95 -0.18
CA VAL B 71 -9.54 5.86 0.60
C VAL B 71 -10.65 6.69 -0.02
N ALA B 72 -10.28 7.77 -0.69
CA ALA B 72 -11.25 8.64 -1.34
C ALA B 72 -11.76 8.02 -2.63
N VAL B 73 -10.88 7.35 -3.35
CA VAL B 73 -11.26 6.71 -4.61
C VAL B 73 -12.43 5.76 -4.41
N LEU B 74 -12.58 5.25 -3.19
CA LEU B 74 -13.67 4.33 -2.87
C LEU B 74 -14.99 5.08 -2.75
N GLN B 75 -14.95 6.23 -2.10
CA GLN B 75 -16.15 7.04 -1.92
C GLN B 75 -16.81 7.35 -3.26
N ALA B 76 -16.01 7.42 -4.30
CA ALA B 76 -16.51 7.71 -5.63
C ALA B 76 -17.32 6.54 -6.19
N HIS B 77 -17.04 5.34 -5.67
CA HIS B 77 -17.75 4.14 -6.11
C HIS B 77 -19.25 4.32 -5.97
N GLN B 78 -19.67 5.16 -5.03
CA GLN B 78 -21.08 5.42 -4.80
C GLN B 78 -21.71 6.11 -6.01
N ALA B 79 -20.91 6.88 -6.73
CA ALA B 79 -21.40 7.60 -7.91
C ALA B 79 -22.11 6.65 -8.87
N LYS B 80 -22.82 7.23 -9.83
CA LYS B 80 -23.56 6.44 -10.81
C LYS B 80 -23.22 6.88 -12.23
N GLU B 81 -23.89 6.29 -13.21
CA GLU B 81 -23.66 6.62 -14.61
C GLU B 81 -24.98 6.74 -15.37
N ALA B 82 -24.89 6.98 -16.66
CA ALA B 82 -26.07 7.11 -17.50
C ALA B 82 -26.49 5.75 -18.08
N ALA B 83 -27.30 5.03 -17.32
CA ALA B 83 -27.78 3.71 -17.75
C ALA B 83 -29.28 3.57 -17.53
N ALA A 1 -5.56 21.06 -9.29
CA ALA A 1 -6.01 19.88 -8.55
C ALA A 1 -5.84 18.61 -9.38
N LYS A 2 -4.85 17.80 -9.02
CA LYS A 2 -4.59 16.56 -9.73
C LYS A 2 -4.49 15.39 -8.76
N PRO A 3 -5.63 14.97 -8.20
CA PRO A 3 -5.70 13.86 -7.25
C PRO A 3 -5.42 12.52 -7.92
N PHE A 4 -4.57 11.72 -7.27
CA PHE A 4 -4.23 10.40 -7.79
C PHE A 4 -5.47 9.58 -8.11
N VAL A 5 -5.39 8.78 -9.17
CA VAL A 5 -6.52 7.95 -9.59
C VAL A 5 -6.21 6.47 -9.41
N PRO A 6 -6.20 6.02 -8.15
CA PRO A 6 -5.91 4.62 -7.81
C PRO A 6 -7.04 3.68 -8.26
N ASN A 7 -6.80 2.38 -8.09
CA ASN A 7 -7.80 1.37 -8.48
C ASN A 7 -8.46 0.77 -7.24
N VAL A 8 -9.64 1.29 -6.90
CA VAL A 8 -10.38 0.81 -5.74
C VAL A 8 -10.66 -0.68 -5.86
N HIS A 9 -10.69 -1.19 -7.09
CA HIS A 9 -10.95 -2.59 -7.33
C HIS A 9 -9.72 -3.44 -6.99
N ALA A 10 -8.63 -2.77 -6.63
CA ALA A 10 -7.40 -3.46 -6.28
C ALA A 10 -7.65 -4.54 -5.23
N ALA A 11 -6.65 -5.38 -5.00
CA ALA A 11 -6.77 -6.46 -4.02
C ALA A 11 -5.61 -6.44 -3.04
N GLU A 12 -5.75 -7.18 -1.95
CA GLU A 12 -4.71 -7.25 -0.93
C GLU A 12 -3.36 -7.57 -1.56
N PHE A 13 -2.29 -7.23 -0.83
CA PHE A 13 -0.93 -7.48 -1.32
C PHE A 13 -0.39 -8.80 -0.75
N VAL A 14 -0.87 -9.17 0.42
CA VAL A 14 -0.44 -10.41 1.07
C VAL A 14 -1.16 -11.61 0.49
N PRO A 15 -0.40 -12.67 0.18
CA PRO A 15 -0.95 -13.91 -0.39
C PRO A 15 -1.78 -14.69 0.62
N SER A 16 -1.24 -14.87 1.82
CA SER A 16 -1.93 -15.60 2.88
C SER A 16 -2.74 -14.65 3.76
N PHE A 17 -3.72 -15.21 4.46
CA PHE A 17 -4.57 -14.40 5.34
C PHE A 17 -4.78 -15.11 6.67
N LEU A 18 -3.84 -15.96 7.04
CA LEU A 18 -3.93 -16.70 8.30
C LEU A 18 -2.53 -16.94 8.88
N ARG A 19 -2.37 -16.65 10.17
CA ARG A 19 -1.10 -16.84 10.84
C ARG A 19 -0.60 -18.27 10.67
N GLY A 20 -1.53 -19.20 10.47
CA GLY A 20 -1.16 -20.60 10.31
C GLY A 20 -1.25 -21.38 11.60
N PRO A 21 -2.48 -21.61 12.08
CA PRO A 21 -2.72 -22.36 13.31
C PRO A 21 -2.39 -23.83 13.17
N ALA A 22 -1.45 -24.31 13.99
CA ALA A 22 -1.05 -25.70 13.96
C ALA A 22 -1.96 -26.57 14.84
N GLY B 1 11.35 -1.42 18.62
CA GLY B 1 12.62 -1.05 18.04
C GLY B 1 12.86 -1.71 16.69
N GLN B 2 11.96 -1.45 15.74
CA GLN B 2 12.07 -2.04 14.41
C GLN B 2 12.89 -1.13 13.49
N GLU B 3 13.81 -1.74 12.74
CA GLU B 3 14.66 -0.98 11.82
C GLU B 3 13.94 -0.75 10.49
N PRO B 4 14.08 0.49 9.96
CA PRO B 4 13.45 0.87 8.70
C PRO B 4 14.09 0.18 7.51
N LEU B 5 13.60 0.50 6.31
CA LEU B 5 14.13 -0.08 5.09
C LEU B 5 15.13 0.86 4.41
N THR B 6 16.04 0.29 3.63
CA THR B 6 17.05 1.08 2.93
C THR B 6 17.46 0.40 1.63
N ALA B 7 18.25 1.11 0.83
CA ALA B 7 18.72 0.57 -0.44
C ALA B 7 19.45 -0.75 -0.24
N SER B 8 20.09 -0.89 0.91
CA SER B 8 20.83 -2.11 1.22
C SER B 8 19.90 -3.31 1.27
N MET B 9 18.85 -3.20 2.09
CA MET B 9 17.87 -4.28 2.24
C MET B 9 17.10 -4.50 0.93
N LEU B 10 16.60 -3.41 0.37
CA LEU B 10 15.84 -3.49 -0.88
C LEU B 10 16.68 -4.13 -1.98
N ALA B 11 17.99 -4.07 -1.84
CA ALA B 11 18.91 -4.65 -2.83
C ALA B 11 19.17 -6.11 -2.52
N SER B 12 19.41 -6.43 -1.25
CA SER B 12 19.69 -7.80 -0.84
C SER B 12 18.60 -8.74 -1.35
N ALA B 13 17.39 -8.23 -1.48
CA ALA B 13 16.27 -9.02 -1.96
C ALA B 13 16.00 -8.77 -3.44
N PRO B 14 15.28 -9.70 -4.09
CA PRO B 14 14.95 -9.60 -5.51
C PRO B 14 13.93 -8.50 -5.79
N PRO B 15 13.75 -8.16 -7.06
CA PRO B 15 12.80 -7.12 -7.49
C PRO B 15 11.35 -7.55 -7.30
N GLN B 16 11.15 -8.82 -6.96
CA GLN B 16 9.82 -9.35 -6.75
C GLN B 16 9.46 -9.36 -5.27
N GLU B 17 10.45 -9.65 -4.43
CA GLU B 17 10.24 -9.69 -2.98
C GLU B 17 10.13 -8.27 -2.41
N GLN B 18 10.74 -7.32 -3.10
CA GLN B 18 10.72 -5.93 -2.66
C GLN B 18 9.29 -5.47 -2.38
N LYS B 19 8.39 -5.77 -3.31
CA LYS B 19 6.99 -5.39 -3.18
C LYS B 19 6.43 -5.86 -1.84
N GLN B 20 6.60 -7.15 -1.55
CA GLN B 20 6.11 -7.73 -0.30
C GLN B 20 6.70 -7.00 0.91
N MET B 21 7.97 -6.60 0.78
CA MET B 21 8.65 -5.90 1.86
C MET B 21 7.97 -4.56 2.15
N LEU B 22 7.92 -3.70 1.15
CA LEU B 22 7.29 -2.38 1.30
C LEU B 22 5.89 -2.51 1.87
N GLY B 23 5.09 -3.38 1.26
CA GLY B 23 3.73 -3.58 1.72
C GLY B 23 3.67 -4.16 3.12
N GLU B 24 4.63 -5.02 3.45
CA GLU B 24 4.68 -5.65 4.76
C GLU B 24 4.85 -4.61 5.86
N ARG B 25 5.76 -3.67 5.64
CA ARG B 25 6.02 -2.61 6.62
C ARG B 25 4.92 -1.56 6.58
N LEU B 26 4.32 -1.38 5.40
CA LEU B 26 3.25 -0.40 5.23
C LEU B 26 1.95 -0.91 5.82
N PHE B 27 1.83 -2.23 5.91
CA PHE B 27 0.62 -2.85 6.46
C PHE B 27 0.28 -2.25 7.82
N PRO B 28 1.23 -2.35 8.77
CA PRO B 28 1.05 -1.84 10.13
C PRO B 28 1.03 -0.31 10.17
N LEU B 29 1.81 0.31 9.27
CA LEU B 29 1.87 1.77 9.21
C LEU B 29 0.49 2.37 8.98
N ILE B 30 -0.17 1.93 7.90
CA ILE B 30 -1.50 2.42 7.58
C ILE B 30 -2.55 1.81 8.48
N GLN B 31 -2.22 0.69 9.10
CA GLN B 31 -3.13 0.00 10.00
C GLN B 31 -3.57 0.92 11.13
N ALA B 32 -2.77 1.93 11.41
CA ALA B 32 -3.06 2.89 12.47
C ALA B 32 -4.14 3.88 12.03
N MET B 33 -4.54 3.79 10.76
CA MET B 33 -5.56 4.67 10.21
C MET B 33 -6.71 3.87 9.61
N HIS B 34 -6.38 3.02 8.64
CA HIS B 34 -7.38 2.20 7.98
C HIS B 34 -7.02 0.72 8.06
N PRO B 35 -7.10 0.16 9.28
CA PRO B 35 -6.79 -1.25 9.54
C PRO B 35 -7.82 -2.19 8.92
N THR B 36 -9.02 -1.67 8.68
CA THR B 36 -10.10 -2.46 8.10
C THR B 36 -9.67 -3.07 6.77
N LEU B 37 -8.90 -2.32 5.99
CA LEU B 37 -8.43 -2.78 4.69
C LEU B 37 -6.99 -2.32 4.45
N ALA B 38 -6.19 -2.28 5.51
CA ALA B 38 -4.80 -1.87 5.39
C ALA B 38 -4.10 -2.60 4.25
N GLY B 39 -4.17 -3.92 4.26
CA GLY B 39 -3.54 -4.71 3.22
C GLY B 39 -4.03 -4.34 1.84
N LYS B 40 -5.34 -4.17 1.70
CA LYS B 40 -5.94 -3.82 0.42
C LYS B 40 -5.32 -2.52 -0.13
N ILE B 41 -5.46 -1.44 0.62
CA ILE B 41 -4.91 -0.16 0.20
C ILE B 41 -3.40 -0.22 0.07
N THR B 42 -2.77 -1.05 0.90
CA THR B 42 -1.32 -1.21 0.87
C THR B 42 -0.87 -1.87 -0.43
N GLY B 43 -1.71 -2.75 -0.97
CA GLY B 43 -1.37 -3.44 -2.20
C GLY B 43 -1.26 -2.50 -3.37
N MET B 44 -2.30 -1.70 -3.59
CA MET B 44 -2.30 -0.75 -4.70
C MET B 44 -1.27 0.36 -4.48
N LEU B 45 -1.24 0.89 -3.26
CA LEU B 45 -0.31 1.96 -2.91
C LEU B 45 1.12 1.54 -3.22
N LEU B 46 1.50 0.35 -2.79
CA LEU B 46 2.84 -0.17 -3.01
C LEU B 46 3.05 -0.51 -4.49
N GLU B 47 1.95 -0.71 -5.21
CA GLU B 47 2.02 -1.03 -6.63
C GLU B 47 2.35 0.20 -7.45
N ILE B 48 2.11 1.37 -6.88
CA ILE B 48 2.38 2.63 -7.56
C ILE B 48 3.77 2.63 -8.19
N ASP B 49 4.79 2.51 -7.34
CA ASP B 49 6.17 2.50 -7.81
C ASP B 49 7.14 2.40 -6.64
N ASN B 50 8.05 1.44 -6.70
CA ASN B 50 9.04 1.24 -5.64
C ASN B 50 9.99 2.41 -5.57
N SER B 51 10.21 3.07 -6.71
CA SER B 51 11.11 4.22 -6.78
C SER B 51 10.63 5.34 -5.87
N GLU B 52 9.35 5.68 -5.98
CA GLU B 52 8.76 6.74 -5.17
C GLU B 52 8.53 6.27 -3.74
N LEU B 53 7.97 5.08 -3.59
CA LEU B 53 7.70 4.52 -2.27
C LEU B 53 8.96 4.54 -1.40
N LEU B 54 10.08 4.15 -2.00
CA LEU B 54 11.35 4.12 -1.28
C LEU B 54 11.60 5.45 -0.56
N HIS B 55 11.19 6.54 -1.19
CA HIS B 55 11.37 7.86 -0.60
C HIS B 55 10.17 8.22 0.29
N MET B 56 9.02 7.64 0.00
CA MET B 56 7.81 7.90 0.77
C MET B 56 7.92 7.30 2.17
N LEU B 57 8.77 6.28 2.31
CA LEU B 57 8.96 5.63 3.60
C LEU B 57 9.21 6.65 4.70
N GLU B 58 10.20 7.51 4.50
CA GLU B 58 10.53 8.54 5.47
C GLU B 58 9.86 9.86 5.13
N SER B 59 8.78 9.78 4.34
CA SER B 59 8.05 10.96 3.92
C SER B 59 6.65 10.97 4.54
N PRO B 60 6.55 11.41 5.80
CA PRO B 60 5.28 11.48 6.53
C PRO B 60 4.35 12.56 5.97
N GLU B 61 4.88 13.37 5.05
CA GLU B 61 4.10 14.44 4.45
C GLU B 61 3.44 13.98 3.16
N SER B 62 3.94 12.88 2.61
CA SER B 62 3.40 12.33 1.37
C SER B 62 2.56 11.11 1.64
N LEU B 63 3.01 10.26 2.57
CA LEU B 63 2.29 9.05 2.93
C LEU B 63 0.82 9.36 3.23
N ARG B 64 0.59 10.37 4.07
CA ARG B 64 -0.76 10.77 4.43
C ARG B 64 -1.60 11.05 3.18
N SER B 65 -1.04 11.82 2.26
CA SER B 65 -1.73 12.17 1.03
C SER B 65 -2.12 10.92 0.25
N LYS B 66 -1.19 9.98 0.14
CA LYS B 66 -1.44 8.74 -0.57
C LYS B 66 -2.63 7.99 0.03
N VAL B 67 -2.54 7.68 1.31
CA VAL B 67 -3.60 6.96 2.00
C VAL B 67 -4.95 7.65 1.79
N ASP B 68 -4.98 8.96 2.01
CA ASP B 68 -6.21 9.73 1.84
C ASP B 68 -6.69 9.66 0.40
N GLU B 69 -5.76 9.79 -0.55
CA GLU B 69 -6.10 9.74 -1.96
C GLU B 69 -6.89 8.47 -2.29
N ALA B 70 -6.37 7.33 -1.87
CA ALA B 70 -7.01 6.05 -2.12
C ALA B 70 -8.38 5.98 -1.43
N VAL B 71 -8.37 6.20 -0.12
CA VAL B 71 -9.61 6.16 0.66
C VAL B 71 -10.68 7.03 0.02
N ALA B 72 -10.26 8.11 -0.61
CA ALA B 72 -11.19 9.02 -1.27
C ALA B 72 -11.70 8.43 -2.58
N VAL B 73 -10.82 7.76 -3.31
CA VAL B 73 -11.19 7.14 -4.58
C VAL B 73 -12.38 6.20 -4.42
N LEU B 74 -12.56 5.68 -3.20
CA LEU B 74 -13.65 4.77 -2.91
C LEU B 74 -14.99 5.50 -2.94
N GLN B 75 -15.08 6.59 -2.17
CA GLN B 75 -16.30 7.38 -2.11
C GLN B 75 -16.76 7.79 -3.50
N ALA B 76 -15.80 7.92 -4.42
CA ALA B 76 -16.12 8.30 -5.79
C ALA B 76 -16.91 7.21 -6.50
N HIS B 77 -16.61 5.97 -6.17
CA HIS B 77 -17.30 4.83 -6.78
C HIS B 77 -18.57 4.49 -6.00
N GLN B 78 -19.21 3.38 -6.37
CA GLN B 78 -20.43 2.95 -5.71
C GLN B 78 -20.55 1.43 -5.75
N ALA B 79 -20.65 0.81 -4.57
CA ALA B 79 -20.78 -0.63 -4.46
C ALA B 79 -21.31 -1.04 -3.09
N LYS B 80 -21.60 -2.33 -2.94
CA LYS B 80 -22.11 -2.85 -1.68
C LYS B 80 -21.10 -3.78 -1.02
N GLU B 81 -21.09 -3.80 0.31
CA GLU B 81 -20.18 -4.66 1.05
C GLU B 81 -20.94 -5.62 1.95
N ALA B 82 -21.83 -5.07 2.77
CA ALA B 82 -22.63 -5.89 3.68
C ALA B 82 -24.11 -5.83 3.31
N ALA B 83 -24.61 -4.63 3.03
CA ALA B 83 -26.00 -4.44 2.67
C ALA B 83 -26.18 -4.47 1.15
N ALA A 1 -1.01 21.01 -8.71
CA ALA A 1 -1.99 19.98 -8.40
C ALA A 1 -1.71 18.70 -9.19
N LYS A 2 -1.93 17.55 -8.55
CA LYS A 2 -1.71 16.26 -9.20
C LYS A 2 -2.34 15.13 -8.38
N PRO A 3 -3.67 15.10 -8.36
CA PRO A 3 -4.42 14.07 -7.62
C PRO A 3 -4.30 12.69 -8.27
N PHE A 4 -3.65 11.77 -7.55
CA PHE A 4 -3.46 10.42 -8.06
C PHE A 4 -4.80 9.71 -8.25
N VAL A 5 -4.87 8.86 -9.27
CA VAL A 5 -6.10 8.12 -9.55
C VAL A 5 -5.92 6.63 -9.31
N PRO A 6 -5.92 6.24 -8.02
CA PRO A 6 -5.75 4.84 -7.62
C PRO A 6 -6.96 3.99 -7.99
N ASN A 7 -6.77 2.67 -7.96
CA ASN A 7 -7.85 1.74 -8.30
C ASN A 7 -8.46 1.13 -7.03
N VAL A 8 -9.59 1.68 -6.61
CA VAL A 8 -10.27 1.19 -5.41
C VAL A 8 -10.48 -0.32 -5.47
N HIS A 9 -10.57 -0.85 -6.69
CA HIS A 9 -10.77 -2.29 -6.88
C HIS A 9 -9.47 -3.04 -6.63
N ALA A 10 -9.02 -3.04 -5.39
CA ALA A 10 -7.79 -3.72 -5.01
C ALA A 10 -8.08 -4.86 -4.03
N ALA A 11 -7.02 -5.41 -3.44
CA ALA A 11 -7.15 -6.50 -2.48
C ALA A 11 -5.85 -6.72 -1.71
N GLU A 12 -5.90 -7.62 -0.73
CA GLU A 12 -4.73 -7.92 0.08
C GLU A 12 -3.52 -8.23 -0.80
N PHE A 13 -2.45 -7.45 -0.63
CA PHE A 13 -1.24 -7.65 -1.40
C PHE A 13 -0.65 -9.03 -1.16
N VAL A 14 0.58 -9.23 -1.63
CA VAL A 14 1.27 -10.51 -1.46
C VAL A 14 0.29 -11.67 -1.61
N PRO A 15 -0.23 -11.86 -2.84
CA PRO A 15 -1.18 -12.93 -3.13
C PRO A 15 -0.53 -14.31 -3.10
N SER A 16 -0.49 -14.90 -1.91
CA SER A 16 0.12 -16.22 -1.75
C SER A 16 -0.86 -17.32 -2.16
N PHE A 17 -2.15 -17.02 -2.05
CA PHE A 17 -3.19 -17.99 -2.41
C PHE A 17 -4.06 -17.44 -3.54
N LEU A 18 -4.79 -18.35 -4.19
CA LEU A 18 -5.67 -17.97 -5.29
C LEU A 18 -4.89 -17.27 -6.40
N ARG A 19 -4.11 -18.06 -7.13
CA ARG A 19 -3.31 -17.52 -8.23
C ARG A 19 -4.15 -16.62 -9.13
N GLY A 20 -3.48 -15.83 -9.96
CA GLY A 20 -4.18 -14.94 -10.86
C GLY A 20 -3.24 -14.08 -11.68
N PRO A 21 -2.48 -14.72 -12.59
CA PRO A 21 -1.53 -14.02 -13.44
C PRO A 21 -2.20 -13.15 -14.49
N ALA A 22 -3.18 -13.72 -15.18
CA ALA A 22 -3.92 -13.00 -16.21
C ALA A 22 -5.34 -12.66 -15.74
N GLY B 1 14.77 -2.50 20.43
CA GLY B 1 15.80 -2.42 19.41
C GLY B 1 15.28 -2.76 18.03
N GLN B 2 13.99 -2.52 17.81
CA GLN B 2 13.37 -2.80 16.52
C GLN B 2 13.66 -1.69 15.52
N GLU B 3 13.52 -2.01 14.24
CA GLU B 3 13.77 -1.04 13.17
C GLU B 3 13.16 -1.50 11.86
N PRO B 4 12.54 -0.57 11.13
CA PRO B 4 11.90 -0.86 9.84
C PRO B 4 12.92 -1.16 8.75
N LEU B 5 12.46 -1.19 7.50
CA LEU B 5 13.33 -1.46 6.37
C LEU B 5 13.74 -0.16 5.67
N THR B 6 14.81 -0.23 4.88
CA THR B 6 15.30 0.93 4.16
C THR B 6 16.00 0.53 2.87
N ALA B 7 16.57 1.51 2.17
CA ALA B 7 17.27 1.24 0.92
C ALA B 7 18.31 0.14 1.09
N SER B 8 19.07 0.21 2.18
CA SER B 8 20.09 -0.79 2.45
C SER B 8 19.51 -2.20 2.42
N MET B 9 18.22 -2.31 2.74
CA MET B 9 17.55 -3.59 2.75
C MET B 9 16.87 -3.86 1.41
N LEU B 10 16.31 -2.81 0.82
CA LEU B 10 15.62 -2.92 -0.47
C LEU B 10 16.61 -3.24 -1.58
N ALA B 11 17.89 -2.94 -1.34
CA ALA B 11 18.94 -3.19 -2.32
C ALA B 11 19.60 -4.53 -2.07
N SER B 12 18.91 -5.43 -1.36
CA SER B 12 19.44 -6.74 -1.05
C SER B 12 18.54 -7.83 -1.62
N ALA B 13 17.23 -7.57 -1.64
CA ALA B 13 16.27 -8.53 -2.15
C ALA B 13 15.92 -8.22 -3.61
N PRO B 14 15.37 -9.24 -4.31
CA PRO B 14 14.98 -9.10 -5.71
C PRO B 14 13.77 -8.19 -5.89
N PRO B 15 13.49 -7.81 -7.15
CA PRO B 15 12.36 -6.94 -7.49
C PRO B 15 11.02 -7.63 -7.30
N GLN B 16 11.06 -8.96 -7.18
CA GLN B 16 9.84 -9.74 -7.00
C GLN B 16 9.46 -9.81 -5.53
N GLU B 17 10.44 -9.66 -4.66
CA GLU B 17 10.20 -9.70 -3.21
C GLU B 17 10.11 -8.30 -2.63
N GLN B 18 10.74 -7.34 -3.30
CA GLN B 18 10.73 -5.96 -2.86
C GLN B 18 9.30 -5.47 -2.60
N LYS B 19 8.41 -5.77 -3.54
CA LYS B 19 7.01 -5.36 -3.42
C LYS B 19 6.41 -5.88 -2.11
N GLN B 20 6.53 -7.18 -1.87
CA GLN B 20 6.01 -7.79 -0.66
C GLN B 20 6.61 -7.13 0.59
N MET B 21 7.88 -6.78 0.51
CA MET B 21 8.57 -6.14 1.62
C MET B 21 7.92 -4.80 1.97
N LEU B 22 7.91 -3.89 1.01
CA LEU B 22 7.31 -2.57 1.22
C LEU B 22 5.90 -2.69 1.76
N GLY B 23 5.09 -3.53 1.12
CA GLY B 23 3.72 -3.72 1.56
C GLY B 23 3.64 -4.31 2.95
N GLU B 24 4.51 -5.28 3.23
CA GLU B 24 4.52 -5.94 4.53
C GLU B 24 4.73 -4.93 5.65
N ARG B 25 5.67 -4.02 5.45
CA ARG B 25 5.97 -3.00 6.45
C ARG B 25 4.91 -1.90 6.43
N LEU B 26 4.30 -1.69 5.27
CA LEU B 26 3.27 -0.67 5.12
C LEU B 26 1.95 -1.14 5.73
N PHE B 27 1.79 -2.45 5.84
CA PHE B 27 0.57 -3.03 6.41
C PHE B 27 0.29 -2.43 7.79
N PRO B 28 1.26 -2.58 8.70
CA PRO B 28 1.14 -2.07 10.08
C PRO B 28 1.19 -0.55 10.13
N LEU B 29 1.95 0.05 9.23
CA LEU B 29 2.08 1.49 9.18
C LEU B 29 0.72 2.16 8.98
N ILE B 30 0.02 1.77 7.93
CA ILE B 30 -1.29 2.32 7.63
C ILE B 30 -2.36 1.74 8.56
N GLN B 31 -2.05 0.60 9.15
CA GLN B 31 -2.98 -0.06 10.08
C GLN B 31 -3.35 0.87 11.23
N ALA B 32 -2.47 1.83 11.50
CA ALA B 32 -2.71 2.79 12.58
C ALA B 32 -3.73 3.84 12.17
N MET B 33 -4.17 3.78 10.92
CA MET B 33 -5.15 4.73 10.40
C MET B 33 -6.35 4.00 9.80
N HIS B 34 -6.09 3.14 8.83
CA HIS B 34 -7.14 2.39 8.17
C HIS B 34 -6.85 0.89 8.22
N PRO B 35 -6.94 0.31 9.43
CA PRO B 35 -6.69 -1.11 9.65
C PRO B 35 -7.78 -1.99 9.04
N THR B 36 -8.90 -1.38 8.70
CA THR B 36 -10.02 -2.10 8.11
C THR B 36 -9.62 -2.76 6.80
N LEU B 37 -8.85 -2.04 5.99
CA LEU B 37 -8.39 -2.55 4.70
C LEU B 37 -6.94 -2.17 4.44
N ALA B 38 -6.13 -2.16 5.49
CA ALA B 38 -4.73 -1.80 5.38
C ALA B 38 -4.06 -2.57 4.23
N GLY B 39 -4.24 -3.89 4.23
CA GLY B 39 -3.65 -4.71 3.18
C GLY B 39 -4.13 -4.33 1.80
N LYS B 40 -5.44 -4.13 1.68
CA LYS B 40 -6.04 -3.77 0.40
C LYS B 40 -5.37 -2.53 -0.18
N ILE B 41 -5.44 -1.41 0.56
CA ILE B 41 -4.83 -0.16 0.12
C ILE B 41 -3.32 -0.32 -0.05
N THR B 42 -2.73 -1.18 0.76
CA THR B 42 -1.29 -1.42 0.70
C THR B 42 -0.89 -2.10 -0.61
N GLY B 43 -1.79 -2.93 -1.12
CA GLY B 43 -1.53 -3.63 -2.37
C GLY B 43 -1.40 -2.69 -3.55
N MET B 44 -2.42 -1.85 -3.74
CA MET B 44 -2.42 -0.89 -4.85
C MET B 44 -1.33 0.15 -4.66
N LEU B 45 -1.18 0.62 -3.42
CA LEU B 45 -0.17 1.63 -3.11
C LEU B 45 1.22 1.14 -3.49
N LEU B 46 1.61 0.00 -2.93
CA LEU B 46 2.92 -0.59 -3.20
C LEU B 46 3.08 -0.90 -4.68
N GLU B 47 1.96 -1.14 -5.35
CA GLU B 47 1.97 -1.45 -6.78
C GLU B 47 2.22 -0.21 -7.61
N ILE B 48 1.99 0.96 -7.01
CA ILE B 48 2.20 2.23 -7.69
C ILE B 48 3.57 2.28 -8.36
N ASP B 49 4.63 2.19 -7.55
CA ASP B 49 5.99 2.22 -8.06
C ASP B 49 7.00 2.17 -6.91
N ASN B 50 7.92 1.21 -6.98
CA ASN B 50 8.94 1.06 -5.96
C ASN B 50 9.88 2.25 -5.94
N SER B 51 10.04 2.89 -7.08
CA SER B 51 10.92 4.05 -7.20
C SER B 51 10.46 5.17 -6.28
N GLU B 52 9.16 5.48 -6.32
CA GLU B 52 8.61 6.53 -5.49
C GLU B 52 8.45 6.06 -4.04
N LEU B 53 7.92 4.85 -3.89
CA LEU B 53 7.72 4.28 -2.56
C LEU B 53 8.99 4.34 -1.73
N LEU B 54 10.11 4.00 -2.35
CA LEU B 54 11.40 4.03 -1.68
C LEU B 54 11.61 5.35 -0.93
N HIS B 55 11.16 6.43 -1.55
CA HIS B 55 11.29 7.76 -0.96
C HIS B 55 10.12 8.06 -0.03
N MET B 56 8.98 7.43 -0.30
CA MET B 56 7.78 7.63 0.50
C MET B 56 8.01 7.15 1.93
N LEU B 57 8.80 6.09 2.07
CA LEU B 57 9.10 5.53 3.39
C LEU B 57 9.53 6.62 4.36
N GLU B 58 10.49 7.44 3.94
CA GLU B 58 10.99 8.52 4.77
C GLU B 58 10.28 9.83 4.46
N SER B 59 9.08 9.73 3.88
CA SER B 59 8.30 10.89 3.52
C SER B 59 6.93 10.86 4.18
N PRO B 60 6.88 11.24 5.47
CA PRO B 60 5.64 11.26 6.25
C PRO B 60 4.69 12.35 5.79
N GLU B 61 5.16 13.22 4.90
CA GLU B 61 4.34 14.30 4.38
C GLU B 61 3.60 13.88 3.11
N SER B 62 4.14 12.85 2.44
CA SER B 62 3.53 12.35 1.22
C SER B 62 2.72 11.08 1.49
N LEU B 63 3.20 10.29 2.44
CA LEU B 63 2.53 9.04 2.80
C LEU B 63 1.04 9.28 3.06
N ARG B 64 0.74 10.09 4.07
CA ARG B 64 -0.64 10.40 4.42
C ARG B 64 -1.41 10.89 3.20
N SER B 65 -0.71 11.59 2.30
CA SER B 65 -1.34 12.11 1.09
C SER B 65 -1.88 10.98 0.23
N LYS B 66 -1.00 10.04 -0.12
CA LYS B 66 -1.38 8.90 -0.94
C LYS B 66 -2.52 8.11 -0.30
N VAL B 67 -2.38 7.85 1.00
CA VAL B 67 -3.40 7.11 1.74
C VAL B 67 -4.77 7.75 1.58
N ASP B 68 -4.86 9.03 1.92
CA ASP B 68 -6.13 9.76 1.82
C ASP B 68 -6.66 9.71 0.39
N GLU B 69 -5.77 9.86 -0.58
CA GLU B 69 -6.15 9.84 -1.99
C GLU B 69 -6.88 8.54 -2.32
N ALA B 70 -6.30 7.42 -1.92
CA ALA B 70 -6.89 6.11 -2.18
C ALA B 70 -8.25 5.98 -1.49
N VAL B 71 -8.25 6.11 -0.17
CA VAL B 71 -9.48 6.01 0.61
C VAL B 71 -10.58 6.90 0.03
N ALA B 72 -10.18 8.04 -0.51
CA ALA B 72 -11.13 8.97 -1.10
C ALA B 72 -11.59 8.50 -2.46
N VAL B 73 -10.69 7.85 -3.20
CA VAL B 73 -11.01 7.34 -4.53
C VAL B 73 -12.24 6.44 -4.49
N LEU B 74 -12.49 5.84 -3.33
CA LEU B 74 -13.63 4.95 -3.16
C LEU B 74 -14.93 5.75 -3.11
N GLN B 75 -14.99 6.71 -2.20
CA GLN B 75 -16.18 7.55 -2.04
C GLN B 75 -16.60 8.14 -3.38
N ALA B 76 -15.63 8.49 -4.21
CA ALA B 76 -15.90 9.07 -5.51
C ALA B 76 -16.59 8.06 -6.42
N HIS B 77 -16.25 6.79 -6.26
CA HIS B 77 -16.84 5.73 -7.07
C HIS B 77 -18.24 5.38 -6.57
N GLN B 78 -18.81 4.32 -7.12
CA GLN B 78 -20.14 3.88 -6.73
C GLN B 78 -20.30 2.37 -6.91
N ALA B 79 -19.96 1.88 -8.10
CA ALA B 79 -20.07 0.46 -8.40
C ALA B 79 -19.02 -0.34 -7.62
N LYS B 80 -19.24 -1.64 -7.50
CA LYS B 80 -18.32 -2.51 -6.78
C LYS B 80 -17.90 -3.69 -7.65
N GLU B 81 -16.63 -4.08 -7.55
CA GLU B 81 -16.11 -5.20 -8.32
C GLU B 81 -16.41 -5.02 -9.81
N ALA B 82 -16.46 -3.76 -10.24
CA ALA B 82 -16.74 -3.46 -11.64
C ALA B 82 -15.45 -3.20 -12.42
N ALA B 83 -15.07 -4.16 -13.26
CA ALA B 83 -13.87 -4.04 -14.07
C ALA B 83 -14.16 -3.42 -15.43
N ALA A 1 0.60 18.87 -10.82
CA ALA A 1 -0.50 17.92 -10.73
C ALA A 1 0.01 16.48 -10.63
N LYS A 2 -0.43 15.77 -9.59
CA LYS A 2 -0.02 14.39 -9.38
C LYS A 2 -1.22 13.48 -9.24
N PRO A 3 -1.93 13.25 -10.35
CA PRO A 3 -3.12 12.39 -10.39
C PRO A 3 -2.77 10.92 -10.19
N PHE A 4 -3.58 10.23 -9.40
CA PHE A 4 -3.35 8.81 -9.12
C PHE A 4 -4.60 8.00 -9.44
N VAL A 5 -5.75 8.50 -8.99
CA VAL A 5 -7.03 7.82 -9.23
C VAL A 5 -6.85 6.31 -9.17
N PRO A 6 -6.60 5.78 -7.97
CA PRO A 6 -6.42 4.34 -7.76
C PRO A 6 -7.71 3.56 -7.94
N ASN A 7 -7.67 2.28 -7.58
CA ASN A 7 -8.85 1.42 -7.71
C ASN A 7 -9.12 0.68 -6.40
N VAL A 8 -10.13 1.16 -5.67
CA VAL A 8 -10.50 0.55 -4.40
C VAL A 8 -10.65 -0.96 -4.53
N HIS A 9 -11.00 -1.41 -5.74
CA HIS A 9 -11.17 -2.84 -5.99
C HIS A 9 -9.82 -3.53 -6.14
N ALA A 10 -9.01 -3.45 -5.09
CA ALA A 10 -7.68 -4.07 -5.11
C ALA A 10 -7.51 -4.99 -3.90
N ALA A 11 -7.65 -6.29 -4.14
CA ALA A 11 -7.50 -7.29 -3.08
C ALA A 11 -6.15 -7.14 -2.39
N GLU A 12 -5.95 -7.92 -1.32
CA GLU A 12 -4.70 -7.88 -0.58
C GLU A 12 -3.50 -8.01 -1.51
N PHE A 13 -2.44 -7.26 -1.21
CA PHE A 13 -1.23 -7.29 -2.02
C PHE A 13 -0.59 -8.67 -1.98
N VAL A 14 -0.20 -9.16 -3.16
CA VAL A 14 0.43 -10.47 -3.26
C VAL A 14 0.81 -10.79 -4.71
N PRO A 15 2.05 -11.26 -4.91
CA PRO A 15 2.56 -11.61 -6.24
C PRO A 15 1.89 -12.86 -6.80
N SER A 16 0.80 -12.66 -7.53
CA SER A 16 0.06 -13.77 -8.13
C SER A 16 0.80 -14.33 -9.33
N PHE A 17 1.48 -15.45 -9.15
CA PHE A 17 2.23 -16.08 -10.22
C PHE A 17 1.51 -17.33 -10.73
N LEU A 18 0.66 -17.89 -9.88
CA LEU A 18 -0.09 -19.09 -10.24
C LEU A 18 -1.60 -18.84 -10.16
N ARG A 19 -2.38 -19.88 -10.42
CA ARG A 19 -3.83 -19.77 -10.36
C ARG A 19 -4.32 -19.73 -8.92
N GLY A 20 -3.54 -20.31 -8.02
CA GLY A 20 -3.91 -20.33 -6.61
C GLY A 20 -4.24 -18.96 -6.08
N PRO A 21 -3.20 -18.12 -5.89
CA PRO A 21 -3.36 -16.76 -5.38
C PRO A 21 -4.05 -15.84 -6.39
N ALA A 22 -4.56 -14.72 -5.90
CA ALA A 22 -5.24 -13.76 -6.76
C ALA A 22 -4.34 -12.57 -7.09
N GLY B 1 6.79 -2.25 17.42
CA GLY B 1 6.94 -1.72 16.07
C GLY B 1 8.33 -1.93 15.52
N GLN B 2 8.49 -2.94 14.67
CA GLN B 2 9.78 -3.25 14.07
C GLN B 2 10.38 -2.01 13.40
N GLU B 3 11.68 -2.06 13.13
CA GLU B 3 12.37 -0.95 12.50
C GLU B 3 11.94 -0.80 11.05
N PRO B 4 12.17 0.40 10.49
CA PRO B 4 11.82 0.71 9.10
C PRO B 4 12.69 -0.05 8.09
N LEU B 5 12.47 0.22 6.81
CA LEU B 5 13.23 -0.44 5.76
C LEU B 5 14.12 0.56 5.02
N THR B 6 15.15 0.06 4.37
CA THR B 6 16.08 0.91 3.64
C THR B 6 16.53 0.24 2.33
N ALA B 7 17.08 1.03 1.42
CA ALA B 7 17.55 0.51 0.15
C ALA B 7 18.59 -0.59 0.35
N SER B 8 19.36 -0.48 1.42
CA SER B 8 20.40 -1.47 1.73
C SER B 8 19.77 -2.85 1.94
N MET B 9 18.57 -2.87 2.49
CA MET B 9 17.87 -4.13 2.74
C MET B 9 17.01 -4.52 1.55
N LEU B 10 16.33 -3.54 0.96
CA LEU B 10 15.48 -3.79 -0.19
C LEU B 10 16.30 -4.24 -1.40
N ALA B 11 17.56 -3.85 -1.42
CA ALA B 11 18.46 -4.22 -2.51
C ALA B 11 18.93 -5.65 -2.37
N SER B 12 19.27 -6.05 -1.14
CA SER B 12 19.74 -7.40 -0.88
C SER B 12 18.75 -8.44 -1.39
N ALA B 13 17.48 -8.06 -1.45
CA ALA B 13 16.44 -8.94 -1.93
C ALA B 13 16.13 -8.69 -3.39
N PRO B 14 15.50 -9.68 -4.05
CA PRO B 14 15.14 -9.59 -5.47
C PRO B 14 14.02 -8.59 -5.72
N PRO B 15 13.80 -8.24 -7.00
CA PRO B 15 12.75 -7.29 -7.40
C PRO B 15 11.34 -7.86 -7.19
N GLN B 16 11.26 -9.18 -7.03
CA GLN B 16 9.98 -9.83 -6.83
C GLN B 16 9.61 -9.88 -5.35
N GLU B 17 10.62 -9.84 -4.50
CA GLU B 17 10.41 -9.88 -3.05
C GLU B 17 10.26 -8.46 -2.48
N GLN B 18 10.89 -7.50 -3.14
CA GLN B 18 10.84 -6.11 -2.70
C GLN B 18 9.39 -5.66 -2.52
N LYS B 19 8.53 -6.05 -3.46
CA LYS B 19 7.12 -5.69 -3.41
C LYS B 19 6.48 -6.21 -2.12
N GLN B 20 6.52 -7.53 -1.94
CA GLN B 20 5.94 -8.15 -0.76
C GLN B 20 6.46 -7.49 0.51
N MET B 21 7.76 -7.24 0.55
CA MET B 21 8.39 -6.62 1.71
C MET B 21 7.74 -5.28 2.02
N LEU B 22 7.71 -4.40 1.02
CA LEU B 22 7.11 -3.08 1.19
C LEU B 22 5.69 -3.18 1.74
N GLY B 23 4.86 -3.98 1.08
CA GLY B 23 3.49 -4.15 1.52
C GLY B 23 3.40 -4.72 2.92
N GLU B 24 4.18 -5.75 3.20
CA GLU B 24 4.18 -6.39 4.50
C GLU B 24 4.43 -5.35 5.61
N ARG B 25 5.41 -4.49 5.39
CA ARG B 25 5.76 -3.46 6.36
C ARG B 25 4.73 -2.33 6.33
N LEU B 26 4.08 -2.15 5.19
CA LEU B 26 3.07 -1.11 5.04
C LEU B 26 1.77 -1.50 5.72
N PHE B 27 1.56 -2.81 5.88
CA PHE B 27 0.36 -3.32 6.52
C PHE B 27 0.17 -2.69 7.90
N PRO B 28 1.17 -2.87 8.77
CA PRO B 28 1.15 -2.33 10.13
C PRO B 28 1.26 -0.81 10.16
N LEU B 29 1.99 -0.26 9.20
CA LEU B 29 2.17 1.18 9.11
C LEU B 29 0.84 1.90 8.97
N ILE B 30 0.10 1.55 7.92
CA ILE B 30 -1.21 2.16 7.69
C ILE B 30 -2.27 1.60 8.63
N GLN B 31 -1.97 0.44 9.22
CA GLN B 31 -2.90 -0.19 10.15
C GLN B 31 -3.21 0.74 11.32
N ALA B 32 -2.35 1.72 11.54
CA ALA B 32 -2.55 2.67 12.63
C ALA B 32 -3.41 3.85 12.18
N MET B 33 -3.96 3.74 10.97
CA MET B 33 -4.81 4.79 10.43
C MET B 33 -6.02 4.20 9.72
N HIS B 34 -5.78 3.38 8.70
CA HIS B 34 -6.85 2.74 7.96
C HIS B 34 -6.70 1.23 7.96
N PRO B 35 -6.85 0.62 9.14
CA PRO B 35 -6.74 -0.83 9.31
C PRO B 35 -7.89 -1.59 8.66
N THR B 36 -8.98 -0.88 8.39
CA THR B 36 -10.15 -1.48 7.77
C THR B 36 -9.79 -2.13 6.43
N LEU B 37 -8.99 -1.43 5.63
CA LEU B 37 -8.57 -1.94 4.33
C LEU B 37 -7.10 -1.65 4.08
N ALA B 38 -6.30 -1.71 5.14
CA ALA B 38 -4.87 -1.45 5.04
C ALA B 38 -4.25 -2.26 3.91
N GLY B 39 -4.47 -3.57 3.92
CA GLY B 39 -3.93 -4.43 2.89
C GLY B 39 -4.34 -3.99 1.50
N LYS B 40 -5.61 -3.63 1.33
CA LYS B 40 -6.12 -3.19 0.05
C LYS B 40 -5.35 -1.98 -0.46
N ILE B 41 -5.40 -0.89 0.31
CA ILE B 41 -4.71 0.34 -0.06
C ILE B 41 -3.21 0.12 -0.15
N THR B 42 -2.72 -0.89 0.57
CA THR B 42 -1.30 -1.20 0.57
C THR B 42 -0.86 -1.74 -0.80
N GLY B 43 -1.62 -2.68 -1.33
CA GLY B 43 -1.30 -3.25 -2.63
C GLY B 43 -1.18 -2.21 -3.71
N MET B 44 -2.14 -1.29 -3.76
CA MET B 44 -2.14 -0.23 -4.76
C MET B 44 -0.99 0.75 -4.52
N LEU B 45 -0.85 1.20 -3.28
CA LEU B 45 0.20 2.14 -2.91
C LEU B 45 1.57 1.58 -3.27
N LEU B 46 1.89 0.42 -2.71
CA LEU B 46 3.17 -0.23 -2.98
C LEU B 46 3.36 -0.49 -4.46
N GLU B 47 2.24 -0.64 -5.18
CA GLU B 47 2.28 -0.89 -6.61
C GLU B 47 2.61 0.38 -7.38
N ILE B 48 2.41 1.52 -6.73
CA ILE B 48 2.68 2.81 -7.36
C ILE B 48 4.07 2.83 -7.98
N ASP B 49 5.09 2.68 -7.15
CA ASP B 49 6.47 2.68 -7.62
C ASP B 49 7.45 2.56 -6.45
N ASN B 50 8.36 1.61 -6.54
CA ASN B 50 9.36 1.40 -5.49
C ASN B 50 10.25 2.62 -5.33
N SER B 51 10.48 3.32 -6.43
CA SER B 51 11.33 4.51 -6.42
C SER B 51 10.71 5.60 -5.56
N GLU B 52 9.43 5.89 -5.79
CA GLU B 52 8.73 6.91 -5.02
C GLU B 52 8.50 6.46 -3.58
N LEU B 53 8.00 5.24 -3.42
CA LEU B 53 7.74 4.69 -2.10
C LEU B 53 8.98 4.79 -1.21
N LEU B 54 10.11 4.33 -1.73
CA LEU B 54 11.37 4.37 -0.99
C LEU B 54 11.64 5.77 -0.44
N HIS B 55 11.14 6.77 -1.15
CA HIS B 55 11.32 8.16 -0.73
C HIS B 55 10.21 8.59 0.23
N MET B 56 9.04 8.00 0.07
CA MET B 56 7.90 8.32 0.93
C MET B 56 8.10 7.77 2.33
N LEU B 57 8.93 6.74 2.44
CA LEU B 57 9.20 6.12 3.73
C LEU B 57 9.53 7.17 4.79
N GLU B 58 10.32 8.17 4.40
CA GLU B 58 10.71 9.24 5.31
C GLU B 58 10.03 10.56 4.93
N SER B 59 8.93 10.45 4.19
CA SER B 59 8.19 11.62 3.75
C SER B 59 6.75 11.58 4.28
N PRO B 60 6.58 12.02 5.54
CA PRO B 60 5.26 12.05 6.19
C PRO B 60 4.34 13.11 5.59
N GLU B 61 4.91 13.95 4.72
CA GLU B 61 4.13 15.01 4.08
C GLU B 61 3.43 14.49 2.83
N SER B 62 3.96 13.40 2.26
CA SER B 62 3.39 12.81 1.07
C SER B 62 2.64 11.53 1.39
N LEU B 63 3.13 10.80 2.39
CA LEU B 63 2.51 9.55 2.81
C LEU B 63 1.01 9.74 3.04
N ARG B 64 0.66 10.57 4.00
CA ARG B 64 -0.73 10.84 4.33
C ARG B 64 -1.51 11.24 3.08
N SER B 65 -0.82 11.93 2.16
CA SER B 65 -1.45 12.39 0.93
C SER B 65 -1.96 11.20 0.11
N LYS B 66 -1.05 10.30 -0.24
CA LYS B 66 -1.40 9.12 -1.03
C LYS B 66 -2.48 8.30 -0.32
N VAL B 67 -2.30 8.09 0.98
CA VAL B 67 -3.26 7.32 1.77
C VAL B 67 -4.66 7.87 1.61
N ASP B 68 -4.83 9.17 1.88
CA ASP B 68 -6.12 9.82 1.76
C ASP B 68 -6.67 9.69 0.35
N GLU B 69 -5.80 9.86 -0.64
CA GLU B 69 -6.20 9.76 -2.04
C GLU B 69 -6.90 8.43 -2.31
N ALA B 70 -6.27 7.34 -1.90
CA ALA B 70 -6.83 6.01 -2.10
C ALA B 70 -8.14 5.85 -1.35
N VAL B 71 -8.10 6.05 -0.04
CA VAL B 71 -9.28 5.93 0.80
C VAL B 71 -10.43 6.75 0.24
N ALA B 72 -10.10 7.85 -0.43
CA ALA B 72 -11.11 8.73 -1.02
C ALA B 72 -11.69 8.11 -2.29
N VAL B 73 -10.84 7.44 -3.06
CA VAL B 73 -11.26 6.80 -4.31
C VAL B 73 -12.44 5.87 -4.07
N LEU B 74 -12.54 5.33 -2.86
CA LEU B 74 -13.63 4.43 -2.51
C LEU B 74 -14.92 5.20 -2.31
N GLN B 75 -14.83 6.38 -1.71
CA GLN B 75 -16.00 7.21 -1.47
C GLN B 75 -16.75 7.49 -2.76
N ALA B 76 -16.03 7.43 -3.88
CA ALA B 76 -16.63 7.68 -5.19
C ALA B 76 -17.06 6.38 -5.86
N HIS B 77 -17.26 5.34 -5.05
CA HIS B 77 -17.67 4.04 -5.56
C HIS B 77 -19.16 3.81 -5.32
N GLN B 78 -19.84 3.28 -6.33
CA GLN B 78 -21.27 3.01 -6.23
C GLN B 78 -21.53 1.51 -6.08
N ALA B 79 -22.10 1.12 -4.94
CA ALA B 79 -22.41 -0.27 -4.68
C ALA B 79 -23.24 -0.43 -3.41
N LYS B 80 -24.01 -1.51 -3.34
CA LYS B 80 -24.85 -1.77 -2.18
C LYS B 80 -24.29 -2.93 -1.36
N GLU B 81 -23.53 -3.80 -2.00
CA GLU B 81 -22.94 -4.94 -1.32
C GLU B 81 -21.57 -4.59 -0.74
N ALA B 82 -21.55 -4.23 0.53
CA ALA B 82 -20.31 -3.87 1.20
C ALA B 82 -20.06 -4.76 2.41
N ALA B 83 -18.78 -5.09 2.64
CA ALA B 83 -18.41 -5.93 3.77
C ALA B 83 -18.79 -5.28 5.10
N ALA A 1 -0.35 21.16 -6.98
CA ALA A 1 -1.19 20.02 -6.70
C ALA A 1 -0.75 18.79 -7.50
N LYS A 2 -1.04 17.61 -6.98
CA LYS A 2 -0.67 16.36 -7.64
C LYS A 2 -1.58 15.22 -7.20
N PRO A 3 -2.86 15.30 -7.60
CA PRO A 3 -3.86 14.28 -7.26
C PRO A 3 -3.61 12.96 -7.98
N PHE A 4 -3.63 11.86 -7.23
CA PHE A 4 -3.42 10.54 -7.80
C PHE A 4 -4.73 9.82 -8.04
N VAL A 5 -4.79 9.04 -9.11
CA VAL A 5 -5.99 8.29 -9.47
C VAL A 5 -5.78 6.79 -9.30
N PRO A 6 -5.80 6.32 -8.05
CA PRO A 6 -5.61 4.90 -7.73
C PRO A 6 -6.80 4.05 -8.17
N ASN A 7 -6.65 2.73 -8.05
CA ASN A 7 -7.71 1.81 -8.43
C ASN A 7 -8.22 1.04 -7.22
N VAL A 8 -9.39 1.43 -6.74
CA VAL A 8 -10.00 0.77 -5.58
C VAL A 8 -10.05 -0.74 -5.77
N HIS A 9 -10.09 -1.17 -7.03
CA HIS A 9 -10.13 -2.59 -7.36
C HIS A 9 -8.76 -3.24 -7.17
N ALA A 10 -8.23 -3.16 -5.95
CA ALA A 10 -6.92 -3.74 -5.65
C ALA A 10 -7.04 -4.86 -4.63
N ALA A 11 -6.71 -6.07 -5.04
CA ALA A 11 -6.77 -7.23 -4.16
C ALA A 11 -5.70 -7.15 -3.07
N GLU A 12 -5.94 -7.84 -1.97
CA GLU A 12 -5.01 -7.85 -0.85
C GLU A 12 -3.59 -8.19 -1.33
N PHE A 13 -2.62 -7.39 -0.89
CA PHE A 13 -1.23 -7.60 -1.28
C PHE A 13 -0.73 -8.96 -0.80
N VAL A 14 -1.30 -9.43 0.30
CA VAL A 14 -0.91 -10.72 0.87
C VAL A 14 -0.93 -11.81 -0.20
N PRO A 15 0.26 -12.27 -0.60
CA PRO A 15 0.41 -13.32 -1.62
C PRO A 15 -0.05 -14.69 -1.11
N SER A 16 -0.29 -14.78 0.19
CA SER A 16 -0.73 -16.03 0.80
C SER A 16 -2.03 -16.51 0.14
N PHE A 17 -2.48 -17.69 0.56
CA PHE A 17 -3.70 -18.27 0.02
C PHE A 17 -4.65 -18.68 1.14
N LEU A 18 -4.32 -18.28 2.37
CA LEU A 18 -5.14 -18.61 3.53
C LEU A 18 -6.09 -17.47 3.86
N ARG A 19 -6.87 -17.63 4.93
CA ARG A 19 -7.82 -16.61 5.36
C ARG A 19 -8.06 -16.69 6.85
N GLY A 20 -8.95 -15.84 7.36
CA GLY A 20 -9.26 -15.83 8.77
C GLY A 20 -9.95 -14.55 9.21
N PRO A 21 -11.21 -14.39 8.77
CA PRO A 21 -12.01 -13.20 9.11
C PRO A 21 -12.40 -13.17 10.58
N ALA A 22 -12.15 -12.03 11.24
CA ALA A 22 -12.48 -11.88 12.64
C ALA A 22 -13.78 -11.10 12.82
N GLY B 1 12.31 -10.02 16.11
CA GLY B 1 13.09 -9.50 15.00
C GLY B 1 12.50 -8.23 14.42
N GLN B 2 12.87 -7.10 15.02
CA GLN B 2 12.37 -5.80 14.57
C GLN B 2 13.48 -5.00 13.88
N GLU B 3 13.50 -5.03 12.56
CA GLU B 3 14.52 -4.31 11.80
C GLU B 3 13.87 -3.48 10.70
N PRO B 4 14.37 -2.24 10.54
CA PRO B 4 13.86 -1.30 9.53
C PRO B 4 14.21 -1.74 8.11
N LEU B 5 13.85 -0.90 7.13
CA LEU B 5 14.14 -1.20 5.73
C LEU B 5 15.01 -0.11 5.11
N THR B 6 15.99 -0.52 4.31
CA THR B 6 16.88 0.42 3.65
C THR B 6 17.05 0.08 2.17
N ALA B 7 17.26 1.10 1.35
CA ALA B 7 17.44 0.91 -0.08
C ALA B 7 18.53 -0.11 -0.37
N SER B 8 19.68 0.05 0.29
CA SER B 8 20.80 -0.85 0.10
C SER B 8 20.38 -2.30 0.31
N MET B 9 19.46 -2.51 1.24
CA MET B 9 18.97 -3.85 1.53
C MET B 9 17.93 -4.29 0.51
N LEU B 10 16.91 -3.45 0.31
CA LEU B 10 15.85 -3.75 -0.64
C LEU B 10 16.43 -4.10 -2.02
N ALA B 11 17.50 -3.41 -2.39
CA ALA B 11 18.16 -3.64 -3.67
C ALA B 11 18.71 -5.07 -3.75
N SER B 12 19.30 -5.52 -2.65
CA SER B 12 19.88 -6.86 -2.59
C SER B 12 18.85 -7.92 -2.95
N ALA B 13 17.57 -7.59 -2.73
CA ALA B 13 16.48 -8.51 -3.03
C ALA B 13 15.91 -8.24 -4.41
N PRO B 14 15.20 -9.24 -4.97
CA PRO B 14 14.58 -9.12 -6.29
C PRO B 14 13.42 -8.15 -6.31
N PRO B 15 12.95 -7.80 -7.52
CA PRO B 15 11.82 -6.88 -7.70
C PRO B 15 10.50 -7.48 -7.26
N GLN B 16 10.51 -8.79 -7.01
CA GLN B 16 9.30 -9.50 -6.59
C GLN B 16 9.23 -9.59 -5.07
N GLU B 17 10.39 -9.55 -4.43
CA GLU B 17 10.47 -9.64 -2.97
C GLU B 17 10.23 -8.27 -2.34
N GLN B 18 10.79 -7.23 -2.94
CA GLN B 18 10.64 -5.87 -2.43
C GLN B 18 9.17 -5.51 -2.27
N LYS B 19 8.31 -6.15 -3.07
CA LYS B 19 6.88 -5.90 -3.02
C LYS B 19 6.30 -6.34 -1.68
N GLN B 20 6.32 -7.64 -1.43
CA GLN B 20 5.80 -8.20 -0.19
C GLN B 20 6.41 -7.49 1.02
N MET B 21 7.68 -7.11 0.90
CA MET B 21 8.37 -6.42 1.98
C MET B 21 7.73 -5.07 2.27
N LEU B 22 7.72 -4.21 1.26
CA LEU B 22 7.14 -2.88 1.39
C LEU B 22 5.73 -2.95 1.96
N GLY B 23 4.89 -3.79 1.36
CA GLY B 23 3.53 -3.95 1.82
C GLY B 23 3.45 -4.54 3.21
N GLU B 24 4.39 -5.42 3.54
CA GLU B 24 4.43 -6.06 4.84
C GLU B 24 4.61 -5.03 5.95
N ARG B 25 5.58 -4.14 5.77
CA ARG B 25 5.87 -3.10 6.75
C ARG B 25 4.81 -1.99 6.68
N LEU B 26 4.25 -1.78 5.50
CA LEU B 26 3.24 -0.76 5.30
C LEU B 26 1.89 -1.20 5.88
N PHE B 27 1.71 -2.51 5.98
CA PHE B 27 0.46 -3.06 6.52
C PHE B 27 0.14 -2.45 7.87
N PRO B 28 1.07 -2.60 8.82
CA PRO B 28 0.91 -2.07 10.18
C PRO B 28 0.97 -0.55 10.22
N LEU B 29 1.79 0.03 9.35
CA LEU B 29 1.94 1.48 9.29
C LEU B 29 0.59 2.16 9.04
N ILE B 30 -0.09 1.74 7.98
CA ILE B 30 -1.39 2.30 7.64
C ILE B 30 -2.48 1.77 8.57
N GLN B 31 -2.19 0.64 9.21
CA GLN B 31 -3.15 0.02 10.12
C GLN B 31 -3.57 0.99 11.21
N ALA B 32 -2.72 1.98 11.49
CA ALA B 32 -3.00 2.97 12.52
C ALA B 32 -3.98 4.02 12.00
N MET B 33 -4.12 4.09 10.68
CA MET B 33 -5.04 5.05 10.05
C MET B 33 -6.29 4.35 9.55
N HIS B 34 -6.12 3.38 8.67
CA HIS B 34 -7.25 2.64 8.12
C HIS B 34 -6.99 1.14 8.15
N PRO B 35 -7.12 0.55 9.35
CA PRO B 35 -6.90 -0.89 9.55
C PRO B 35 -7.99 -1.74 8.90
N THR B 36 -9.15 -1.13 8.67
CA THR B 36 -10.27 -1.83 8.05
C THR B 36 -9.84 -2.51 6.76
N LEU B 37 -9.08 -1.81 5.94
CA LEU B 37 -8.61 -2.35 4.67
C LEU B 37 -7.14 -1.98 4.43
N ALA B 38 -6.36 -1.97 5.52
CA ALA B 38 -4.95 -1.63 5.42
C ALA B 38 -4.28 -2.43 4.31
N GLY B 39 -4.46 -3.75 4.32
CA GLY B 39 -3.86 -4.60 3.31
C GLY B 39 -4.27 -4.21 1.91
N LYS B 40 -5.57 -3.98 1.72
CA LYS B 40 -6.09 -3.60 0.41
C LYS B 40 -5.38 -2.36 -0.12
N ILE B 41 -5.49 -1.25 0.62
CA ILE B 41 -4.84 -0.02 0.21
C ILE B 41 -3.34 -0.18 0.13
N THR B 42 -2.79 -1.03 0.98
CA THR B 42 -1.35 -1.28 1.01
C THR B 42 -0.89 -1.97 -0.27
N GLY B 43 -1.78 -2.78 -0.84
CA GLY B 43 -1.45 -3.49 -2.07
C GLY B 43 -1.23 -2.57 -3.25
N MET B 44 -2.21 -1.71 -3.51
CA MET B 44 -2.13 -0.76 -4.61
C MET B 44 -1.04 0.28 -4.35
N LEU B 45 -0.99 0.78 -3.12
CA LEU B 45 0.00 1.78 -2.74
C LEU B 45 1.42 1.27 -2.99
N LEU B 46 1.73 0.10 -2.45
CA LEU B 46 3.05 -0.50 -2.61
C LEU B 46 3.30 -0.85 -4.07
N GLU B 47 2.23 -1.03 -4.83
CA GLU B 47 2.34 -1.38 -6.24
C GLU B 47 2.72 -0.15 -7.07
N ILE B 48 2.48 1.03 -6.50
CA ILE B 48 2.79 2.28 -7.18
C ILE B 48 4.21 2.26 -7.76
N ASP B 49 5.19 2.14 -6.87
CA ASP B 49 6.59 2.09 -7.28
C ASP B 49 7.51 2.01 -6.07
N ASN B 50 8.32 0.95 -6.02
CA ASN B 50 9.26 0.75 -4.91
C ASN B 50 10.23 1.93 -4.80
N SER B 51 10.58 2.50 -5.95
CA SER B 51 11.51 3.63 -5.98
C SER B 51 10.91 4.84 -5.27
N GLU B 52 9.66 5.15 -5.59
CA GLU B 52 8.98 6.28 -4.99
C GLU B 52 8.62 6.00 -3.54
N LEU B 53 7.99 4.85 -3.30
CA LEU B 53 7.60 4.45 -1.95
C LEU B 53 8.78 4.54 -0.99
N LEU B 54 9.90 3.96 -1.38
CA LEU B 54 11.10 3.98 -0.54
C LEU B 54 11.44 5.39 -0.11
N HIS B 55 11.00 6.37 -0.89
CA HIS B 55 11.25 7.77 -0.60
C HIS B 55 10.11 8.36 0.25
N MET B 56 8.90 7.87 0.01
CA MET B 56 7.73 8.34 0.75
C MET B 56 7.74 7.80 2.18
N LEU B 57 8.53 6.76 2.42
CA LEU B 57 8.63 6.17 3.75
C LEU B 57 8.91 7.22 4.80
N GLU B 58 9.94 8.03 4.56
CA GLU B 58 10.32 9.09 5.49
C GLU B 58 9.62 10.40 5.15
N SER B 59 8.62 10.31 4.27
CA SER B 59 7.86 11.49 3.86
C SER B 59 6.45 11.46 4.42
N PRO B 60 6.31 11.93 5.67
CA PRO B 60 5.01 11.96 6.35
C PRO B 60 4.07 13.00 5.75
N GLU B 61 4.60 13.82 4.85
CA GLU B 61 3.81 14.86 4.21
C GLU B 61 3.16 14.34 2.92
N SER B 62 3.78 13.31 2.33
CA SER B 62 3.27 12.72 1.10
C SER B 62 2.52 11.42 1.40
N LEU B 63 3.03 10.65 2.34
CA LEU B 63 2.41 9.38 2.72
C LEU B 63 0.92 9.56 2.96
N ARG B 64 0.58 10.36 3.97
CA ARG B 64 -0.81 10.61 4.31
C ARG B 64 -1.60 11.04 3.08
N SER B 65 -0.94 11.76 2.19
CA SER B 65 -1.58 12.24 0.96
C SER B 65 -2.06 11.07 0.11
N LYS B 66 -1.14 10.18 -0.24
CA LYS B 66 -1.47 9.02 -1.06
C LYS B 66 -2.57 8.19 -0.41
N VAL B 67 -2.43 7.96 0.90
CA VAL B 67 -3.41 7.18 1.65
C VAL B 67 -4.80 7.75 1.48
N ASP B 68 -4.96 9.02 1.81
CA ASP B 68 -6.24 9.70 1.71
C ASP B 68 -6.78 9.61 0.28
N GLU B 69 -5.89 9.79 -0.68
CA GLU B 69 -6.27 9.74 -2.09
C GLU B 69 -6.96 8.42 -2.43
N ALA B 70 -6.33 7.31 -2.01
CA ALA B 70 -6.89 5.99 -2.27
C ALA B 70 -8.23 5.81 -1.57
N VAL B 71 -8.24 5.97 -0.25
CA VAL B 71 -9.47 5.83 0.52
C VAL B 71 -10.60 6.67 -0.07
N ALA B 72 -10.24 7.83 -0.62
CA ALA B 72 -11.22 8.71 -1.22
C ALA B 72 -11.67 8.21 -2.59
N VAL B 73 -10.72 7.61 -3.32
CA VAL B 73 -11.01 7.09 -4.65
C VAL B 73 -12.19 6.12 -4.61
N LEU B 74 -12.41 5.50 -3.45
CA LEU B 74 -13.50 4.55 -3.28
C LEU B 74 -14.83 5.28 -3.21
N GLN B 75 -14.89 6.34 -2.41
CA GLN B 75 -16.12 7.12 -2.25
C GLN B 75 -16.62 7.61 -3.60
N ALA B 76 -15.71 7.74 -4.55
CA ALA B 76 -16.06 8.21 -5.89
C ALA B 76 -16.59 7.07 -6.76
N HIS B 77 -16.20 5.85 -6.40
CA HIS B 77 -16.64 4.66 -7.14
C HIS B 77 -17.97 4.15 -6.61
N GLN B 78 -18.87 3.81 -7.52
CA GLN B 78 -20.19 3.31 -7.15
C GLN B 78 -20.36 1.85 -7.56
N ALA B 79 -20.77 1.02 -6.61
CA ALA B 79 -20.98 -0.40 -6.87
C ALA B 79 -21.93 -1.02 -5.86
N LYS B 80 -22.84 -1.85 -6.34
CA LYS B 80 -23.81 -2.51 -5.47
C LYS B 80 -23.36 -3.92 -5.12
N GLU B 81 -22.87 -4.10 -3.90
CA GLU B 81 -22.40 -5.41 -3.45
C GLU B 81 -23.53 -6.17 -2.77
N ALA B 82 -24.09 -5.59 -1.72
CA ALA B 82 -25.18 -6.22 -0.98
C ALA B 82 -26.53 -5.94 -1.64
N ALA B 83 -27.04 -6.92 -2.36
CA ALA B 83 -28.33 -6.77 -3.04
C ALA B 83 -29.44 -7.51 -2.29
N ALA A 1 -4.13 17.19 -13.03
CA ALA A 1 -3.86 15.85 -12.56
C ALA A 1 -3.12 15.88 -11.22
N LYS A 2 -3.47 16.84 -10.38
CA LYS A 2 -2.84 16.98 -9.07
C LYS A 2 -3.11 15.75 -8.21
N PRO A 3 -4.38 15.47 -7.95
CA PRO A 3 -4.81 14.32 -7.14
C PRO A 3 -4.56 13.00 -7.84
N PHE A 4 -3.99 12.03 -7.12
CA PHE A 4 -3.71 10.72 -7.68
C PHE A 4 -5.00 9.95 -7.95
N VAL A 5 -4.99 9.16 -9.02
CA VAL A 5 -6.16 8.37 -9.39
C VAL A 5 -5.89 6.88 -9.21
N PRO A 6 -5.92 6.42 -7.95
CA PRO A 6 -5.69 5.00 -7.62
C PRO A 6 -6.82 4.10 -8.09
N ASN A 7 -6.53 2.82 -8.23
CA ASN A 7 -7.53 1.85 -8.66
C ASN A 7 -8.15 1.13 -7.47
N VAL A 8 -9.33 1.59 -7.05
CA VAL A 8 -10.03 0.99 -5.93
C VAL A 8 -10.16 -0.51 -6.10
N HIS A 9 -10.15 -0.96 -7.35
CA HIS A 9 -10.26 -2.39 -7.65
C HIS A 9 -8.95 -3.11 -7.38
N ALA A 10 -8.49 -3.05 -6.14
CA ALA A 10 -7.24 -3.70 -5.75
C ALA A 10 -7.51 -4.95 -4.93
N ALA A 11 -6.46 -5.51 -4.34
CA ALA A 11 -6.58 -6.71 -3.53
C ALA A 11 -5.40 -6.85 -2.56
N GLU A 12 -5.53 -7.77 -1.61
CA GLU A 12 -4.49 -7.99 -0.62
C GLU A 12 -3.14 -8.21 -1.31
N PHE A 13 -2.16 -7.38 -0.95
CA PHE A 13 -0.83 -7.47 -1.53
C PHE A 13 -0.18 -8.81 -1.18
N VAL A 14 -0.56 -9.37 -0.04
CA VAL A 14 -0.02 -10.64 0.41
C VAL A 14 -0.25 -11.73 -0.63
N PRO A 15 0.59 -12.77 -0.61
CA PRO A 15 0.49 -13.90 -1.55
C PRO A 15 -0.74 -14.77 -1.28
N SER A 16 -1.80 -14.54 -2.07
CA SER A 16 -3.03 -15.30 -1.91
C SER A 16 -3.32 -16.12 -3.16
N PHE A 17 -3.70 -17.38 -2.96
CA PHE A 17 -4.01 -18.26 -4.08
C PHE A 17 -5.52 -18.48 -4.20
N LEU A 18 -6.20 -18.47 -3.05
CA LEU A 18 -7.64 -18.68 -3.03
C LEU A 18 -8.38 -17.35 -2.88
N ARG A 19 -9.36 -17.12 -3.73
CA ARG A 19 -10.15 -15.89 -3.69
C ARG A 19 -10.68 -15.63 -2.28
N GLY A 20 -11.19 -14.42 -2.06
CA GLY A 20 -11.71 -14.06 -0.76
C GLY A 20 -12.48 -12.76 -0.78
N PRO A 21 -13.12 -12.43 0.35
CA PRO A 21 -13.91 -11.20 0.48
C PRO A 21 -13.03 -9.95 0.49
N ALA A 22 -11.74 -10.14 0.74
CA ALA A 22 -10.79 -9.03 0.78
C ALA A 22 -10.72 -8.32 -0.57
N GLY B 1 13.34 -10.31 17.49
CA GLY B 1 13.02 -9.00 16.96
C GLY B 1 13.31 -8.89 15.48
N GLN B 2 12.62 -7.97 14.81
CA GLN B 2 12.81 -7.76 13.38
C GLN B 2 13.20 -6.32 13.08
N GLU B 3 14.28 -6.16 12.32
CA GLU B 3 14.76 -4.82 11.97
C GLU B 3 13.86 -4.17 10.93
N PRO B 4 13.94 -2.84 10.82
CA PRO B 4 13.13 -2.07 9.86
C PRO B 4 13.54 -2.31 8.42
N LEU B 5 12.93 -1.58 7.50
CA LEU B 5 13.24 -1.72 6.09
C LEU B 5 13.88 -0.45 5.54
N THR B 6 14.70 -0.60 4.50
CA THR B 6 15.38 0.53 3.89
C THR B 6 15.64 0.28 2.41
N ALA B 7 16.22 1.27 1.74
CA ALA B 7 16.53 1.16 0.32
C ALA B 7 17.72 0.25 0.09
N SER B 8 18.87 0.63 0.65
CA SER B 8 20.10 -0.15 0.50
C SER B 8 19.86 -1.60 0.92
N MET B 9 18.93 -1.80 1.85
CA MET B 9 18.63 -3.14 2.34
C MET B 9 17.71 -3.87 1.37
N LEU B 10 16.80 -3.13 0.75
CA LEU B 10 15.86 -3.71 -0.21
C LEU B 10 16.60 -4.49 -1.30
N ALA B 11 17.77 -3.99 -1.68
CA ALA B 11 18.57 -4.62 -2.71
C ALA B 11 18.94 -6.05 -2.31
N SER B 12 18.93 -6.31 -1.01
CA SER B 12 19.26 -7.63 -0.49
C SER B 12 18.27 -8.68 -0.99
N ALA B 13 17.07 -8.23 -1.32
CA ALA B 13 16.03 -9.13 -1.81
C ALA B 13 15.79 -8.93 -3.31
N PRO B 14 15.18 -9.93 -3.94
CA PRO B 14 14.89 -9.90 -5.38
C PRO B 14 13.80 -8.89 -5.72
N PRO B 15 13.64 -8.59 -7.02
CA PRO B 15 12.64 -7.64 -7.51
C PRO B 15 11.22 -8.18 -7.35
N GLN B 16 11.11 -9.46 -7.03
CA GLN B 16 9.80 -10.09 -6.86
C GLN B 16 9.36 -10.04 -5.40
N GLU B 17 10.34 -9.94 -4.50
CA GLU B 17 10.04 -9.89 -3.07
C GLU B 17 9.94 -8.44 -2.59
N GLN B 18 10.49 -7.52 -3.37
CA GLN B 18 10.46 -6.11 -3.03
C GLN B 18 9.04 -5.65 -2.71
N LYS B 19 8.11 -5.93 -3.62
CA LYS B 19 6.72 -5.55 -3.43
C LYS B 19 6.20 -6.04 -2.08
N GLN B 20 6.46 -7.31 -1.78
CA GLN B 20 6.02 -7.91 -0.53
C GLN B 20 6.66 -7.19 0.66
N MET B 21 7.92 -6.80 0.51
CA MET B 21 8.63 -6.11 1.57
C MET B 21 7.96 -4.78 1.91
N LEU B 22 7.88 -3.90 0.92
CA LEU B 22 7.26 -2.60 1.11
C LEU B 22 5.85 -2.74 1.70
N GLY B 23 5.05 -3.62 1.11
CA GLY B 23 3.71 -3.84 1.59
C GLY B 23 3.68 -4.38 3.01
N GLU B 24 4.56 -5.33 3.30
CA GLU B 24 4.64 -5.93 4.62
C GLU B 24 4.87 -4.87 5.70
N ARG B 25 5.79 -3.95 5.41
CA ARG B 25 6.10 -2.88 6.35
C ARG B 25 5.00 -1.82 6.37
N LEU B 26 4.32 -1.67 5.23
CA LEU B 26 3.25 -0.69 5.11
C LEU B 26 1.99 -1.18 5.81
N PHE B 27 1.86 -2.49 5.96
CA PHE B 27 0.71 -3.08 6.62
C PHE B 27 0.49 -2.47 7.99
N PRO B 28 1.51 -2.55 8.86
CA PRO B 28 1.45 -2.01 10.21
C PRO B 28 1.44 -0.48 10.22
N LEU B 29 2.13 0.11 9.25
CA LEU B 29 2.20 1.57 9.14
C LEU B 29 0.81 2.18 9.01
N ILE B 30 0.09 1.76 7.98
CA ILE B 30 -1.26 2.26 7.73
C ILE B 30 -2.26 1.65 8.70
N GLN B 31 -1.88 0.53 9.31
CA GLN B 31 -2.74 -0.15 10.27
C GLN B 31 -3.11 0.77 11.43
N ALA B 32 -2.31 1.81 11.61
CA ALA B 32 -2.56 2.77 12.69
C ALA B 32 -3.52 3.86 12.24
N MET B 33 -4.02 3.73 11.02
CA MET B 33 -4.95 4.72 10.47
C MET B 33 -6.15 4.02 9.81
N HIS B 34 -5.87 3.20 8.81
CA HIS B 34 -6.92 2.47 8.11
C HIS B 34 -6.67 0.98 8.14
N PRO B 35 -6.77 0.38 9.34
CA PRO B 35 -6.56 -1.06 9.53
C PRO B 35 -7.67 -1.91 8.91
N THR B 36 -8.83 -1.29 8.73
CA THR B 36 -9.97 -1.99 8.13
C THR B 36 -9.58 -2.65 6.82
N LEU B 37 -8.82 -1.93 5.99
CA LEU B 37 -8.39 -2.45 4.71
C LEU B 37 -6.93 -2.06 4.43
N ALA B 38 -6.13 -2.03 5.48
CA ALA B 38 -4.72 -1.67 5.35
C ALA B 38 -4.06 -2.46 4.22
N GLY B 39 -4.23 -3.77 4.24
CA GLY B 39 -3.65 -4.62 3.22
C GLY B 39 -4.13 -4.25 1.82
N LYS B 40 -5.43 -4.07 1.67
CA LYS B 40 -6.01 -3.71 0.38
C LYS B 40 -5.34 -2.47 -0.19
N ILE B 41 -5.43 -1.36 0.54
CA ILE B 41 -4.82 -0.12 0.10
C ILE B 41 -3.31 -0.25 -0.04
N THR B 42 -2.71 -1.09 0.81
CA THR B 42 -1.27 -1.32 0.78
C THR B 42 -0.85 -1.99 -0.52
N GLY B 43 -1.74 -2.81 -1.07
CA GLY B 43 -1.43 -3.51 -2.31
C GLY B 43 -1.30 -2.56 -3.48
N MET B 44 -2.33 -1.76 -3.71
CA MET B 44 -2.32 -0.81 -4.81
C MET B 44 -1.24 0.26 -4.60
N LEU B 45 -1.11 0.72 -3.36
CA LEU B 45 -0.13 1.74 -3.02
C LEU B 45 1.28 1.28 -3.37
N LEU B 46 1.69 0.15 -2.80
CA LEU B 46 3.01 -0.40 -3.06
C LEU B 46 3.20 -0.72 -4.54
N GLU B 47 2.08 -0.95 -5.23
CA GLU B 47 2.12 -1.27 -6.65
C GLU B 47 2.37 -0.01 -7.48
N ILE B 48 2.12 1.14 -6.88
CA ILE B 48 2.32 2.42 -7.56
C ILE B 48 3.71 2.48 -8.21
N ASP B 49 4.75 2.42 -7.37
CA ASP B 49 6.12 2.46 -7.87
C ASP B 49 7.11 2.44 -6.70
N ASN B 50 8.05 1.50 -6.75
CA ASN B 50 9.05 1.37 -5.70
C ASN B 50 9.94 2.62 -5.64
N SER B 51 10.07 3.29 -6.78
CA SER B 51 10.90 4.50 -6.86
C SER B 51 10.34 5.60 -5.96
N GLU B 52 9.04 5.85 -6.06
CA GLU B 52 8.39 6.87 -5.25
C GLU B 52 8.18 6.39 -3.82
N LEU B 53 7.67 5.17 -3.69
CA LEU B 53 7.44 4.59 -2.37
C LEU B 53 8.69 4.67 -1.49
N LEU B 54 9.81 4.23 -2.04
CA LEU B 54 11.08 4.26 -1.32
C LEU B 54 11.34 5.64 -0.74
N HIS B 55 10.81 6.67 -1.41
CA HIS B 55 11.00 8.04 -0.96
C HIS B 55 9.91 8.44 0.03
N MET B 56 8.73 7.86 -0.12
CA MET B 56 7.61 8.15 0.77
C MET B 56 7.86 7.56 2.16
N LEU B 57 8.69 6.53 2.22
CA LEU B 57 9.01 5.88 3.49
C LEU B 57 9.39 6.92 4.55
N GLU B 58 10.31 7.82 4.19
CA GLU B 58 10.75 8.85 5.11
C GLU B 58 10.08 10.19 4.79
N SER B 59 8.89 10.12 4.19
CA SER B 59 8.15 11.31 3.84
C SER B 59 6.72 11.25 4.37
N PRO B 60 6.55 11.64 5.65
CA PRO B 60 5.24 11.63 6.31
C PRO B 60 4.31 12.70 5.75
N GLU B 61 4.85 13.57 4.91
CA GLU B 61 4.06 14.64 4.31
C GLU B 61 3.37 14.16 3.04
N SER B 62 3.92 13.12 2.43
CA SER B 62 3.34 12.56 1.21
C SER B 62 2.58 11.28 1.50
N LEU B 63 3.05 10.52 2.48
CA LEU B 63 2.41 9.26 2.86
C LEU B 63 0.92 9.46 3.09
N ARG B 64 0.58 10.29 4.07
CA ARG B 64 -0.82 10.57 4.40
C ARG B 64 -1.58 11.02 3.17
N SER B 65 -0.88 11.71 2.26
CA SER B 65 -1.51 12.19 1.03
C SER B 65 -2.00 11.04 0.17
N LYS B 66 -1.11 10.10 -0.12
CA LYS B 66 -1.46 8.93 -0.93
C LYS B 66 -2.58 8.14 -0.27
N VAL B 67 -2.45 7.88 1.02
CA VAL B 67 -3.45 7.13 1.77
C VAL B 67 -4.83 7.75 1.60
N ASP B 68 -4.94 9.03 1.94
CA ASP B 68 -6.21 9.75 1.82
C ASP B 68 -6.75 9.69 0.40
N GLU B 69 -5.84 9.82 -0.57
CA GLU B 69 -6.22 9.79 -1.98
C GLU B 69 -6.95 8.50 -2.32
N ALA B 70 -6.38 7.38 -1.88
CA ALA B 70 -6.97 6.07 -2.14
C ALA B 70 -8.33 5.94 -1.45
N VAL B 71 -8.36 6.22 -0.16
CA VAL B 71 -9.60 6.14 0.61
C VAL B 71 -10.71 6.96 -0.03
N ALA B 72 -10.33 8.11 -0.61
CA ALA B 72 -11.30 8.98 -1.26
C ALA B 72 -11.77 8.38 -2.59
N VAL B 73 -10.84 7.74 -3.29
CA VAL B 73 -11.16 7.12 -4.58
C VAL B 73 -12.29 6.12 -4.44
N LEU B 74 -12.43 5.54 -3.25
CA LEU B 74 -13.47 4.56 -2.98
C LEU B 74 -14.83 5.24 -2.82
N GLN B 75 -14.93 6.12 -1.83
CA GLN B 75 -16.16 6.84 -1.56
C GLN B 75 -16.53 7.76 -2.72
N ALA B 76 -15.56 7.99 -3.60
CA ALA B 76 -15.77 8.85 -4.76
C ALA B 76 -16.32 8.05 -5.94
N HIS B 77 -15.97 6.77 -5.99
CA HIS B 77 -16.43 5.90 -7.07
C HIS B 77 -17.91 5.58 -6.91
N GLN B 78 -18.40 4.66 -7.73
CA GLN B 78 -19.81 4.26 -7.68
C GLN B 78 -19.99 2.84 -8.21
N ALA B 79 -20.48 1.95 -7.35
CA ALA B 79 -20.70 0.57 -7.73
C ALA B 79 -21.40 -0.21 -6.62
N LYS B 80 -21.61 -1.49 -6.84
CA LYS B 80 -22.27 -2.35 -5.85
C LYS B 80 -23.60 -1.74 -5.43
N GLU B 81 -24.27 -1.08 -6.36
CA GLU B 81 -25.57 -0.45 -6.06
C GLU B 81 -26.59 -1.49 -5.62
N ALA B 82 -26.99 -1.41 -4.36
CA ALA B 82 -27.96 -2.34 -3.80
C ALA B 82 -29.28 -2.26 -4.55
N ALA B 83 -29.94 -1.10 -4.46
CA ALA B 83 -31.21 -0.89 -5.13
C ALA B 83 -31.20 0.40 -5.95
N ALA A 1 0.09 17.00 -4.31
CA ALA A 1 0.57 17.80 -5.43
C ALA A 1 -0.33 17.63 -6.65
N LYS A 2 -0.76 16.39 -6.89
CA LYS A 2 -1.63 16.08 -8.02
C LYS A 2 -2.44 14.82 -7.76
N PRO A 3 -3.57 14.69 -8.47
CA PRO A 3 -4.46 13.53 -8.33
C PRO A 3 -3.84 12.25 -8.89
N PHE A 4 -3.48 11.34 -8.00
CA PHE A 4 -2.89 10.07 -8.41
C PHE A 4 -3.89 9.21 -9.16
N VAL A 5 -5.12 9.17 -8.67
CA VAL A 5 -6.17 8.38 -9.29
C VAL A 5 -5.91 6.89 -9.16
N PRO A 6 -5.93 6.40 -7.91
CA PRO A 6 -5.68 4.98 -7.61
C PRO A 6 -6.82 4.09 -8.09
N ASN A 7 -6.67 2.78 -7.88
CA ASN A 7 -7.69 1.81 -8.28
C ASN A 7 -8.26 1.08 -7.07
N VAL A 8 -9.40 1.57 -6.58
CA VAL A 8 -10.05 0.96 -5.43
C VAL A 8 -10.31 -0.53 -5.66
N HIS A 9 -10.44 -1.29 -4.58
CA HIS A 9 -10.69 -2.72 -4.67
C HIS A 9 -9.49 -3.44 -5.25
N ALA A 10 -8.31 -3.14 -4.72
CA ALA A 10 -7.08 -3.77 -5.19
C ALA A 10 -6.82 -5.09 -4.46
N ALA A 11 -6.46 -6.12 -5.22
CA ALA A 11 -6.19 -7.42 -4.65
C ALA A 11 -5.20 -7.32 -3.49
N GLU A 12 -5.47 -8.08 -2.43
CA GLU A 12 -4.61 -8.07 -1.25
C GLU A 12 -3.14 -8.30 -1.64
N PHE A 13 -2.28 -7.38 -1.22
CA PHE A 13 -0.85 -7.48 -1.54
C PHE A 13 -0.31 -8.83 -1.11
N VAL A 14 -0.90 -9.42 -0.08
CA VAL A 14 -0.47 -10.71 0.43
C VAL A 14 -0.60 -11.79 -0.64
N PRO A 15 0.45 -12.60 -0.79
CA PRO A 15 0.47 -13.69 -1.78
C PRO A 15 -0.47 -14.83 -1.40
N SER A 16 -1.00 -15.50 -2.42
CA SER A 16 -1.92 -16.61 -2.19
C SER A 16 -1.37 -17.91 -2.79
N PHE A 17 -1.99 -19.02 -2.43
CA PHE A 17 -1.57 -20.33 -2.93
C PHE A 17 -2.76 -21.24 -3.17
N LEU A 18 -3.89 -20.63 -3.53
CA LEU A 18 -5.11 -21.39 -3.79
C LEU A 18 -5.92 -20.74 -4.91
N ARG A 19 -6.66 -21.56 -5.65
CA ARG A 19 -7.48 -21.07 -6.75
C ARG A 19 -8.42 -19.96 -6.28
N GLY A 20 -8.77 -20.00 -4.99
CA GLY A 20 -9.66 -19.00 -4.44
C GLY A 20 -11.03 -19.56 -4.11
N PRO A 21 -11.89 -18.73 -3.50
CA PRO A 21 -13.25 -19.13 -3.12
C PRO A 21 -14.15 -19.32 -4.34
N ALA A 22 -15.10 -20.24 -4.22
CA ALA A 22 -16.04 -20.52 -5.30
C ALA A 22 -17.43 -19.99 -4.98
N GLY B 1 16.27 -4.02 18.25
CA GLY B 1 15.68 -5.24 17.72
C GLY B 1 15.51 -5.21 16.22
N GLN B 2 14.31 -4.83 15.77
CA GLN B 2 14.02 -4.76 14.35
C GLN B 2 14.65 -3.52 13.72
N GLU B 3 14.46 -3.35 12.41
CA GLU B 3 15.01 -2.21 11.71
C GLU B 3 14.01 -1.64 10.70
N PRO B 4 14.15 -0.35 10.38
CA PRO B 4 13.26 0.33 9.43
C PRO B 4 13.45 -0.16 8.00
N LEU B 5 12.78 0.50 7.06
CA LEU B 5 12.87 0.14 5.66
C LEU B 5 13.94 0.96 4.94
N THR B 6 14.88 0.27 4.30
CA THR B 6 15.96 0.94 3.58
C THR B 6 16.52 0.05 2.48
N ALA B 7 17.04 0.67 1.43
CA ALA B 7 17.61 -0.07 0.31
C ALA B 7 18.77 -0.94 0.76
N SER B 8 19.31 -0.64 1.94
CA SER B 8 20.44 -1.40 2.48
C SER B 8 19.96 -2.74 3.02
N MET B 9 18.66 -2.85 3.29
CA MET B 9 18.08 -4.08 3.81
C MET B 9 17.62 -4.98 2.67
N LEU B 10 17.19 -4.37 1.58
CA LEU B 10 16.71 -5.12 0.42
C LEU B 10 17.85 -5.35 -0.58
N ALA B 11 18.93 -4.61 -0.42
CA ALA B 11 20.08 -4.74 -1.29
C ALA B 11 19.67 -4.64 -2.76
N SER B 12 18.76 -3.70 -3.05
CA SER B 12 18.29 -3.50 -4.42
C SER B 12 17.55 -4.75 -4.92
N ALA B 13 16.92 -5.47 -4.00
CA ALA B 13 16.17 -6.67 -4.34
C ALA B 13 15.18 -6.39 -5.47
N PRO B 14 14.74 -7.47 -6.14
CA PRO B 14 13.77 -7.36 -7.24
C PRO B 14 12.38 -6.97 -6.76
N PRO B 15 11.51 -6.62 -7.72
CA PRO B 15 10.13 -6.21 -7.42
C PRO B 15 9.27 -7.38 -6.92
N GLN B 16 9.83 -8.58 -7.01
CA GLN B 16 9.11 -9.78 -6.57
C GLN B 16 9.30 -10.01 -5.07
N GLU B 17 10.40 -9.48 -4.53
CA GLU B 17 10.70 -9.62 -3.12
C GLU B 17 10.37 -8.35 -2.35
N GLN B 18 10.81 -7.21 -2.90
CA GLN B 18 10.56 -5.91 -2.27
C GLN B 18 9.07 -5.67 -2.11
N LYS B 19 8.27 -6.36 -2.89
CA LYS B 19 6.82 -6.21 -2.84
C LYS B 19 6.28 -6.68 -1.49
N GLN B 20 6.50 -7.95 -1.18
CA GLN B 20 6.05 -8.53 0.08
C GLN B 20 6.62 -7.77 1.27
N MET B 21 7.89 -7.38 1.16
CA MET B 21 8.57 -6.66 2.22
C MET B 21 7.87 -5.34 2.50
N LEU B 22 7.82 -4.47 1.49
CA LEU B 22 7.18 -3.16 1.63
C LEU B 22 5.76 -3.31 2.15
N GLY B 23 4.97 -4.13 1.47
CA GLY B 23 3.59 -4.35 1.88
C GLY B 23 3.48 -4.84 3.31
N GLU B 24 4.28 -5.86 3.64
CA GLU B 24 4.27 -6.43 4.98
C GLU B 24 4.51 -5.35 6.03
N ARG B 25 5.43 -4.44 5.74
CA ARG B 25 5.75 -3.36 6.67
C ARG B 25 4.68 -2.29 6.64
N LEU B 26 4.03 -2.12 5.50
CA LEU B 26 2.97 -1.13 5.34
C LEU B 26 1.69 -1.59 6.02
N PHE B 27 1.55 -2.91 6.19
CA PHE B 27 0.37 -3.47 6.83
C PHE B 27 0.13 -2.83 8.19
N PRO B 28 1.13 -2.93 9.08
CA PRO B 28 1.04 -2.37 10.43
C PRO B 28 1.07 -0.84 10.43
N LEU B 29 1.78 -0.28 9.47
CA LEU B 29 1.89 1.18 9.35
C LEU B 29 0.51 1.81 9.15
N ILE B 30 -0.18 1.41 8.09
CA ILE B 30 -1.50 1.93 7.80
C ILE B 30 -2.55 1.33 8.72
N GLN B 31 -2.21 0.20 9.34
CA GLN B 31 -3.12 -0.47 10.26
C GLN B 31 -3.57 0.47 11.38
N ALA B 32 -2.76 1.49 11.64
CA ALA B 32 -3.07 2.46 12.69
C ALA B 32 -4.02 3.53 12.17
N MET B 33 -4.14 3.63 10.85
CA MET B 33 -5.02 4.61 10.23
C MET B 33 -6.29 3.96 9.70
N HIS B 34 -6.12 3.03 8.77
CA HIS B 34 -7.25 2.32 8.17
C HIS B 34 -7.00 0.82 8.14
N PRO B 35 -7.12 0.17 9.31
CA PRO B 35 -6.91 -1.27 9.44
C PRO B 35 -8.02 -2.08 8.75
N THR B 36 -9.16 -1.45 8.53
CA THR B 36 -10.29 -2.11 7.88
C THR B 36 -9.86 -2.74 6.55
N LEU B 37 -9.09 -2.01 5.77
CA LEU B 37 -8.62 -2.50 4.48
C LEU B 37 -7.16 -2.13 4.26
N ALA B 38 -6.38 -2.14 5.34
CA ALA B 38 -4.96 -1.81 5.26
C ALA B 38 -4.28 -2.57 4.12
N GLY B 39 -4.46 -3.89 4.11
CA GLY B 39 -3.86 -4.71 3.07
C GLY B 39 -4.29 -4.30 1.67
N LYS B 40 -5.60 -4.07 1.50
CA LYS B 40 -6.13 -3.67 0.21
C LYS B 40 -5.42 -2.44 -0.32
N ILE B 41 -5.50 -1.34 0.43
CA ILE B 41 -4.86 -0.09 0.04
C ILE B 41 -3.35 -0.27 -0.08
N THR B 42 -2.79 -1.11 0.78
CA THR B 42 -1.35 -1.37 0.78
C THR B 42 -0.92 -2.06 -0.51
N GLY B 43 -1.82 -2.85 -1.09
CA GLY B 43 -1.52 -3.55 -2.32
C GLY B 43 -1.31 -2.61 -3.49
N MET B 44 -2.30 -1.75 -3.73
CA MET B 44 -2.22 -0.79 -4.83
C MET B 44 -1.13 0.25 -4.57
N LEU B 45 -1.04 0.68 -3.32
CA LEU B 45 -0.04 1.69 -2.93
C LEU B 45 1.37 1.19 -3.22
N LEU B 46 1.74 0.07 -2.61
CA LEU B 46 3.06 -0.50 -2.80
C LEU B 46 3.29 -0.88 -4.26
N GLU B 47 2.19 -1.10 -4.98
CA GLU B 47 2.26 -1.47 -6.39
C GLU B 47 2.59 -0.25 -7.25
N ILE B 48 2.36 0.94 -6.71
CA ILE B 48 2.64 2.18 -7.42
C ILE B 48 4.03 2.17 -8.02
N ASP B 49 5.04 2.08 -7.16
CA ASP B 49 6.43 2.06 -7.60
C ASP B 49 7.39 2.02 -6.42
N ASN B 50 8.27 1.03 -6.41
CA ASN B 50 9.25 0.88 -5.33
C ASN B 50 10.22 2.05 -5.32
N SER B 51 10.48 2.62 -6.48
CA SER B 51 11.40 3.75 -6.60
C SER B 51 10.89 4.95 -5.80
N GLU B 52 9.62 5.26 -5.95
CA GLU B 52 9.02 6.38 -5.24
C GLU B 52 8.74 6.01 -3.78
N LEU B 53 8.24 4.81 -3.56
CA LEU B 53 7.93 4.34 -2.22
C LEU B 53 9.14 4.45 -1.31
N LEU B 54 10.30 4.02 -1.81
CA LEU B 54 11.54 4.08 -1.04
C LEU B 54 11.75 5.48 -0.45
N HIS B 55 11.36 6.49 -1.21
CA HIS B 55 11.52 7.87 -0.77
C HIS B 55 10.29 8.31 0.05
N MET B 56 9.17 7.66 -0.20
CA MET B 56 7.93 7.98 0.51
C MET B 56 8.05 7.64 1.99
N LEU B 57 8.80 6.58 2.28
CA LEU B 57 8.99 6.14 3.66
C LEU B 57 9.41 7.30 4.54
N GLU B 58 10.39 8.08 4.08
CA GLU B 58 10.89 9.22 4.83
C GLU B 58 10.21 10.51 4.38
N SER B 59 9.01 10.37 3.79
CA SER B 59 8.26 11.53 3.31
C SER B 59 6.84 11.52 3.87
N PRO B 60 6.71 12.00 5.11
CA PRO B 60 5.41 12.06 5.80
C PRO B 60 4.49 13.11 5.19
N GLU B 61 5.02 13.91 4.27
CA GLU B 61 4.25 14.95 3.61
C GLU B 61 3.58 14.42 2.35
N SER B 62 4.04 13.26 1.89
CA SER B 62 3.50 12.65 0.69
C SER B 62 2.69 11.40 1.04
N LEU B 63 3.17 10.64 2.01
CA LEU B 63 2.50 9.42 2.44
C LEU B 63 1.03 9.70 2.75
N ARG B 64 0.78 10.73 3.54
CA ARG B 64 -0.59 11.10 3.91
C ARG B 64 -1.44 11.34 2.67
N SER B 65 -0.89 12.09 1.72
CA SER B 65 -1.61 12.40 0.48
C SER B 65 -2.02 11.12 -0.24
N LYS B 66 -1.08 10.20 -0.40
CA LYS B 66 -1.34 8.94 -1.07
C LYS B 66 -2.48 8.19 -0.39
N VAL B 67 -2.30 7.89 0.89
CA VAL B 67 -3.32 7.18 1.66
C VAL B 67 -4.68 7.84 1.51
N ASP B 68 -4.73 9.15 1.75
CA ASP B 68 -5.96 9.90 1.64
C ASP B 68 -6.56 9.78 0.25
N GLU B 69 -5.70 9.90 -0.77
CA GLU B 69 -6.15 9.81 -2.15
C GLU B 69 -6.89 8.49 -2.39
N ALA B 70 -6.31 7.39 -1.93
CA ALA B 70 -6.92 6.07 -2.09
C ALA B 70 -8.27 6.00 -1.37
N VAL B 71 -8.25 6.25 -0.07
CA VAL B 71 -9.47 6.21 0.73
C VAL B 71 -10.56 7.07 0.10
N ALA B 72 -10.15 8.18 -0.52
CA ALA B 72 -11.09 9.09 -1.15
C ALA B 72 -11.60 8.53 -2.47
N VAL B 73 -10.70 7.88 -3.21
CA VAL B 73 -11.06 7.28 -4.50
C VAL B 73 -12.26 6.37 -4.36
N LEU B 74 -12.45 5.81 -3.17
CA LEU B 74 -13.56 4.91 -2.91
C LEU B 74 -14.87 5.68 -2.76
N GLN B 75 -14.78 6.87 -2.17
CA GLN B 75 -15.94 7.71 -1.96
C GLN B 75 -16.73 7.89 -3.25
N ALA B 76 -16.03 7.82 -4.38
CA ALA B 76 -16.66 7.97 -5.69
C ALA B 76 -17.43 6.71 -6.06
N HIS B 77 -16.90 5.56 -5.70
CA HIS B 77 -17.53 4.28 -6.00
C HIS B 77 -18.87 4.16 -5.27
N GLN B 78 -18.81 4.05 -3.96
CA GLN B 78 -20.02 3.92 -3.14
C GLN B 78 -19.82 4.56 -1.77
N ALA B 79 -20.61 5.60 -1.48
CA ALA B 79 -20.52 6.29 -0.21
C ALA B 79 -21.83 7.00 0.12
N LYS B 80 -22.25 6.91 1.38
CA LYS B 80 -23.48 7.54 1.82
C LYS B 80 -23.27 9.03 2.07
N GLU B 81 -24.06 9.86 1.40
CA GLU B 81 -23.97 11.30 1.56
C GLU B 81 -25.32 11.97 1.34
N ALA B 82 -25.60 13.02 2.10
CA ALA B 82 -26.85 13.75 1.98
C ALA B 82 -26.91 14.54 0.68
N ALA B 83 -25.96 15.46 0.51
CA ALA B 83 -25.90 16.28 -0.69
C ALA B 83 -25.27 15.52 -1.84
N ALA A 1 -7.40 19.46 -9.35
CA ALA A 1 -8.40 18.65 -10.02
C ALA A 1 -7.75 17.50 -10.79
N LYS A 2 -6.58 17.07 -10.32
CA LYS A 2 -5.86 15.98 -10.97
C LYS A 2 -5.01 15.22 -9.96
N PRO A 3 -5.68 14.49 -9.05
CA PRO A 3 -5.01 13.70 -8.01
C PRO A 3 -4.27 12.50 -8.59
N PHE A 4 -3.81 11.62 -7.70
CA PHE A 4 -3.09 10.42 -8.12
C PHE A 4 -4.01 9.49 -8.92
N VAL A 5 -5.26 9.40 -8.48
CA VAL A 5 -6.24 8.54 -9.15
C VAL A 5 -5.89 7.07 -8.98
N PRO A 6 -5.91 6.59 -7.73
CA PRO A 6 -5.60 5.21 -7.40
C PRO A 6 -6.68 4.24 -7.89
N ASN A 7 -6.34 2.95 -7.93
CA ASN A 7 -7.27 1.93 -8.39
C ASN A 7 -7.88 1.20 -7.20
N VAL A 8 -9.11 1.57 -6.85
CA VAL A 8 -9.82 0.95 -5.73
C VAL A 8 -9.81 -0.57 -5.86
N HIS A 9 -9.74 -1.06 -7.08
CA HIS A 9 -9.72 -2.49 -7.34
C HIS A 9 -8.38 -3.10 -6.92
N ALA A 10 -8.22 -3.33 -5.62
CA ALA A 10 -6.99 -3.91 -5.10
C ALA A 10 -7.28 -4.83 -3.91
N ALA A 11 -7.28 -6.14 -4.18
CA ALA A 11 -7.54 -7.12 -3.14
C ALA A 11 -6.53 -7.00 -2.00
N GLU A 12 -5.33 -7.53 -2.22
CA GLU A 12 -4.28 -7.49 -1.22
C GLU A 12 -2.91 -7.61 -1.86
N PHE A 13 -1.88 -7.10 -1.18
CA PHE A 13 -0.52 -7.15 -1.69
C PHE A 13 0.10 -8.52 -1.42
N VAL A 14 -0.36 -9.19 -0.38
CA VAL A 14 0.15 -10.51 -0.01
C VAL A 14 -0.86 -11.60 -0.36
N PRO A 15 -0.37 -12.67 -1.00
CA PRO A 15 -1.21 -13.81 -1.39
C PRO A 15 -1.69 -14.61 -0.20
N SER A 16 -2.72 -15.42 -0.42
CA SER A 16 -3.29 -16.24 0.65
C SER A 16 -3.13 -17.73 0.33
N PHE A 17 -3.48 -18.57 1.28
CA PHE A 17 -3.37 -20.03 1.11
C PHE A 17 -4.66 -20.72 1.53
N LEU A 18 -4.64 -22.05 1.50
CA LEU A 18 -5.80 -22.84 1.87
C LEU A 18 -7.01 -22.47 1.02
N ARG A 19 -6.87 -22.61 -0.29
CA ARG A 19 -7.95 -22.29 -1.22
C ARG A 19 -9.24 -23.02 -0.83
N GLY A 20 -10.33 -22.67 -1.49
CA GLY A 20 -11.61 -23.30 -1.20
C GLY A 20 -12.66 -23.00 -2.25
N PRO A 21 -13.88 -23.51 -2.04
CA PRO A 21 -15.00 -23.30 -2.96
C PRO A 21 -15.50 -21.86 -2.96
N ALA A 22 -16.39 -21.54 -3.89
CA ALA A 22 -16.94 -20.19 -3.99
C ALA A 22 -17.91 -19.91 -2.85
N GLY B 1 12.84 -7.53 17.51
CA GLY B 1 13.54 -7.64 16.25
C GLY B 1 12.84 -6.87 15.14
N GLN B 2 12.00 -5.92 15.52
CA GLN B 2 11.26 -5.12 14.55
C GLN B 2 12.04 -3.86 14.18
N GLU B 3 12.36 -3.71 12.90
CA GLU B 3 13.11 -2.56 12.42
C GLU B 3 12.63 -2.14 11.03
N PRO B 4 12.93 -0.89 10.65
CA PRO B 4 12.53 -0.33 9.36
C PRO B 4 13.30 -0.97 8.20
N LEU B 5 13.10 -0.43 7.00
CA LEU B 5 13.79 -0.95 5.82
C LEU B 5 14.69 0.12 5.20
N THR B 6 15.65 -0.32 4.39
CA THR B 6 16.59 0.59 3.75
C THR B 6 16.96 0.09 2.35
N ALA B 7 17.40 1.01 1.50
CA ALA B 7 17.79 0.67 0.13
C ALA B 7 18.77 -0.49 0.12
N SER B 8 19.66 -0.52 1.12
CA SER B 8 20.67 -1.56 1.21
C SER B 8 20.02 -2.94 1.15
N MET B 9 18.78 -3.02 1.63
CA MET B 9 18.05 -4.29 1.63
C MET B 9 17.28 -4.47 0.33
N LEU B 10 16.57 -3.42 -0.09
CA LEU B 10 15.80 -3.45 -1.32
C LEU B 10 16.68 -3.71 -2.52
N ALA B 11 17.98 -3.48 -2.36
CA ALA B 11 18.94 -3.68 -3.43
C ALA B 11 19.62 -5.05 -3.30
N SER B 12 18.96 -5.97 -2.62
CA SER B 12 19.51 -7.30 -2.41
C SER B 12 18.47 -8.37 -2.70
N ALA B 13 17.23 -8.12 -2.27
CA ALA B 13 16.14 -9.05 -2.49
C ALA B 13 15.61 -8.95 -3.92
N PRO B 14 14.89 -10.00 -4.35
CA PRO B 14 14.31 -10.06 -5.70
C PRO B 14 13.16 -9.08 -5.88
N PRO B 15 12.74 -8.90 -7.14
CA PRO B 15 11.63 -7.99 -7.47
C PRO B 15 10.28 -8.51 -6.98
N GLN B 16 10.26 -9.77 -6.54
CA GLN B 16 9.04 -10.38 -6.04
C GLN B 16 8.94 -10.25 -4.52
N GLU B 17 10.08 -10.31 -3.86
CA GLU B 17 10.12 -10.21 -2.40
C GLU B 17 9.99 -8.76 -1.96
N GLN B 18 10.60 -7.85 -2.71
CA GLN B 18 10.54 -6.42 -2.40
C GLN B 18 9.10 -5.98 -2.16
N LYS B 19 8.22 -6.31 -3.09
CA LYS B 19 6.82 -5.94 -2.99
C LYS B 19 6.23 -6.37 -1.65
N GLN B 20 6.42 -7.66 -1.33
CA GLN B 20 5.91 -8.21 -0.08
C GLN B 20 6.53 -7.49 1.12
N MET B 21 7.79 -7.11 0.98
CA MET B 21 8.50 -6.41 2.06
C MET B 21 7.86 -5.06 2.34
N LEU B 22 7.82 -4.20 1.33
CA LEU B 22 7.24 -2.86 1.47
C LEU B 22 5.82 -2.96 2.02
N GLY B 23 5.01 -3.83 1.43
CA GLY B 23 3.64 -4.00 1.88
C GLY B 23 3.55 -4.56 3.28
N GLU B 24 4.50 -5.44 3.62
CA GLU B 24 4.53 -6.06 4.94
C GLU B 24 4.70 -5.01 6.03
N ARG B 25 5.66 -4.11 5.83
CA ARG B 25 5.94 -3.06 6.80
C ARG B 25 4.88 -1.96 6.73
N LEU B 26 4.32 -1.76 5.53
CA LEU B 26 3.29 -0.74 5.34
C LEU B 26 1.95 -1.21 5.91
N PHE B 27 1.78 -2.52 6.01
CA PHE B 27 0.55 -3.09 6.53
C PHE B 27 0.19 -2.48 7.88
N PRO B 28 1.12 -2.61 8.85
CA PRO B 28 0.93 -2.06 10.19
C PRO B 28 0.97 -0.54 10.22
N LEU B 29 1.79 0.04 9.36
CA LEU B 29 1.92 1.49 9.29
C LEU B 29 0.57 2.14 9.04
N ILE B 30 -0.09 1.75 7.97
CA ILE B 30 -1.40 2.29 7.63
C ILE B 30 -2.49 1.72 8.53
N GLN B 31 -2.21 0.56 9.13
CA GLN B 31 -3.17 -0.10 10.01
C GLN B 31 -3.54 0.82 11.17
N ALA B 32 -2.68 1.78 11.48
CA ALA B 32 -2.92 2.72 12.55
C ALA B 32 -3.92 3.80 12.14
N MET B 33 -4.30 3.77 10.87
CA MET B 33 -5.25 4.75 10.33
C MET B 33 -6.46 4.04 9.73
N HIS B 34 -6.20 3.18 8.74
CA HIS B 34 -7.27 2.44 8.07
C HIS B 34 -6.99 0.94 8.11
N PRO B 35 -7.11 0.35 9.31
CA PRO B 35 -6.88 -1.09 9.50
C PRO B 35 -7.97 -1.94 8.87
N THR B 36 -9.04 -1.29 8.41
CA THR B 36 -10.16 -1.99 7.78
C THR B 36 -9.72 -2.61 6.45
N LEU B 37 -8.95 -1.87 5.68
CA LEU B 37 -8.46 -2.34 4.39
C LEU B 37 -7.02 -1.94 4.15
N ALA B 38 -6.23 -1.93 5.23
CA ALA B 38 -4.83 -1.56 5.14
C ALA B 38 -4.13 -2.33 4.02
N GLY B 39 -4.26 -3.65 4.05
CA GLY B 39 -3.63 -4.48 3.03
C GLY B 39 -4.05 -4.09 1.63
N LYS B 40 -5.35 -3.90 1.44
CA LYS B 40 -5.89 -3.52 0.14
C LYS B 40 -5.21 -2.26 -0.39
N ILE B 41 -5.33 -1.17 0.36
CA ILE B 41 -4.74 0.10 -0.03
C ILE B 41 -3.21 -0.02 -0.09
N THR B 42 -2.67 -0.95 0.68
CA THR B 42 -1.23 -1.16 0.72
C THR B 42 -0.73 -1.80 -0.57
N GLY B 43 -1.56 -2.64 -1.17
CA GLY B 43 -1.18 -3.29 -2.41
C GLY B 43 -1.05 -2.32 -3.57
N MET B 44 -2.06 -1.47 -3.74
CA MET B 44 -2.06 -0.49 -4.81
C MET B 44 -1.00 0.58 -4.57
N LEU B 45 -0.87 1.00 -3.32
CA LEU B 45 0.10 2.02 -2.95
C LEU B 45 1.52 1.56 -3.27
N LEU B 46 1.91 0.42 -2.69
CA LEU B 46 3.24 -0.13 -2.91
C LEU B 46 3.44 -0.51 -4.38
N GLU B 47 2.33 -0.73 -5.09
CA GLU B 47 2.38 -1.09 -6.50
C GLU B 47 2.69 0.13 -7.36
N ILE B 48 2.47 1.32 -6.81
CA ILE B 48 2.72 2.56 -7.52
C ILE B 48 4.11 2.56 -8.14
N ASP B 49 5.13 2.49 -7.29
CA ASP B 49 6.52 2.49 -7.75
C ASP B 49 7.48 2.47 -6.57
N ASN B 50 8.42 1.54 -6.59
CA ASN B 50 9.40 1.41 -5.52
C ASN B 50 10.32 2.64 -5.49
N SER B 51 10.52 3.25 -6.65
CA SER B 51 11.38 4.42 -6.76
C SER B 51 10.85 5.57 -5.89
N GLU B 52 9.56 5.86 -6.03
CA GLU B 52 8.93 6.93 -5.27
C GLU B 52 8.73 6.51 -3.82
N LEU B 53 8.23 5.29 -3.63
CA LEU B 53 7.98 4.77 -2.29
C LEU B 53 9.23 4.91 -1.41
N LEU B 54 10.38 4.56 -1.98
CA LEU B 54 11.65 4.65 -1.26
C LEU B 54 11.80 6.00 -0.59
N HIS B 55 11.30 7.05 -1.25
CA HIS B 55 11.39 8.40 -0.71
C HIS B 55 10.16 8.72 0.15
N MET B 56 9.05 8.05 -0.14
CA MET B 56 7.82 8.25 0.62
C MET B 56 7.95 7.72 2.03
N LEU B 57 8.86 6.76 2.22
CA LEU B 57 9.08 6.16 3.54
C LEU B 57 9.23 7.24 4.60
N GLU B 58 10.17 8.15 4.38
CA GLU B 58 10.43 9.24 5.32
C GLU B 58 9.67 10.50 4.92
N SER B 59 8.62 10.33 4.14
CA SER B 59 7.82 11.46 3.67
C SER B 59 6.42 11.41 4.27
N PRO B 60 6.30 11.84 5.54
CA PRO B 60 5.02 11.86 6.25
C PRO B 60 4.06 12.91 5.70
N GLU B 61 4.57 13.74 4.80
CA GLU B 61 3.75 14.80 4.20
C GLU B 61 3.09 14.30 2.91
N SER B 62 3.62 13.22 2.35
CA SER B 62 3.10 12.65 1.13
C SER B 62 2.29 11.39 1.40
N LEU B 63 2.83 10.54 2.28
CA LEU B 63 2.16 9.29 2.64
C LEU B 63 0.71 9.56 3.04
N ARG B 64 0.50 10.53 3.91
CA ARG B 64 -0.84 10.87 4.37
C ARG B 64 -1.77 11.11 3.19
N SER B 65 -1.41 12.04 2.33
CA SER B 65 -2.21 12.37 1.16
C SER B 65 -2.56 11.11 0.37
N LYS B 66 -1.54 10.31 0.08
CA LYS B 66 -1.74 9.07 -0.67
C LYS B 66 -2.84 8.22 -0.04
N VAL B 67 -2.73 7.97 1.25
CA VAL B 67 -3.71 7.18 1.97
C VAL B 67 -5.11 7.75 1.79
N ASP B 68 -5.26 9.03 2.10
CA ASP B 68 -6.56 9.71 1.96
C ASP B 68 -7.08 9.61 0.53
N GLU B 69 -6.18 9.76 -0.43
CA GLU B 69 -6.54 9.69 -1.84
C GLU B 69 -7.21 8.36 -2.16
N ALA B 70 -6.55 7.27 -1.77
CA ALA B 70 -7.09 5.93 -2.02
C ALA B 70 -8.43 5.74 -1.33
N VAL B 71 -8.44 5.92 -0.01
CA VAL B 71 -9.66 5.76 0.77
C VAL B 71 -10.81 6.56 0.16
N ALA B 72 -10.48 7.73 -0.38
CA ALA B 72 -11.50 8.58 -1.00
C ALA B 72 -11.90 8.05 -2.37
N VAL B 73 -10.94 7.48 -3.09
CA VAL B 73 -11.21 6.92 -4.41
C VAL B 73 -12.32 5.89 -4.37
N LEU B 74 -12.51 5.29 -3.20
CA LEU B 74 -13.55 4.28 -3.01
C LEU B 74 -14.94 4.92 -2.99
N GLN B 75 -15.12 5.89 -2.09
CA GLN B 75 -16.40 6.58 -1.96
C GLN B 75 -16.81 7.20 -3.28
N ALA B 76 -15.82 7.54 -4.10
CA ALA B 76 -16.08 8.15 -5.41
C ALA B 76 -16.39 7.09 -6.46
N HIS B 77 -15.92 5.87 -6.21
CA HIS B 77 -16.14 4.76 -7.14
C HIS B 77 -17.22 3.83 -6.63
N GLN B 78 -17.56 2.83 -7.43
CA GLN B 78 -18.59 1.85 -7.05
C GLN B 78 -18.43 0.56 -7.82
N ALA B 79 -18.81 -0.56 -7.19
CA ALA B 79 -18.70 -1.86 -7.82
C ALA B 79 -19.50 -2.91 -7.05
N LYS B 80 -19.77 -4.04 -7.69
CA LYS B 80 -20.51 -5.12 -7.07
C LYS B 80 -19.63 -6.34 -6.85
N GLU B 81 -19.15 -6.49 -5.62
CA GLU B 81 -18.29 -7.63 -5.27
C GLU B 81 -17.04 -7.64 -6.14
N ALA B 82 -16.57 -6.45 -6.51
CA ALA B 82 -15.38 -6.33 -7.34
C ALA B 82 -14.32 -5.47 -6.65
N ALA B 83 -13.26 -6.13 -6.16
CA ALA B 83 -12.18 -5.42 -5.48
C ALA B 83 -10.84 -5.72 -6.13
N ALA A 1 -10.34 16.61 -9.91
CA ALA A 1 -9.23 15.76 -10.35
C ALA A 1 -8.22 15.55 -9.23
N LYS A 2 -8.09 14.31 -8.79
CA LYS A 2 -7.15 13.97 -7.72
C LYS A 2 -5.74 13.80 -8.26
N PRO A 3 -4.75 13.90 -7.37
CA PRO A 3 -3.33 13.76 -7.74
C PRO A 3 -2.97 12.33 -8.13
N PHE A 4 -3.82 11.38 -7.74
CA PHE A 4 -3.59 9.98 -8.06
C PHE A 4 -4.91 9.25 -8.27
N VAL A 5 -4.92 8.31 -9.21
CA VAL A 5 -6.12 7.54 -9.51
C VAL A 5 -5.93 6.07 -9.12
N PRO A 6 -6.02 5.79 -7.81
CA PRO A 6 -5.86 4.43 -7.28
C PRO A 6 -7.05 3.54 -7.64
N ASN A 7 -6.75 2.35 -8.15
CA ASN A 7 -7.78 1.40 -8.52
C ASN A 7 -8.31 0.64 -7.30
N VAL A 8 -9.47 1.06 -6.81
CA VAL A 8 -10.07 0.42 -5.65
C VAL A 8 -10.36 -1.05 -5.92
N HIS A 9 -10.46 -1.84 -4.85
CA HIS A 9 -10.73 -3.26 -4.97
C HIS A 9 -9.54 -3.99 -5.59
N ALA A 10 -8.35 -3.45 -5.38
CA ALA A 10 -7.13 -4.06 -5.91
C ALA A 10 -6.72 -5.28 -5.11
N ALA A 11 -6.30 -6.34 -5.80
CA ALA A 11 -5.88 -7.57 -5.15
C ALA A 11 -4.85 -7.29 -4.05
N GLU A 12 -5.01 -7.97 -2.93
CA GLU A 12 -4.10 -7.80 -1.80
C GLU A 12 -2.64 -7.92 -2.26
N PHE A 13 -1.80 -7.03 -1.75
CA PHE A 13 -0.37 -7.04 -2.09
C PHE A 13 0.24 -8.41 -1.82
N VAL A 14 -0.33 -9.13 -0.86
CA VAL A 14 0.17 -10.45 -0.51
C VAL A 14 -0.24 -11.49 -1.55
N PRO A 15 0.55 -12.57 -1.65
CA PRO A 15 0.29 -13.66 -2.60
C PRO A 15 -0.95 -14.47 -2.23
N SER A 16 -1.03 -14.87 -0.97
CA SER A 16 -2.16 -15.66 -0.49
C SER A 16 -3.48 -14.98 -0.84
N PHE A 17 -4.31 -15.70 -1.60
CA PHE A 17 -5.61 -15.17 -2.02
C PHE A 17 -6.74 -16.00 -1.44
N LEU A 18 -6.44 -17.26 -1.12
CA LEU A 18 -7.44 -18.16 -0.56
C LEU A 18 -7.19 -18.39 0.93
N ARG A 19 -7.06 -17.30 1.67
CA ARG A 19 -6.82 -17.39 3.10
C ARG A 19 -7.26 -16.10 3.80
N GLY A 20 -7.24 -16.11 5.13
CA GLY A 20 -7.63 -14.95 5.90
C GLY A 20 -6.90 -13.69 5.46
N PRO A 21 -7.41 -12.53 5.89
CA PRO A 21 -6.82 -11.24 5.54
C PRO A 21 -5.47 -11.00 6.22
N ALA A 22 -5.42 -11.27 7.53
CA ALA A 22 -4.19 -11.10 8.29
C ALA A 22 -4.23 -11.92 9.57
N GLY B 1 10.44 -8.47 14.09
CA GLY B 1 11.32 -8.28 12.94
C GLY B 1 12.63 -7.63 13.32
N GLN B 2 13.68 -7.90 12.54
CA GLN B 2 15.00 -7.33 12.80
C GLN B 2 15.16 -5.98 12.10
N GLU B 3 14.98 -4.91 12.86
CA GLU B 3 15.11 -3.56 12.33
C GLU B 3 14.06 -3.31 11.24
N PRO B 4 13.81 -2.03 10.96
CA PRO B 4 12.82 -1.62 9.95
C PRO B 4 13.28 -1.94 8.53
N LEU B 5 12.48 -1.55 7.55
CA LEU B 5 12.80 -1.80 6.15
C LEU B 5 13.25 -0.52 5.45
N THR B 6 14.27 -0.63 4.62
CA THR B 6 14.79 0.52 3.89
C THR B 6 15.42 0.10 2.57
N ALA B 7 15.93 1.07 1.82
CA ALA B 7 16.57 0.80 0.54
C ALA B 7 17.69 -0.23 0.69
N SER B 8 18.42 -0.14 1.80
CA SER B 8 19.53 -1.05 2.05
C SER B 8 19.08 -2.49 1.92
N MET B 9 17.97 -2.82 2.57
CA MET B 9 17.42 -4.17 2.53
C MET B 9 16.65 -4.41 1.23
N LEU B 10 15.95 -3.38 0.77
CA LEU B 10 15.18 -3.48 -0.46
C LEU B 10 16.08 -3.78 -1.66
N ALA B 11 17.35 -3.41 -1.53
CA ALA B 11 18.32 -3.63 -2.60
C ALA B 11 19.06 -4.95 -2.40
N SER B 12 18.48 -5.83 -1.59
CA SER B 12 19.09 -7.13 -1.32
C SER B 12 18.19 -8.27 -1.82
N ALA B 13 16.90 -8.00 -1.88
CA ALA B 13 15.94 -9.00 -2.35
C ALA B 13 15.48 -8.70 -3.77
N PRO B 14 14.93 -9.73 -4.45
CA PRO B 14 14.44 -9.59 -5.82
C PRO B 14 13.18 -8.74 -5.91
N PRO B 15 12.82 -8.35 -7.14
CA PRO B 15 11.63 -7.53 -7.39
C PRO B 15 10.33 -8.28 -7.13
N GLN B 16 10.43 -9.60 -7.06
CA GLN B 16 9.27 -10.44 -6.81
C GLN B 16 8.92 -10.47 -5.33
N GLU B 17 9.92 -10.25 -4.49
CA GLU B 17 9.72 -10.25 -3.04
C GLU B 17 9.67 -8.83 -2.49
N GLN B 18 10.28 -7.90 -3.23
CA GLN B 18 10.31 -6.49 -2.82
C GLN B 18 8.91 -6.00 -2.49
N LYS B 19 7.98 -6.22 -3.40
CA LYS B 19 6.60 -5.80 -3.21
C LYS B 19 6.06 -6.28 -1.87
N GLN B 20 6.27 -7.56 -1.58
CA GLN B 20 5.81 -8.15 -0.33
C GLN B 20 6.44 -7.44 0.87
N MET B 21 7.71 -7.08 0.73
CA MET B 21 8.43 -6.40 1.80
C MET B 21 7.81 -5.05 2.10
N LEU B 22 7.78 -4.18 1.09
CA LEU B 22 7.22 -2.84 1.25
C LEU B 22 5.82 -2.91 1.85
N GLY B 23 4.97 -3.75 1.25
CA GLY B 23 3.60 -3.90 1.74
C GLY B 23 3.55 -4.50 3.13
N GLU B 24 4.50 -5.38 3.43
CA GLU B 24 4.55 -6.03 4.74
C GLU B 24 4.74 -5.00 5.85
N ARG B 25 5.71 -4.11 5.66
CA ARG B 25 6.01 -3.08 6.64
C ARG B 25 4.96 -1.97 6.59
N LEU B 26 4.40 -1.75 5.41
CA LEU B 26 3.38 -0.71 5.23
C LEU B 26 2.04 -1.16 5.81
N PHE B 27 1.85 -2.47 5.90
CA PHE B 27 0.61 -3.03 6.43
C PHE B 27 0.29 -2.42 7.80
N PRO B 28 1.23 -2.58 8.75
CA PRO B 28 1.07 -2.06 10.11
C PRO B 28 1.14 -0.55 10.16
N LEU B 29 1.94 0.04 9.27
CA LEU B 29 2.09 1.49 9.22
C LEU B 29 0.74 2.17 9.00
N ILE B 30 0.07 1.79 7.93
CA ILE B 30 -1.24 2.36 7.61
C ILE B 30 -2.33 1.81 8.52
N GLN B 31 -2.05 0.65 9.11
CA GLN B 31 -3.00 0.01 10.01
C GLN B 31 -3.37 0.93 11.17
N ALA B 32 -2.48 1.88 11.47
CA ALA B 32 -2.71 2.82 12.55
C ALA B 32 -3.67 3.92 12.13
N MET B 33 -4.09 3.89 10.86
CA MET B 33 -5.00 4.88 10.33
C MET B 33 -6.22 4.22 9.70
N HIS B 34 -5.97 3.34 8.72
CA HIS B 34 -7.05 2.63 8.03
C HIS B 34 -6.81 1.12 8.06
N PRO B 35 -6.93 0.53 9.26
CA PRO B 35 -6.73 -0.91 9.45
C PRO B 35 -7.85 -1.73 8.82
N THR B 36 -8.93 -1.07 8.45
CA THR B 36 -10.08 -1.74 7.83
C THR B 36 -9.69 -2.39 6.52
N LEU B 37 -8.90 -1.67 5.72
CA LEU B 37 -8.45 -2.18 4.42
C LEU B 37 -6.99 -1.84 4.18
N ALA B 38 -6.19 -1.87 5.24
CA ALA B 38 -4.77 -1.57 5.15
C ALA B 38 -4.12 -2.34 3.99
N GLY B 39 -4.30 -3.65 4.00
CA GLY B 39 -3.73 -4.48 2.96
C GLY B 39 -4.15 -4.04 1.56
N LYS B 40 -5.44 -3.75 1.40
CA LYS B 40 -5.97 -3.31 0.12
C LYS B 40 -5.25 -2.06 -0.37
N ILE B 41 -5.34 -0.98 0.41
CA ILE B 41 -4.68 0.27 0.05
C ILE B 41 -3.18 0.10 -0.05
N THR B 42 -2.65 -0.89 0.67
CA THR B 42 -1.22 -1.16 0.66
C THR B 42 -0.76 -1.68 -0.69
N GLY B 43 -1.53 -2.61 -1.25
CA GLY B 43 -1.19 -3.17 -2.55
C GLY B 43 -1.10 -2.12 -3.64
N MET B 44 -2.08 -1.21 -3.66
CA MET B 44 -2.11 -0.15 -4.65
C MET B 44 -1.00 0.87 -4.41
N LEU B 45 -0.87 1.30 -3.16
CA LEU B 45 0.15 2.26 -2.79
C LEU B 45 1.55 1.78 -3.19
N LEU B 46 1.92 0.61 -2.70
CA LEU B 46 3.22 0.03 -3.01
C LEU B 46 3.35 -0.27 -4.51
N GLU B 47 2.20 -0.42 -5.16
CA GLU B 47 2.18 -0.71 -6.60
C GLU B 47 2.49 0.56 -7.40
N ILE B 48 2.32 1.71 -6.78
CA ILE B 48 2.58 2.99 -7.42
C ILE B 48 3.96 2.99 -8.09
N ASP B 49 5.00 2.84 -7.29
CA ASP B 49 6.37 2.83 -7.80
C ASP B 49 7.38 2.74 -6.66
N ASN B 50 8.28 1.77 -6.75
CA ASN B 50 9.30 1.57 -5.73
C ASN B 50 10.25 2.76 -5.66
N SER B 51 10.44 3.42 -6.81
CA SER B 51 11.33 4.57 -6.88
C SER B 51 10.83 5.69 -5.98
N GLU B 52 9.55 6.02 -6.09
CA GLU B 52 8.96 7.07 -5.28
C GLU B 52 8.77 6.61 -3.83
N LEU B 53 8.26 5.40 -3.66
CA LEU B 53 8.05 4.84 -2.34
C LEU B 53 9.32 4.92 -1.49
N LEU B 54 10.45 4.56 -2.09
CA LEU B 54 11.74 4.60 -1.40
C LEU B 54 11.94 5.95 -0.70
N HIS B 55 11.46 7.01 -1.34
CA HIS B 55 11.59 8.35 -0.77
C HIS B 55 10.40 8.68 0.13
N MET B 56 9.27 8.05 -0.14
CA MET B 56 8.07 8.27 0.66
C MET B 56 8.23 7.71 2.06
N LEU B 57 9.12 6.74 2.21
CA LEU B 57 9.38 6.11 3.50
C LEU B 57 9.60 7.18 4.58
N GLU B 58 10.50 8.10 4.30
CA GLU B 58 10.82 9.17 5.24
C GLU B 58 10.11 10.46 4.85
N SER B 59 9.01 10.33 4.11
CA SER B 59 8.24 11.49 3.67
C SER B 59 6.82 11.44 4.23
N PRO B 60 6.69 11.87 5.50
CA PRO B 60 5.39 11.88 6.19
C PRO B 60 4.45 12.94 5.63
N GLU B 61 4.97 13.79 4.75
CA GLU B 61 4.18 14.84 4.13
C GLU B 61 3.48 14.34 2.87
N SER B 62 4.05 13.30 2.26
CA SER B 62 3.48 12.72 1.05
C SER B 62 2.70 11.45 1.36
N LEU B 63 3.21 10.68 2.32
CA LEU B 63 2.57 9.43 2.72
C LEU B 63 1.08 9.66 3.00
N ARG B 64 0.79 10.49 3.99
CA ARG B 64 -0.59 10.78 4.36
C ARG B 64 -1.40 11.20 3.14
N SER B 65 -0.74 11.89 2.21
CA SER B 65 -1.40 12.35 0.99
C SER B 65 -1.92 11.18 0.17
N LYS B 66 -1.01 10.31 -0.24
CA LYS B 66 -1.38 9.14 -1.04
C LYS B 66 -2.47 8.33 -0.33
N VAL B 67 -2.29 8.11 0.95
CA VAL B 67 -3.26 7.35 1.74
C VAL B 67 -4.66 7.94 1.62
N ASP B 68 -4.77 9.23 1.88
CA ASP B 68 -6.06 9.92 1.79
C ASP B 68 -6.66 9.75 0.40
N GLU B 69 -5.83 9.84 -0.62
CA GLU B 69 -6.29 9.70 -2.00
C GLU B 69 -6.97 8.35 -2.20
N ALA B 70 -6.30 7.28 -1.82
CA ALA B 70 -6.84 5.94 -1.96
C ALA B 70 -8.17 5.81 -1.23
N VAL B 71 -8.22 6.30 0.00
CA VAL B 71 -9.43 6.23 0.81
C VAL B 71 -10.60 6.90 0.09
N ALA B 72 -10.37 8.10 -0.44
CA ALA B 72 -11.40 8.83 -1.16
C ALA B 72 -11.88 8.05 -2.38
N VAL B 73 -10.97 7.31 -3.01
CA VAL B 73 -11.30 6.51 -4.19
C VAL B 73 -12.22 5.36 -3.82
N LEU B 74 -12.14 4.91 -2.57
CA LEU B 74 -12.97 3.81 -2.11
C LEU B 74 -14.41 4.26 -1.87
N GLN B 75 -14.58 5.22 -0.98
CA GLN B 75 -15.91 5.75 -0.67
C GLN B 75 -16.61 6.25 -1.94
N ALA B 76 -15.81 6.62 -2.93
CA ALA B 76 -16.35 7.11 -4.19
C ALA B 76 -17.10 6.01 -4.94
N HIS B 77 -16.89 4.77 -4.51
CA HIS B 77 -17.56 3.62 -5.13
C HIS B 77 -18.93 3.40 -4.52
N GLN B 78 -19.01 3.44 -3.20
CA GLN B 78 -20.27 3.24 -2.49
C GLN B 78 -20.29 4.01 -1.18
N ALA B 79 -21.34 4.80 -0.98
CA ALA B 79 -21.48 5.59 0.24
C ALA B 79 -22.54 5.00 1.16
N LYS B 80 -22.41 3.70 1.44
CA LYS B 80 -23.35 3.01 2.31
C LYS B 80 -22.62 2.16 3.34
N GLU B 81 -23.18 2.09 4.54
CA GLU B 81 -22.57 1.30 5.62
C GLU B 81 -23.60 0.39 6.26
N ALA B 82 -24.52 -0.13 5.45
CA ALA B 82 -25.56 -1.02 5.95
C ALA B 82 -25.71 -2.24 5.05
N ALA B 83 -24.60 -2.89 4.75
CA ALA B 83 -24.61 -4.07 3.89
C ALA B 83 -24.58 -5.34 4.73
N ALA A 1 2.00 16.17 -12.51
CA ALA A 1 1.13 16.32 -11.36
C ALA A 1 -0.23 15.69 -11.62
N LYS A 2 -0.26 14.63 -12.41
CA LYS A 2 -1.50 13.94 -12.75
C LYS A 2 -1.99 13.10 -11.57
N PRO A 3 -3.28 12.77 -11.58
CA PRO A 3 -3.90 11.96 -10.52
C PRO A 3 -3.43 10.51 -10.54
N PHE A 4 -3.46 9.86 -9.38
CA PHE A 4 -3.03 8.47 -9.26
C PHE A 4 -4.13 7.52 -9.74
N VAL A 5 -5.35 7.74 -9.25
CA VAL A 5 -6.48 6.90 -9.62
C VAL A 5 -6.32 5.48 -9.09
N PRO A 6 -6.32 5.35 -7.75
CA PRO A 6 -6.16 4.05 -7.09
C PRO A 6 -7.39 3.17 -7.27
N ASN A 7 -7.20 2.02 -7.91
CA ASN A 7 -8.29 1.09 -8.14
C ASN A 7 -8.78 0.47 -6.84
N VAL A 8 -9.92 0.93 -6.36
CA VAL A 8 -10.50 0.42 -5.12
C VAL A 8 -10.71 -1.09 -5.19
N HIS A 9 -10.77 -1.62 -6.41
CA HIS A 9 -10.97 -3.05 -6.61
C HIS A 9 -9.64 -3.80 -6.51
N ALA A 10 -8.58 -3.07 -6.17
CA ALA A 10 -7.25 -3.66 -6.04
C ALA A 10 -7.19 -4.61 -4.84
N ALA A 11 -7.30 -5.90 -5.10
CA ALA A 11 -7.26 -6.91 -4.04
C ALA A 11 -6.04 -6.71 -3.16
N GLU A 12 -6.06 -7.34 -1.98
CA GLU A 12 -4.95 -7.23 -1.03
C GLU A 12 -3.63 -7.56 -1.72
N PHE A 13 -2.57 -6.84 -1.31
CA PHE A 13 -1.25 -7.06 -1.89
C PHE A 13 -0.76 -8.48 -1.61
N VAL A 14 -1.28 -9.07 -0.53
CA VAL A 14 -0.90 -10.43 -0.16
C VAL A 14 -2.07 -11.39 -0.29
N PRO A 15 -2.36 -11.80 -1.54
CA PRO A 15 -3.46 -12.72 -1.83
C PRO A 15 -3.18 -14.13 -1.33
N SER A 16 -4.22 -14.80 -0.86
CA SER A 16 -4.09 -16.17 -0.34
C SER A 16 -5.28 -17.02 -0.77
N PHE A 17 -5.11 -18.33 -0.67
CA PHE A 17 -6.17 -19.27 -1.04
C PHE A 17 -6.47 -20.24 0.10
N LEU A 18 -5.97 -19.91 1.28
CA LEU A 18 -6.18 -20.76 2.46
C LEU A 18 -7.21 -20.13 3.40
N ARG A 19 -8.45 -20.60 3.31
CA ARG A 19 -9.53 -20.09 4.15
C ARG A 19 -9.13 -20.14 5.62
N GLY A 20 -8.27 -21.10 5.98
CA GLY A 20 -7.84 -21.24 7.35
C GLY A 20 -8.54 -22.36 8.07
N PRO A 21 -8.11 -22.63 9.31
CA PRO A 21 -8.69 -23.70 10.13
C PRO A 21 -10.11 -23.39 10.59
N ALA A 22 -10.47 -22.11 10.53
CA ALA A 22 -11.80 -21.66 10.92
C ALA A 22 -12.55 -21.05 9.76
N GLY B 1 13.65 -7.50 19.35
CA GLY B 1 14.99 -7.20 18.88
C GLY B 1 15.13 -7.43 17.39
N GLN B 2 14.44 -6.62 16.59
CA GLN B 2 14.51 -6.74 15.14
C GLN B 2 14.10 -5.44 14.46
N GLU B 3 15.02 -4.87 13.68
CA GLU B 3 14.76 -3.62 12.99
C GLU B 3 14.07 -3.87 11.65
N PRO B 4 13.43 -2.82 11.11
CA PRO B 4 12.72 -2.92 9.82
C PRO B 4 13.68 -3.07 8.64
N LEU B 5 13.16 -2.91 7.43
CA LEU B 5 13.96 -3.03 6.23
C LEU B 5 14.27 -1.66 5.64
N THR B 6 15.33 -1.58 4.84
CA THR B 6 15.72 -0.33 4.22
C THR B 6 16.17 -0.55 2.77
N ALA B 7 16.35 0.55 2.04
CA ALA B 7 16.76 0.47 0.64
C ALA B 7 18.03 -0.37 0.50
N SER B 8 18.99 -0.16 1.39
CA SER B 8 20.25 -0.89 1.37
C SER B 8 20.00 -2.39 1.50
N MET B 9 18.84 -2.74 2.05
CA MET B 9 18.49 -4.14 2.24
C MET B 9 17.66 -4.66 1.07
N LEU B 10 16.58 -3.94 0.77
CA LEU B 10 15.70 -4.33 -0.34
C LEU B 10 16.46 -4.33 -1.67
N ALA B 11 17.50 -3.52 -1.74
CA ALA B 11 18.32 -3.43 -2.95
C ALA B 11 18.98 -4.76 -3.28
N SER B 12 19.01 -5.65 -2.28
CA SER B 12 19.62 -6.96 -2.47
C SER B 12 18.60 -7.97 -2.98
N ALA B 13 17.33 -7.71 -2.69
CA ALA B 13 16.25 -8.59 -3.12
C ALA B 13 15.72 -8.18 -4.49
N PRO B 14 15.06 -9.12 -5.18
CA PRO B 14 14.48 -8.88 -6.51
C PRO B 14 13.29 -7.93 -6.46
N PRO B 15 12.86 -7.46 -7.64
CA PRO B 15 11.73 -6.54 -7.76
C PRO B 15 10.40 -7.22 -7.43
N GLN B 16 10.43 -8.54 -7.31
CA GLN B 16 9.22 -9.30 -7.00
C GLN B 16 9.09 -9.52 -5.50
N GLU B 17 10.22 -9.68 -4.84
CA GLU B 17 10.23 -9.90 -3.39
C GLU B 17 10.03 -8.58 -2.64
N GLN B 18 10.68 -7.53 -3.11
CA GLN B 18 10.57 -6.22 -2.48
C GLN B 18 9.11 -5.79 -2.36
N LYS B 19 8.30 -6.21 -3.33
CA LYS B 19 6.88 -5.87 -3.32
C LYS B 19 6.21 -6.33 -2.03
N GLN B 20 6.18 -7.65 -1.81
CA GLN B 20 5.58 -8.21 -0.62
C GLN B 20 6.22 -7.63 0.64
N MET B 21 7.53 -7.39 0.58
CA MET B 21 8.25 -6.84 1.71
C MET B 21 7.72 -5.46 2.09
N LEU B 22 7.80 -4.52 1.14
CA LEU B 22 7.33 -3.16 1.37
C LEU B 22 5.88 -3.17 1.89
N GLY B 23 5.02 -3.89 1.19
CA GLY B 23 3.62 -3.97 1.59
C GLY B 23 3.45 -4.56 2.98
N GLU B 24 4.16 -5.66 3.23
CA GLU B 24 4.08 -6.32 4.53
C GLU B 24 4.41 -5.36 5.66
N ARG B 25 5.42 -4.52 5.45
CA ARG B 25 5.83 -3.55 6.45
C ARG B 25 4.87 -2.38 6.51
N LEU B 26 4.25 -2.07 5.37
CA LEU B 26 3.28 -0.97 5.30
C LEU B 26 1.96 -1.36 5.93
N PHE B 27 1.69 -2.66 6.00
CA PHE B 27 0.46 -3.16 6.58
C PHE B 27 0.26 -2.61 7.99
N PRO B 28 1.24 -2.86 8.87
CA PRO B 28 1.20 -2.40 10.26
C PRO B 28 1.36 -0.88 10.37
N LEU B 29 2.13 -0.31 9.46
CA LEU B 29 2.36 1.13 9.44
C LEU B 29 1.06 1.90 9.30
N ILE B 30 0.34 1.63 8.21
CA ILE B 30 -0.94 2.29 7.95
C ILE B 30 -2.03 1.73 8.85
N GLN B 31 -1.80 0.55 9.40
CA GLN B 31 -2.77 -0.10 10.28
C GLN B 31 -3.09 0.79 11.47
N ALA B 32 -2.19 1.72 11.78
CA ALA B 32 -2.39 2.63 12.89
C ALA B 32 -3.19 3.86 12.47
N MET B 33 -3.65 3.86 11.21
CA MET B 33 -4.42 4.97 10.68
C MET B 33 -5.69 4.47 9.99
N HIS B 34 -5.51 3.64 8.97
CA HIS B 34 -6.64 3.09 8.22
C HIS B 34 -6.49 1.58 8.03
N PRO B 35 -6.62 0.83 9.14
CA PRO B 35 -6.50 -0.63 9.12
C PRO B 35 -7.66 -1.30 8.41
N THR B 36 -8.81 -0.64 8.40
CA THR B 36 -9.99 -1.17 7.75
C THR B 36 -9.70 -1.60 6.31
N LEU B 37 -8.78 -0.89 5.68
CA LEU B 37 -8.39 -1.19 4.30
C LEU B 37 -6.89 -0.98 4.09
N ALA B 38 -6.13 -1.13 5.17
CA ALA B 38 -4.68 -0.96 5.11
C ALA B 38 -4.08 -1.77 3.97
N GLY B 39 -4.34 -3.08 3.97
CA GLY B 39 -3.82 -3.95 2.93
C GLY B 39 -4.18 -3.47 1.54
N LYS B 40 -5.42 -3.03 1.38
CA LYS B 40 -5.89 -2.53 0.08
C LYS B 40 -5.05 -1.36 -0.40
N ILE B 41 -5.04 -0.29 0.37
CA ILE B 41 -4.26 0.89 0.02
C ILE B 41 -2.77 0.58 -0.02
N THR B 42 -2.37 -0.46 0.70
CA THR B 42 -0.96 -0.86 0.74
C THR B 42 -0.53 -1.43 -0.60
N GLY B 43 -1.35 -2.31 -1.17
CA GLY B 43 -1.01 -2.92 -2.45
C GLY B 43 -0.82 -1.88 -3.54
N MET B 44 -1.69 -0.88 -3.57
CA MET B 44 -1.61 0.18 -4.58
C MET B 44 -0.39 1.06 -4.33
N LEU B 45 -0.30 1.61 -3.13
CA LEU B 45 0.83 2.48 -2.77
C LEU B 45 2.15 1.81 -3.08
N LEU B 46 2.37 0.63 -2.49
CA LEU B 46 3.60 -0.12 -2.70
C LEU B 46 3.79 -0.44 -4.18
N GLU B 47 2.70 -0.53 -4.91
CA GLU B 47 2.75 -0.83 -6.34
C GLU B 47 3.17 0.40 -7.14
N ILE B 48 3.03 1.57 -6.53
CA ILE B 48 3.40 2.82 -7.18
C ILE B 48 4.80 2.75 -7.76
N ASP B 49 5.79 2.57 -6.88
CA ASP B 49 7.17 2.48 -7.31
C ASP B 49 8.11 2.40 -6.10
N ASN B 50 8.97 1.39 -6.09
CA ASN B 50 9.92 1.20 -5.00
C ASN B 50 10.84 2.41 -4.87
N SER B 51 11.14 3.05 -5.98
CA SER B 51 12.02 4.21 -6.00
C SER B 51 11.40 5.36 -5.20
N GLU B 52 10.15 5.68 -5.51
CA GLU B 52 9.45 6.76 -4.82
C GLU B 52 9.12 6.37 -3.38
N LEU B 53 8.59 5.17 -3.21
CA LEU B 53 8.23 4.66 -1.89
C LEU B 53 9.41 4.77 -0.92
N LEU B 54 10.58 4.34 -1.40
CA LEU B 54 11.80 4.39 -0.58
C LEU B 54 11.98 5.77 0.04
N HIS B 55 11.53 6.80 -0.67
CA HIS B 55 11.64 8.16 -0.18
C HIS B 55 10.39 8.58 0.58
N MET B 56 9.27 7.95 0.25
CA MET B 56 8.00 8.25 0.91
C MET B 56 8.00 7.77 2.35
N LEU B 57 8.84 6.77 2.64
CA LEU B 57 8.94 6.23 3.99
C LEU B 57 9.08 7.34 5.02
N GLU B 58 9.88 8.34 4.70
CA GLU B 58 10.09 9.47 5.60
C GLU B 58 9.43 10.73 5.07
N SER B 59 8.41 10.55 4.24
CA SER B 59 7.69 11.67 3.65
C SER B 59 6.24 11.69 4.13
N PRO B 60 6.01 12.25 5.32
CA PRO B 60 4.67 12.35 5.90
C PRO B 60 3.78 13.34 5.16
N GLU B 61 4.38 14.07 4.22
CA GLU B 61 3.63 15.05 3.43
C GLU B 61 3.13 14.44 2.14
N SER B 62 3.47 13.17 1.90
CA SER B 62 3.06 12.48 0.70
C SER B 62 2.29 11.21 1.04
N LEU B 63 2.83 10.42 1.97
CA LEU B 63 2.18 9.19 2.39
C LEU B 63 0.71 9.42 2.74
N ARG B 64 0.46 10.48 3.51
CA ARG B 64 -0.90 10.82 3.91
C ARG B 64 -1.79 11.05 2.70
N SER B 65 -1.37 11.95 1.82
CA SER B 65 -2.13 12.27 0.62
C SER B 65 -2.53 10.99 -0.12
N LYS B 66 -1.57 10.08 -0.27
CA LYS B 66 -1.82 8.83 -0.95
C LYS B 66 -2.91 8.02 -0.25
N VAL B 67 -2.72 7.79 1.04
CA VAL B 67 -3.69 7.04 1.84
C VAL B 67 -5.09 7.60 1.66
N ASP B 68 -5.23 8.92 1.80
CA ASP B 68 -6.52 9.58 1.65
C ASP B 68 -7.05 9.40 0.23
N GLU B 69 -6.18 9.52 -0.75
CA GLU B 69 -6.57 9.37 -2.15
C GLU B 69 -7.26 8.03 -2.39
N ALA B 70 -6.67 6.97 -1.84
CA ALA B 70 -7.23 5.63 -1.99
C ALA B 70 -8.55 5.50 -1.23
N VAL B 71 -8.52 5.75 0.07
CA VAL B 71 -9.70 5.66 0.90
C VAL B 71 -10.85 6.47 0.31
N ALA B 72 -10.52 7.60 -0.30
CA ALA B 72 -11.54 8.45 -0.92
C ALA B 72 -12.00 7.88 -2.24
N VAL B 73 -11.10 7.20 -2.94
CA VAL B 73 -11.42 6.59 -4.23
C VAL B 73 -12.59 5.62 -4.10
N LEU B 74 -12.76 5.07 -2.91
CA LEU B 74 -13.84 4.13 -2.65
C LEU B 74 -15.19 4.84 -2.56
N GLN B 75 -15.26 5.85 -1.70
CA GLN B 75 -16.49 6.62 -1.51
C GLN B 75 -17.03 7.10 -2.86
N ALA B 76 -16.13 7.35 -3.80
CA ALA B 76 -16.52 7.80 -5.13
C ALA B 76 -17.32 6.74 -5.87
N HIS B 77 -16.94 5.48 -5.69
CA HIS B 77 -17.61 4.37 -6.34
C HIS B 77 -18.99 4.13 -5.72
N GLN B 78 -18.99 3.74 -4.45
CA GLN B 78 -20.23 3.48 -3.74
C GLN B 78 -19.99 3.37 -2.24
N ALA B 79 -21.07 3.48 -1.46
CA ALA B 79 -20.97 3.41 -0.01
C ALA B 79 -22.31 3.00 0.61
N LYS B 80 -22.25 2.17 1.65
CA LYS B 80 -23.46 1.71 2.33
C LYS B 80 -23.29 1.80 3.84
N GLU B 81 -24.42 1.84 4.55
CA GLU B 81 -24.39 1.93 6.00
C GLU B 81 -24.55 0.56 6.64
N ALA B 82 -23.42 -0.07 6.95
CA ALA B 82 -23.42 -1.39 7.56
C ALA B 82 -23.05 -1.32 9.04
N ALA B 83 -23.98 -0.85 9.86
CA ALA B 83 -23.75 -0.72 11.29
C ALA B 83 -23.41 -2.07 11.91
#